data_1A0C
#
_entry.id   1A0C
#
_cell.length_a   85.660
_cell.length_b   153.730
_cell.length_c   158.470
_cell.angle_alpha   90.00
_cell.angle_beta   90.00
_cell.angle_gamma   90.00
#
_symmetry.space_group_name_H-M   'P 21 21 21'
#
loop_
_entity.id
_entity.type
_entity.pdbx_description
1 polymer 'XYLOSE ISOMERASE'
2 non-polymer 'COBALT (II) ION'
3 water water
#
_entity_poly.entity_id   1
_entity_poly.type   'polypeptide(L)'
_entity_poly.pdbx_seq_one_letter_code
;NKYFENVSKIKYEGPKSNNPYSFKFYNPEEVIDGKTMEEHLRFSIAYWHTFTADGTDQFGKATMQRPWNHYTDPMDIAKA
RVEAAFEFFDKINAPYFCFHDRDIAPEGDTLRETNKNLDTIVAMIKDYLKTSKTKVLWGTANLFSNPRFVHGASTSCNAD
VFAYSAAQVKKALEITKELGGENYVFWGGREGYETLLNTDMEFELDNFARFLHMAVDYAKEIGFEGQFLIEPKPKEPTKH
QYDFDVANVLAFLRKYDLDKYFKVNIEANHATLAFHDFQHELRYARINGVLGSIDANTGDMLLGWDTDQFPTDIRMTTLA
MYEVIKMGGFDKGGLNFDAKVRRASFEPEDLFLGHIAGMDAFAKGFKVAYKLVKDRVFDKFIEERYASYKDGIGADIVSG
KADFRSLEKYALERSQIVNKSGRQELLESILNQYLFAE
;
_entity_poly.pdbx_strand_id   A,B,C,D
#
loop_
_chem_comp.id
_chem_comp.type
_chem_comp.name
_chem_comp.formula
CO non-polymer 'COBALT (II) ION' 'Co 2'
#
# COMPACT_ATOMS: atom_id res chain seq x y z
N ASN A 1 -24.32 -39.83 -4.57
CA ASN A 1 -23.39 -40.44 -3.64
C ASN A 1 -23.64 -39.91 -2.19
N LYS A 2 -22.70 -40.19 -1.30
CA LYS A 2 -22.83 -39.91 0.14
C LYS A 2 -22.74 -38.48 0.68
N TYR A 3 -21.78 -37.69 0.23
CA TYR A 3 -21.55 -36.39 0.84
C TYR A 3 -22.08 -35.18 0.09
N PHE A 4 -22.18 -35.30 -1.23
CA PHE A 4 -22.66 -34.22 -2.06
C PHE A 4 -23.77 -34.79 -2.94
N GLU A 5 -24.82 -35.32 -2.30
CA GLU A 5 -25.93 -35.97 -3.01
C GLU A 5 -26.65 -35.06 -3.99
N ASN A 6 -26.72 -33.77 -3.67
CA ASN A 6 -27.40 -32.81 -4.51
C ASN A 6 -26.62 -32.43 -5.76
N VAL A 7 -25.35 -32.79 -5.82
CA VAL A 7 -24.52 -32.45 -6.96
C VAL A 7 -24.10 -33.69 -7.75
N SER A 8 -24.39 -33.66 -9.05
CA SER A 8 -24.00 -34.70 -9.96
C SER A 8 -22.68 -34.29 -10.61
N LYS A 9 -22.05 -35.21 -11.32
CA LYS A 9 -20.78 -34.96 -11.99
C LYS A 9 -20.86 -33.74 -12.91
N ILE A 10 -19.90 -32.83 -12.78
CA ILE A 10 -19.88 -31.59 -13.56
C ILE A 10 -19.38 -31.82 -14.98
N LYS A 11 -20.15 -31.38 -15.96
CA LYS A 11 -19.79 -31.62 -17.36
C LYS A 11 -19.77 -30.32 -18.16
N TYR A 12 -19.05 -30.31 -19.25
CA TYR A 12 -18.97 -29.13 -20.10
C TYR A 12 -20.29 -28.89 -20.86
N GLU A 13 -20.80 -27.68 -20.80
CA GLU A 13 -22.04 -27.36 -21.50
C GLU A 13 -21.96 -26.14 -22.38
N GLY A 14 -20.81 -25.48 -22.44
CA GLY A 14 -20.67 -24.34 -23.31
C GLY A 14 -21.04 -23.01 -22.69
N PRO A 15 -20.62 -21.89 -23.31
CA PRO A 15 -20.87 -20.54 -22.80
C PRO A 15 -22.30 -20.06 -22.72
N LYS A 16 -23.22 -20.76 -23.37
CA LYS A 16 -24.63 -20.33 -23.34
C LYS A 16 -25.48 -21.13 -22.37
N SER A 17 -24.90 -22.05 -21.60
CA SER A 17 -25.64 -22.87 -20.66
C SER A 17 -26.09 -22.06 -19.44
N ASN A 18 -27.32 -22.32 -18.95
CA ASN A 18 -27.83 -21.64 -17.76
C ASN A 18 -27.60 -22.52 -16.53
N ASN A 19 -27.14 -23.75 -16.75
CA ASN A 19 -26.92 -24.68 -15.65
C ASN A 19 -25.72 -24.23 -14.82
N PRO A 20 -25.94 -23.82 -13.56
CA PRO A 20 -24.79 -23.40 -12.75
C PRO A 20 -23.78 -24.52 -12.46
N TYR A 21 -24.24 -25.77 -12.47
CA TYR A 21 -23.34 -26.90 -12.23
C TYR A 21 -22.80 -27.51 -13.51
N SER A 22 -22.07 -26.70 -14.27
CA SER A 22 -21.47 -27.16 -15.52
C SER A 22 -20.33 -26.22 -15.90
N PHE A 23 -19.39 -26.70 -16.72
CA PHE A 23 -18.30 -25.87 -17.20
C PHE A 23 -18.79 -25.09 -18.41
N LYS A 24 -18.49 -23.81 -18.44
CA LYS A 24 -18.87 -22.94 -19.55
C LYS A 24 -17.76 -22.77 -20.57
N PHE A 25 -16.52 -22.93 -20.12
CA PHE A 25 -15.38 -22.73 -21.00
C PHE A 25 -14.42 -23.91 -20.96
N TYR A 26 -14.37 -24.59 -19.83
CA TYR A 26 -13.45 -25.72 -19.68
C TYR A 26 -14.06 -27.00 -20.22
N ASN A 27 -13.52 -27.46 -21.34
CA ASN A 27 -13.91 -28.73 -21.90
C ASN A 27 -12.72 -29.65 -21.71
N PRO A 28 -12.76 -30.53 -20.69
CA PRO A 28 -11.65 -31.46 -20.39
C PRO A 28 -11.20 -32.21 -21.65
N GLU A 29 -12.17 -32.56 -22.49
CA GLU A 29 -11.96 -33.39 -23.66
C GLU A 29 -11.41 -32.68 -24.89
N GLU A 30 -11.50 -31.37 -24.93
CA GLU A 30 -11.04 -30.63 -26.10
C GLU A 30 -9.56 -30.85 -26.37
N VAL A 31 -9.21 -31.13 -27.61
CA VAL A 31 -7.81 -31.37 -27.97
C VAL A 31 -7.17 -30.16 -28.63
N ILE A 32 -6.02 -29.77 -28.10
CA ILE A 32 -5.24 -28.67 -28.67
C ILE A 32 -3.81 -29.17 -28.82
N ASP A 33 -3.32 -29.17 -30.05
CA ASP A 33 -1.97 -29.66 -30.39
C ASP A 33 -1.63 -31.03 -29.82
N GLY A 34 -2.52 -31.99 -30.01
CA GLY A 34 -2.23 -33.32 -29.55
C GLY A 34 -2.38 -33.61 -28.06
N LYS A 35 -2.82 -32.62 -27.28
CA LYS A 35 -3.10 -32.83 -25.87
C LYS A 35 -4.47 -32.31 -25.51
N THR A 36 -5.16 -33.02 -24.63
CA THR A 36 -6.46 -32.55 -24.16
C THR A 36 -6.27 -31.35 -23.24
N MET A 37 -7.32 -30.56 -23.13
CA MET A 37 -7.33 -29.40 -22.25
C MET A 37 -6.97 -29.82 -20.81
N GLU A 38 -7.45 -30.99 -20.42
CA GLU A 38 -7.17 -31.54 -19.11
C GLU A 38 -5.68 -31.77 -18.86
N GLU A 39 -4.95 -32.25 -19.87
CA GLU A 39 -3.52 -32.46 -19.66
C GLU A 39 -2.66 -31.20 -19.85
N HIS A 40 -3.18 -30.20 -20.55
CA HIS A 40 -2.49 -28.92 -20.64
C HIS A 40 -2.51 -28.20 -19.31
N LEU A 41 -3.67 -28.20 -18.66
CA LEU A 41 -3.90 -27.42 -17.45
C LEU A 41 -3.53 -28.07 -16.12
N ARG A 42 -3.66 -29.38 -16.03
CA ARG A 42 -3.33 -30.13 -14.82
C ARG A 42 -3.90 -29.51 -13.53
N PHE A 43 -5.21 -29.30 -13.51
CA PHE A 43 -5.90 -28.75 -12.35
C PHE A 43 -5.74 -29.60 -11.09
N SER A 44 -5.54 -28.94 -9.96
CA SER A 44 -5.36 -29.64 -8.70
C SER A 44 -6.24 -29.02 -7.61
N ILE A 45 -6.81 -29.87 -6.76
CA ILE A 45 -7.65 -29.43 -5.66
C ILE A 45 -6.78 -29.35 -4.39
N ALA A 46 -6.89 -28.25 -3.65
CA ALA A 46 -6.15 -28.07 -2.41
C ALA A 46 -6.93 -28.74 -1.28
N TYR A 47 -6.38 -29.76 -0.67
CA TYR A 47 -7.07 -30.51 0.37
C TYR A 47 -7.43 -29.65 1.59
N TRP A 48 -6.52 -28.75 1.97
CA TRP A 48 -6.71 -27.92 3.15
C TRP A 48 -7.91 -26.97 3.07
N HIS A 49 -7.98 -26.14 2.03
CA HIS A 49 -9.10 -25.22 1.90
C HIS A 49 -10.39 -25.95 1.61
N THR A 50 -10.33 -26.99 0.77
CA THR A 50 -11.53 -27.67 0.35
C THR A 50 -12.19 -28.57 1.41
N PHE A 51 -11.40 -29.29 2.20
CA PHE A 51 -12.00 -30.23 3.15
C PHE A 51 -11.77 -29.93 4.63
N THR A 52 -10.93 -28.96 4.96
CA THR A 52 -10.69 -28.64 6.37
C THR A 52 -11.05 -27.21 6.79
N ALA A 53 -11.04 -26.26 5.85
CA ALA A 53 -11.36 -24.87 6.18
C ALA A 53 -12.82 -24.78 6.58
N ASP A 54 -13.13 -23.95 7.59
CA ASP A 54 -14.50 -23.89 8.10
C ASP A 54 -15.11 -22.50 8.19
N GLY A 55 -14.51 -21.51 7.53
CA GLY A 55 -15.10 -20.19 7.51
C GLY A 55 -14.64 -19.31 8.64
N THR A 56 -13.89 -19.89 9.58
CA THR A 56 -13.35 -19.12 10.69
C THR A 56 -12.44 -18.02 10.16
N ASP A 57 -12.53 -16.83 10.73
CA ASP A 57 -11.57 -15.79 10.44
C ASP A 57 -11.14 -15.22 11.78
N GLN A 58 -10.28 -14.22 11.75
CA GLN A 58 -9.74 -13.65 12.95
C GLN A 58 -10.74 -12.89 13.82
N PHE A 59 -11.94 -12.65 13.30
CA PHE A 59 -12.96 -11.92 14.03
C PHE A 59 -14.23 -12.73 14.25
N GLY A 60 -14.21 -14.00 13.83
CA GLY A 60 -15.42 -14.78 13.97
C GLY A 60 -15.25 -16.27 13.83
N LYS A 61 -16.31 -16.99 14.16
CA LYS A 61 -16.31 -18.44 14.19
C LYS A 61 -16.74 -19.08 12.88
N ALA A 62 -16.71 -20.42 12.86
CA ALA A 62 -16.99 -21.20 11.66
C ALA A 62 -18.39 -20.98 11.11
N THR A 63 -18.48 -20.90 9.78
CA THR A 63 -19.76 -20.73 9.11
C THR A 63 -20.06 -21.90 8.19
N MET A 64 -19.04 -22.68 7.86
CA MET A 64 -19.16 -23.74 6.86
C MET A 64 -20.02 -24.93 7.27
N GLN A 65 -20.96 -25.26 6.41
CA GLN A 65 -21.84 -26.41 6.61
C GLN A 65 -21.22 -27.61 5.87
N ARG A 66 -20.77 -28.62 6.62
CA ARG A 66 -20.10 -29.79 6.04
C ARG A 66 -20.68 -31.11 6.56
N PRO A 67 -21.04 -32.03 5.67
CA PRO A 67 -21.64 -33.32 6.06
C PRO A 67 -20.85 -34.17 7.06
N TRP A 68 -19.54 -33.98 7.14
CA TRP A 68 -18.72 -34.75 8.07
C TRP A 68 -18.52 -34.02 9.40
N ASN A 69 -19.32 -32.97 9.60
CA ASN A 69 -19.26 -32.10 10.80
C ASN A 69 -19.75 -32.80 12.07
N HIS A 70 -20.55 -33.85 11.91
CA HIS A 70 -21.16 -34.50 13.06
C HIS A 70 -20.26 -35.44 13.86
N TYR A 71 -19.13 -35.86 13.30
CA TYR A 71 -18.24 -36.78 14.00
C TYR A 71 -17.51 -36.07 15.12
N THR A 72 -17.27 -36.79 16.21
CA THR A 72 -16.59 -36.20 17.34
C THR A 72 -15.13 -36.67 17.46
N ASP A 73 -14.90 -37.95 17.19
CA ASP A 73 -13.55 -38.52 17.20
C ASP A 73 -12.75 -38.01 16.01
N PRO A 74 -11.53 -37.49 16.26
CA PRO A 74 -10.66 -36.95 15.21
C PRO A 74 -10.38 -37.91 14.04
N MET A 75 -10.21 -39.20 14.34
CA MET A 75 -9.96 -40.18 13.28
C MET A 75 -11.18 -40.47 12.41
N ASP A 76 -12.37 -40.42 13.00
CA ASP A 76 -13.60 -40.59 12.23
C ASP A 76 -13.76 -39.45 11.23
N ILE A 77 -13.46 -38.24 11.68
CA ILE A 77 -13.50 -37.05 10.82
C ILE A 77 -12.49 -37.17 9.66
N ALA A 78 -11.27 -37.62 9.98
CA ALA A 78 -10.21 -37.79 8.97
C ALA A 78 -10.60 -38.82 7.89
N LYS A 79 -11.24 -39.90 8.30
CA LYS A 79 -11.69 -40.93 7.36
C LYS A 79 -12.85 -40.44 6.51
N ALA A 80 -13.77 -39.72 7.12
CA ALA A 80 -14.91 -39.18 6.41
C ALA A 80 -14.46 -38.17 5.33
N ARG A 81 -13.42 -37.39 5.65
CA ARG A 81 -12.88 -36.43 4.68
C ARG A 81 -12.28 -37.10 3.46
N VAL A 82 -11.58 -38.22 3.65
CA VAL A 82 -10.99 -38.95 2.53
C VAL A 82 -12.11 -39.42 1.59
N GLU A 83 -13.17 -39.98 2.16
CA GLU A 83 -14.33 -40.41 1.38
C GLU A 83 -14.91 -39.23 0.60
N ALA A 84 -15.21 -38.16 1.32
CA ALA A 84 -15.77 -36.96 0.71
C ALA A 84 -14.84 -36.39 -0.36
N ALA A 85 -13.53 -36.43 -0.10
CA ALA A 85 -12.54 -35.87 -1.02
C ALA A 85 -12.59 -36.60 -2.36
N PHE A 86 -12.63 -37.93 -2.31
CA PHE A 86 -12.65 -38.71 -3.54
C PHE A 86 -13.97 -38.64 -4.27
N GLU A 87 -15.06 -38.43 -3.54
CA GLU A 87 -16.35 -38.20 -4.18
C GLU A 87 -16.26 -36.88 -4.92
N PHE A 88 -15.68 -35.89 -4.25
CA PHE A 88 -15.52 -34.55 -4.82
C PHE A 88 -14.62 -34.57 -6.06
N PHE A 89 -13.46 -35.23 -5.97
CA PHE A 89 -12.52 -35.33 -7.09
C PHE A 89 -13.23 -35.87 -8.33
N ASP A 90 -14.05 -36.88 -8.12
CA ASP A 90 -14.77 -37.52 -9.20
C ASP A 90 -15.79 -36.58 -9.84
N LYS A 91 -16.57 -35.88 -9.02
CA LYS A 91 -17.59 -34.97 -9.52
C LYS A 91 -17.05 -33.71 -10.16
N ILE A 92 -15.97 -33.13 -9.61
CA ILE A 92 -15.38 -31.92 -10.21
C ILE A 92 -14.47 -32.30 -11.38
N ASN A 93 -14.15 -33.59 -11.47
CA ASN A 93 -13.34 -34.11 -12.56
C ASN A 93 -11.90 -33.61 -12.50
N ALA A 94 -11.31 -33.65 -11.31
CA ALA A 94 -9.97 -33.14 -11.11
C ALA A 94 -8.90 -34.21 -11.31
N PRO A 95 -7.88 -33.91 -12.14
CA PRO A 95 -6.82 -34.89 -12.34
C PRO A 95 -5.83 -35.00 -11.17
N TYR A 96 -5.75 -33.94 -10.35
CA TYR A 96 -4.78 -33.89 -9.26
C TYR A 96 -5.31 -33.29 -7.97
N PHE A 97 -4.60 -33.55 -6.88
CA PHE A 97 -4.84 -32.88 -5.62
C PHE A 97 -3.53 -32.72 -4.84
N CYS A 98 -3.49 -31.74 -3.94
CA CYS A 98 -2.32 -31.47 -3.11
C CYS A 98 -2.76 -31.49 -1.66
N PHE A 99 -1.84 -31.77 -0.75
CA PHE A 99 -2.17 -31.84 0.68
C PHE A 99 -0.97 -31.53 1.56
N HIS A 100 -1.25 -31.18 2.80
CA HIS A 100 -0.24 -31.04 3.84
C HIS A 100 -0.40 -32.33 4.62
N ASP A 101 0.69 -32.84 5.18
CA ASP A 101 0.59 -34.00 6.04
C ASP A 101 -0.47 -33.79 7.15
N ARG A 102 -0.52 -32.59 7.71
CA ARG A 102 -1.43 -32.31 8.82
C ARG A 102 -2.87 -32.03 8.40
N ASP A 103 -3.14 -31.97 7.10
CA ASP A 103 -4.51 -31.81 6.59
C ASP A 103 -5.25 -33.14 6.69
N ILE A 104 -4.53 -34.24 6.46
CA ILE A 104 -5.16 -35.56 6.29
C ILE A 104 -5.34 -36.41 7.53
N ALA A 105 -4.61 -36.11 8.60
CA ALA A 105 -4.72 -36.88 9.83
C ALA A 105 -4.40 -36.01 11.05
N PRO A 106 -5.01 -36.31 12.19
CA PRO A 106 -4.77 -35.51 13.39
C PRO A 106 -3.48 -35.91 14.13
N GLU A 107 -2.84 -34.93 14.76
CA GLU A 107 -1.66 -35.18 15.59
C GLU A 107 -2.05 -35.92 16.86
N GLY A 108 -1.10 -36.69 17.39
CA GLY A 108 -1.30 -37.33 18.67
C GLY A 108 -0.49 -36.61 19.73
N ASP A 109 -0.35 -37.23 20.90
CA ASP A 109 0.38 -36.64 22.00
C ASP A 109 1.89 -36.73 21.83
N THR A 110 2.34 -37.62 20.94
CA THR A 110 3.77 -37.76 20.66
C THR A 110 3.93 -37.83 19.14
N LEU A 111 5.16 -37.70 18.64
CA LEU A 111 5.41 -37.86 17.22
C LEU A 111 5.07 -39.29 16.74
N ARG A 112 5.39 -40.30 17.55
CA ARG A 112 5.06 -41.70 17.22
C ARG A 112 3.56 -41.87 16.97
N GLU A 113 2.73 -41.33 17.87
CA GLU A 113 1.28 -41.42 17.71
C GLU A 113 0.84 -40.68 16.46
N THR A 114 1.36 -39.47 16.27
CA THR A 114 1.08 -38.69 15.08
C THR A 114 1.39 -39.49 13.81
N ASN A 115 2.56 -40.12 13.78
CA ASN A 115 2.96 -40.93 12.63
C ASN A 115 2.11 -42.17 12.42
N LYS A 116 1.61 -42.78 13.50
CA LYS A 116 0.72 -43.94 13.37
C LYS A 116 -0.61 -43.51 12.76
N ASN A 117 -1.15 -42.36 13.18
CA ASN A 117 -2.40 -41.84 12.62
C ASN A 117 -2.24 -41.56 11.14
N LEU A 118 -1.09 -40.97 10.81
CA LEU A 118 -0.79 -40.63 9.43
C LEU A 118 -0.71 -41.91 8.58
N ASP A 119 -0.09 -42.96 9.10
CA ASP A 119 0.00 -44.23 8.36
C ASP A 119 -1.36 -44.84 8.05
N THR A 120 -2.26 -44.78 9.03
CA THR A 120 -3.62 -45.27 8.88
C THR A 120 -4.32 -44.58 7.70
N ILE A 121 -4.29 -43.24 7.69
CA ILE A 121 -4.94 -42.47 6.64
C ILE A 121 -4.24 -42.63 5.29
N VAL A 122 -2.92 -42.64 5.29
CA VAL A 122 -2.16 -42.83 4.04
C VAL A 122 -2.54 -44.18 3.39
N ALA A 123 -2.67 -45.22 4.21
CA ALA A 123 -3.05 -46.54 3.73
C ALA A 123 -4.42 -46.47 3.05
N MET A 124 -5.34 -45.74 3.67
CA MET A 124 -6.67 -45.55 3.13
C MET A 124 -6.67 -44.77 1.81
N ILE A 125 -5.93 -43.67 1.76
CA ILE A 125 -5.85 -42.87 0.53
C ILE A 125 -5.27 -43.73 -0.60
N LYS A 126 -4.30 -44.58 -0.27
CA LYS A 126 -3.72 -45.49 -1.24
C LYS A 126 -4.71 -46.46 -1.90
N ASP A 127 -5.67 -46.97 -1.13
CA ASP A 127 -6.72 -47.80 -1.71
C ASP A 127 -7.55 -47.01 -2.69
N TYR A 128 -7.98 -45.82 -2.30
CA TYR A 128 -8.77 -44.97 -3.18
C TYR A 128 -8.01 -44.59 -4.44
N LEU A 129 -6.72 -44.38 -4.31
CA LEU A 129 -5.88 -44.01 -5.44
C LEU A 129 -5.85 -45.11 -6.51
N LYS A 130 -6.03 -46.36 -6.09
CA LYS A 130 -6.04 -47.51 -7.01
C LYS A 130 -7.23 -47.53 -7.95
N THR A 131 -8.30 -46.85 -7.57
CA THR A 131 -9.51 -46.86 -8.39
C THR A 131 -9.96 -45.47 -8.82
N SER A 132 -9.20 -44.45 -8.45
CA SER A 132 -9.52 -43.08 -8.80
C SER A 132 -8.65 -42.66 -9.97
N LYS A 133 -9.11 -41.70 -10.77
CA LYS A 133 -8.28 -41.18 -11.84
C LYS A 133 -7.41 -40.03 -11.33
N THR A 134 -7.76 -39.50 -10.15
CA THR A 134 -7.04 -38.39 -9.55
C THR A 134 -5.73 -38.87 -8.92
N LYS A 135 -4.65 -38.11 -9.13
CA LYS A 135 -3.35 -38.43 -8.56
C LYS A 135 -2.86 -37.29 -7.66
N VAL A 136 -1.78 -37.53 -6.92
CA VAL A 136 -1.19 -36.51 -6.06
C VAL A 136 -0.21 -35.65 -6.86
N LEU A 137 -0.45 -34.33 -6.91
CA LEU A 137 0.46 -33.43 -7.62
C LEU A 137 1.67 -33.16 -6.72
N TRP A 138 1.42 -32.65 -5.52
CA TRP A 138 2.49 -32.49 -4.55
C TRP A 138 2.03 -32.61 -3.11
N GLY A 139 2.97 -32.99 -2.24
CA GLY A 139 2.70 -33.07 -0.82
C GLY A 139 3.56 -32.02 -0.14
N THR A 140 3.31 -31.77 1.14
CA THR A 140 4.08 -30.79 1.87
C THR A 140 3.86 -31.01 3.36
N ALA A 141 4.70 -30.40 4.17
CA ALA A 141 4.59 -30.51 5.61
C ALA A 141 4.08 -29.19 6.18
N ASN A 142 3.12 -29.28 7.11
CA ASN A 142 2.64 -28.09 7.79
C ASN A 142 3.60 -27.78 8.95
N LEU A 143 4.50 -26.83 8.73
CA LEU A 143 5.46 -26.45 9.77
C LEU A 143 5.12 -25.06 10.35
N PHE A 144 3.84 -24.76 10.48
CA PHE A 144 3.43 -23.43 10.96
C PHE A 144 2.24 -23.37 11.92
N SER A 145 1.36 -24.38 11.91
CA SER A 145 0.16 -24.34 12.76
C SER A 145 0.38 -24.68 14.22
N ASN A 146 1.14 -25.73 14.49
CA ASN A 146 1.34 -26.16 15.86
C ASN A 146 2.10 -25.12 16.66
N PRO A 147 1.70 -24.89 17.93
CA PRO A 147 2.35 -23.91 18.81
C PRO A 147 3.88 -24.00 18.88
N ARG A 148 4.43 -25.20 18.71
CA ARG A 148 5.88 -25.36 18.80
C ARG A 148 6.62 -24.50 17.78
N PHE A 149 5.95 -24.16 16.69
CA PHE A 149 6.57 -23.35 15.63
C PHE A 149 6.48 -21.83 15.83
N VAL A 150 6.14 -21.37 17.04
CA VAL A 150 6.06 -19.93 17.32
C VAL A 150 7.25 -19.13 16.81
N HIS A 151 8.46 -19.61 17.07
CA HIS A 151 9.68 -18.88 16.71
C HIS A 151 10.27 -19.30 15.36
N GLY A 152 9.53 -20.16 14.65
CA GLY A 152 9.99 -20.68 13.38
C GLY A 152 10.11 -22.19 13.43
N ALA A 153 10.44 -22.80 12.30
CA ALA A 153 10.66 -24.24 12.25
C ALA A 153 12.19 -24.43 12.22
N SER A 154 12.80 -24.43 11.04
CA SER A 154 14.25 -24.55 10.96
C SER A 154 14.93 -23.26 11.44
N THR A 155 14.18 -22.16 11.43
CA THR A 155 14.72 -20.88 11.90
C THR A 155 14.36 -20.63 13.37
N SER A 156 13.85 -21.65 14.05
CA SER A 156 13.55 -21.53 15.47
C SER A 156 14.83 -21.36 16.29
N CYS A 157 14.73 -20.59 17.37
CA CYS A 157 15.85 -20.38 18.27
C CYS A 157 15.96 -21.60 19.18
N ASN A 158 14.99 -22.51 19.07
CA ASN A 158 14.98 -23.72 19.88
C ASN A 158 15.37 -24.94 19.04
N ALA A 159 16.56 -25.46 19.29
CA ALA A 159 17.10 -26.63 18.59
C ALA A 159 16.16 -27.84 18.57
N ASP A 160 15.37 -28.04 19.62
CA ASP A 160 14.39 -29.13 19.65
C ASP A 160 13.34 -29.01 18.54
N VAL A 161 13.00 -27.78 18.19
CA VAL A 161 12.01 -27.53 17.15
C VAL A 161 12.66 -27.82 15.80
N PHE A 162 13.94 -27.50 15.66
CA PHE A 162 14.64 -27.84 14.43
C PHE A 162 14.60 -29.37 14.26
N ALA A 163 14.90 -30.10 15.34
CA ALA A 163 14.93 -31.56 15.31
C ALA A 163 13.56 -32.13 14.94
N TYR A 164 12.51 -31.58 15.54
CA TYR A 164 11.15 -32.01 15.25
C TYR A 164 10.82 -31.73 13.79
N SER A 165 11.15 -30.53 13.31
CA SER A 165 10.89 -30.15 11.94
C SER A 165 11.52 -31.12 10.94
N ALA A 166 12.76 -31.52 11.23
CA ALA A 166 13.47 -32.49 10.39
C ALA A 166 12.72 -33.83 10.37
N ALA A 167 12.27 -34.28 11.55
CA ALA A 167 11.53 -35.52 11.67
C ALA A 167 10.21 -35.48 10.87
N GLN A 168 9.49 -34.36 10.97
CA GLN A 168 8.22 -34.22 10.27
C GLN A 168 8.39 -34.24 8.75
N VAL A 169 9.38 -33.47 8.25
CA VAL A 169 9.65 -33.41 6.82
C VAL A 169 10.13 -34.77 6.29
N LYS A 170 10.92 -35.48 7.09
CA LYS A 170 11.37 -36.83 6.71
C LYS A 170 10.15 -37.72 6.45
N LYS A 171 9.22 -37.72 7.41
CA LYS A 171 7.99 -38.48 7.28
C LYS A 171 7.17 -38.03 6.06
N ALA A 172 7.07 -36.71 5.86
CA ALA A 172 6.28 -36.14 4.77
C ALA A 172 6.85 -36.49 3.40
N LEU A 173 8.17 -36.54 3.28
CA LEU A 173 8.82 -36.93 2.04
C LEU A 173 8.50 -38.39 1.77
N GLU A 174 8.55 -39.20 2.82
CA GLU A 174 8.24 -40.63 2.70
C GLU A 174 6.81 -40.88 2.21
N ILE A 175 5.83 -40.21 2.81
CA ILE A 175 4.45 -40.44 2.36
C ILE A 175 4.16 -39.83 1.00
N THR A 176 4.84 -38.74 0.65
CA THR A 176 4.66 -38.15 -0.68
C THR A 176 5.18 -39.11 -1.75
N LYS A 177 6.34 -39.72 -1.47
CA LYS A 177 6.91 -40.69 -2.37
C LYS A 177 5.96 -41.88 -2.52
N GLU A 178 5.45 -42.34 -1.39
CA GLU A 178 4.56 -43.48 -1.40
C GLU A 178 3.24 -43.25 -2.13
N LEU A 179 2.71 -42.03 -2.07
CA LEU A 179 1.48 -41.72 -2.77
C LEU A 179 1.73 -41.30 -4.21
N GLY A 180 3.01 -41.30 -4.61
CA GLY A 180 3.35 -40.97 -5.98
C GLY A 180 3.31 -39.49 -6.32
N GLY A 181 3.56 -38.63 -5.35
CA GLY A 181 3.57 -37.20 -5.62
C GLY A 181 4.67 -36.82 -6.60
N GLU A 182 4.37 -35.90 -7.51
CA GLU A 182 5.33 -35.46 -8.51
C GLU A 182 6.22 -34.27 -8.09
N ASN A 183 5.85 -33.60 -7.00
CA ASN A 183 6.64 -32.50 -6.47
C ASN A 183 6.53 -32.56 -4.97
N TYR A 184 7.32 -31.73 -4.31
CA TYR A 184 7.24 -31.57 -2.86
C TYR A 184 7.49 -30.09 -2.62
N VAL A 185 6.61 -29.47 -1.84
CA VAL A 185 6.65 -28.02 -1.62
C VAL A 185 7.12 -27.62 -0.21
N PHE A 186 7.84 -26.50 -0.15
CA PHE A 186 8.24 -25.90 1.12
C PHE A 186 7.66 -24.49 1.19
N TRP A 187 6.70 -24.26 2.08
CA TRP A 187 6.22 -22.91 2.33
C TRP A 187 6.64 -22.52 3.74
N GLY A 188 7.58 -21.59 3.85
CA GLY A 188 8.09 -21.18 5.16
C GLY A 188 7.22 -20.21 5.95
N GLY A 189 6.02 -20.64 6.33
CA GLY A 189 5.09 -19.77 7.04
C GLY A 189 5.64 -19.05 8.26
N ARG A 190 6.42 -19.77 9.07
CA ARG A 190 7.02 -19.17 10.26
C ARG A 190 8.50 -18.93 10.05
N GLU A 191 9.00 -19.11 8.83
CA GLU A 191 10.42 -18.88 8.57
C GLU A 191 10.64 -17.42 8.17
N GLY A 192 10.75 -16.58 9.19
CA GLY A 192 10.96 -15.15 9.02
C GLY A 192 11.09 -14.58 10.42
N TYR A 193 10.82 -13.30 10.62
CA TYR A 193 10.89 -12.72 11.95
C TYR A 193 9.74 -11.78 12.22
N GLU A 194 9.56 -11.44 13.49
CA GLU A 194 8.54 -10.48 13.89
C GLU A 194 9.21 -9.17 14.30
N THR A 195 10.40 -9.26 14.90
CA THR A 195 11.19 -8.08 15.25
C THR A 195 12.66 -8.37 15.08
N LEU A 196 13.40 -7.40 14.53
CA LEU A 196 14.83 -7.53 14.37
C LEU A 196 15.58 -7.44 15.70
N LEU A 197 14.94 -6.87 16.72
CA LEU A 197 15.60 -6.69 18.01
C LEU A 197 16.07 -7.98 18.68
N ASN A 198 15.38 -9.09 18.42
CA ASN A 198 15.72 -10.36 19.04
C ASN A 198 16.16 -11.44 18.03
N THR A 199 16.50 -11.01 16.81
CA THR A 199 16.78 -11.95 15.74
C THR A 199 18.22 -11.99 15.28
N ASP A 200 18.79 -13.17 15.20
CA ASP A 200 20.11 -13.33 14.62
C ASP A 200 19.80 -13.79 13.19
N MET A 201 19.74 -12.83 12.28
CA MET A 201 19.36 -13.13 10.89
C MET A 201 20.31 -14.10 10.17
N GLU A 202 21.62 -13.91 10.33
CA GLU A 202 22.59 -14.79 9.66
C GLU A 202 22.46 -16.20 10.19
N PHE A 203 22.32 -16.35 11.51
CA PHE A 203 22.22 -17.68 12.07
C PHE A 203 20.98 -18.41 11.56
N GLU A 204 19.84 -17.72 11.54
CA GLU A 204 18.60 -18.32 11.08
C GLU A 204 18.67 -18.71 9.61
N LEU A 205 19.26 -17.86 8.77
CA LEU A 205 19.40 -18.17 7.34
C LEU A 205 20.37 -19.36 7.12
N ASP A 206 21.44 -19.44 7.93
CA ASP A 206 22.35 -20.58 7.88
C ASP A 206 21.60 -21.87 8.21
N ASN A 207 20.82 -21.86 9.28
CA ASN A 207 20.06 -23.02 9.69
C ASN A 207 19.00 -23.43 8.66
N PHE A 208 18.39 -22.44 8.04
CA PHE A 208 17.37 -22.67 7.02
C PHE A 208 18.03 -23.44 5.87
N ALA A 209 19.22 -23.00 5.48
CA ALA A 209 19.98 -23.66 4.42
C ALA A 209 20.42 -25.08 4.82
N ARG A 210 20.85 -25.26 6.07
CA ARG A 210 21.21 -26.59 6.56
C ARG A 210 20.03 -27.54 6.44
N PHE A 211 18.86 -27.07 6.86
CA PHE A 211 17.64 -27.85 6.85
C PHE A 211 17.29 -28.31 5.43
N LEU A 212 17.28 -27.35 4.49
CA LEU A 212 16.95 -27.61 3.10
C LEU A 212 17.97 -28.59 2.50
N HIS A 213 19.23 -28.44 2.91
CA HIS A 213 20.27 -29.33 2.44
C HIS A 213 20.06 -30.77 2.93
N MET A 214 19.68 -30.92 4.20
CA MET A 214 19.38 -32.23 4.77
C MET A 214 18.19 -32.87 4.05
N ALA A 215 17.25 -32.04 3.61
CA ALA A 215 16.08 -32.53 2.91
C ALA A 215 16.44 -33.08 1.52
N VAL A 216 17.33 -32.41 0.78
CA VAL A 216 17.70 -32.95 -0.52
C VAL A 216 18.55 -34.22 -0.36
N ASP A 217 19.41 -34.25 0.65
CA ASP A 217 20.19 -35.47 0.93
C ASP A 217 19.26 -36.65 1.19
N TYR A 218 18.25 -36.44 2.02
CA TYR A 218 17.33 -37.52 2.34
C TYR A 218 16.49 -37.96 1.14
N ALA A 219 16.06 -37.01 0.31
CA ALA A 219 15.29 -37.35 -0.89
C ALA A 219 16.10 -38.27 -1.81
N LYS A 220 17.38 -37.96 -2.01
CA LYS A 220 18.26 -38.79 -2.84
C LYS A 220 18.34 -40.18 -2.26
N GLU A 221 18.51 -40.22 -0.95
CA GLU A 221 18.68 -41.46 -0.23
C GLU A 221 17.52 -42.44 -0.43
N ILE A 222 16.29 -41.93 -0.36
CA ILE A 222 15.14 -42.78 -0.55
C ILE A 222 14.69 -42.81 -2.00
N GLY A 223 15.45 -42.17 -2.88
CA GLY A 223 15.11 -42.16 -4.28
C GLY A 223 13.80 -41.47 -4.64
N PHE A 224 13.47 -40.37 -3.94
CA PHE A 224 12.29 -39.59 -4.28
C PHE A 224 12.65 -38.73 -5.48
N GLU A 225 11.92 -38.86 -6.57
CA GLU A 225 12.28 -38.15 -7.79
C GLU A 225 11.42 -36.90 -8.12
N GLY A 226 10.49 -36.52 -7.23
CA GLY A 226 9.67 -35.36 -7.50
C GLY A 226 10.46 -34.06 -7.38
N GLN A 227 10.00 -33.01 -8.05
CA GLN A 227 10.65 -31.71 -8.01
C GLN A 227 10.45 -31.00 -6.67
N PHE A 228 11.53 -30.52 -6.07
CA PHE A 228 11.46 -29.70 -4.84
C PHE A 228 11.08 -28.28 -5.25
N LEU A 229 10.14 -27.69 -4.51
CA LEU A 229 9.65 -26.34 -4.80
C LEU A 229 9.61 -25.49 -3.54
N ILE A 230 10.08 -24.25 -3.64
CA ILE A 230 9.94 -23.28 -2.56
C ILE A 230 8.77 -22.37 -2.96
N GLU A 231 7.91 -22.05 -2.00
CA GLU A 231 6.79 -21.15 -2.29
C GLU A 231 6.97 -19.79 -1.60
N PRO A 232 7.25 -18.74 -2.38
CA PRO A 232 7.47 -17.38 -1.86
C PRO A 232 6.19 -16.72 -1.30
N LYS A 233 6.39 -15.92 -0.26
CA LYS A 233 5.37 -15.05 0.31
C LYS A 233 6.17 -13.99 1.08
N PRO A 234 5.83 -12.70 0.95
CA PRO A 234 6.58 -11.63 1.61
C PRO A 234 6.38 -11.49 3.13
N LYS A 235 5.25 -11.97 3.63
CA LYS A 235 4.88 -11.77 5.03
C LYS A 235 3.59 -12.49 5.33
N GLU A 236 3.13 -12.35 6.58
CA GLU A 236 1.89 -12.96 7.08
C GLU A 236 1.97 -14.49 7.15
N PRO A 237 2.00 -15.06 8.38
CA PRO A 237 1.92 -14.37 9.67
C PRO A 237 3.13 -13.55 10.14
N THR A 238 4.29 -13.74 9.53
CA THR A 238 5.49 -13.01 9.96
C THR A 238 5.46 -11.57 9.45
N LYS A 239 6.32 -10.74 10.03
CA LYS A 239 6.45 -9.35 9.58
C LYS A 239 7.30 -9.33 8.31
N HIS A 240 8.27 -10.23 8.26
CA HIS A 240 9.08 -10.44 7.06
C HIS A 240 9.32 -11.95 6.91
N GLN A 241 8.90 -12.51 5.79
CA GLN A 241 9.14 -13.93 5.52
C GLN A 241 10.40 -13.99 4.64
N TYR A 242 11.34 -14.88 4.99
CA TYR A 242 12.61 -14.94 4.29
C TYR A 242 12.49 -15.18 2.77
N ASP A 243 11.57 -16.05 2.37
CA ASP A 243 11.30 -16.33 0.96
C ASP A 243 10.39 -15.24 0.39
N PHE A 244 10.84 -14.00 0.49
CA PHE A 244 10.04 -12.82 0.17
C PHE A 244 9.37 -12.84 -1.20
N ASP A 245 10.13 -13.19 -2.22
CA ASP A 245 9.66 -13.26 -3.60
C ASP A 245 10.63 -14.15 -4.38
N VAL A 246 10.41 -14.34 -5.68
CA VAL A 246 11.27 -15.24 -6.46
C VAL A 246 12.74 -14.82 -6.40
N ALA A 247 13.03 -13.53 -6.58
CA ALA A 247 14.41 -13.04 -6.53
C ALA A 247 15.09 -13.29 -5.19
N ASN A 248 14.39 -13.03 -4.09
CA ASN A 248 14.91 -13.31 -2.76
C ASN A 248 15.29 -14.78 -2.65
N VAL A 249 14.42 -15.67 -3.11
CA VAL A 249 14.67 -17.10 -3.04
C VAL A 249 15.92 -17.47 -3.86
N LEU A 250 16.03 -16.95 -5.07
CA LEU A 250 17.19 -17.20 -5.90
C LEU A 250 18.50 -16.71 -5.28
N ALA A 251 18.46 -15.53 -4.63
CA ALA A 251 19.63 -14.97 -3.95
C ALA A 251 20.09 -15.95 -2.86
N PHE A 252 19.11 -16.49 -2.14
CA PHE A 252 19.36 -17.45 -1.08
C PHE A 252 19.91 -18.78 -1.61
N LEU A 253 19.22 -19.38 -2.57
CA LEU A 253 19.63 -20.66 -3.14
C LEU A 253 21.03 -20.59 -3.75
N ARG A 254 21.34 -19.50 -4.44
CA ARG A 254 22.65 -19.35 -5.06
C ARG A 254 23.76 -19.21 -4.03
N LYS A 255 23.50 -18.44 -2.97
CA LYS A 255 24.50 -18.26 -1.92
C LYS A 255 24.83 -19.58 -1.23
N TYR A 256 23.83 -20.38 -0.90
CA TYR A 256 24.07 -21.62 -0.19
C TYR A 256 24.20 -22.83 -1.10
N ASP A 257 24.37 -22.59 -2.39
CA ASP A 257 24.61 -23.65 -3.33
C ASP A 257 23.49 -24.72 -3.35
N LEU A 258 22.24 -24.24 -3.33
CA LEU A 258 21.06 -25.12 -3.33
C LEU A 258 20.27 -24.94 -4.62
N ASP A 259 20.67 -23.96 -5.43
CA ASP A 259 19.94 -23.62 -6.64
C ASP A 259 19.75 -24.72 -7.69
N LYS A 260 20.54 -25.79 -7.67
CA LYS A 260 20.33 -26.82 -8.67
C LYS A 260 19.25 -27.82 -8.29
N TYR A 261 18.71 -27.71 -7.07
CA TYR A 261 17.72 -28.65 -6.59
C TYR A 261 16.31 -28.09 -6.53
N PHE A 262 16.18 -26.76 -6.48
CA PHE A 262 14.87 -26.14 -6.29
C PHE A 262 14.33 -25.32 -7.45
N LYS A 263 13.01 -25.38 -7.60
CA LYS A 263 12.28 -24.46 -8.46
C LYS A 263 11.24 -23.80 -7.54
N VAL A 264 10.43 -22.90 -8.08
CA VAL A 264 9.46 -22.21 -7.27
C VAL A 264 8.01 -22.53 -7.61
N ASN A 265 7.17 -22.49 -6.58
CA ASN A 265 5.73 -22.62 -6.72
C ASN A 265 5.23 -21.19 -6.52
N ILE A 266 4.74 -20.55 -7.57
CA ILE A 266 4.32 -19.16 -7.48
C ILE A 266 2.81 -19.08 -7.26
N GLU A 267 2.41 -18.32 -6.24
CA GLU A 267 1.00 -18.10 -5.96
C GLU A 267 0.64 -16.66 -6.30
N ALA A 268 -0.42 -16.46 -7.06
CA ALA A 268 -0.82 -15.12 -7.50
C ALA A 268 -0.96 -14.12 -6.33
N ASN A 269 -1.71 -14.51 -5.29
CA ASN A 269 -1.94 -13.63 -4.16
C ASN A 269 -0.62 -13.27 -3.44
N HIS A 270 0.32 -14.21 -3.41
CA HIS A 270 1.59 -13.97 -2.74
C HIS A 270 2.49 -13.03 -3.55
N ALA A 271 2.37 -13.08 -4.87
CA ALA A 271 3.14 -12.20 -5.75
C ALA A 271 2.66 -10.76 -5.56
N THR A 272 1.35 -10.53 -5.60
CA THR A 272 0.82 -9.17 -5.49
C THR A 272 1.01 -8.58 -4.09
N LEU A 273 1.05 -9.46 -3.08
CA LEU A 273 1.33 -9.04 -1.71
C LEU A 273 2.75 -8.47 -1.59
N ALA A 274 3.66 -8.91 -2.46
CA ALA A 274 5.03 -8.39 -2.52
C ALA A 274 5.12 -7.23 -3.51
N PHE A 275 3.98 -6.82 -4.06
CA PHE A 275 3.92 -5.72 -5.04
C PHE A 275 4.59 -6.04 -6.38
N HIS A 276 4.38 -7.27 -6.84
CA HIS A 276 4.79 -7.69 -8.18
C HIS A 276 3.49 -8.16 -8.83
N ASP A 277 3.33 -7.92 -10.11
CA ASP A 277 2.22 -8.54 -10.82
C ASP A 277 2.49 -10.04 -10.87
N PHE A 278 1.43 -10.85 -10.83
CA PHE A 278 1.54 -12.29 -10.95
C PHE A 278 2.40 -12.63 -12.17
N GLN A 279 2.13 -11.98 -13.29
CA GLN A 279 2.86 -12.22 -14.54
C GLN A 279 4.36 -11.90 -14.41
N HIS A 280 4.70 -10.86 -13.65
CA HIS A 280 6.11 -10.49 -13.49
C HIS A 280 6.86 -11.65 -12.85
N GLU A 281 6.28 -12.17 -11.78
CA GLU A 281 6.86 -13.23 -10.99
C GLU A 281 6.97 -14.53 -11.81
N LEU A 282 5.97 -14.78 -12.66
CA LEU A 282 5.98 -15.93 -13.57
C LEU A 282 7.09 -15.77 -14.61
N ARG A 283 7.17 -14.58 -15.20
CA ARG A 283 8.19 -14.31 -16.21
C ARG A 283 9.60 -14.42 -15.65
N TYR A 284 9.83 -13.79 -14.50
CA TYR A 284 11.14 -13.80 -13.87
C TYR A 284 11.59 -15.23 -13.54
N ALA A 285 10.66 -16.05 -13.04
CA ALA A 285 10.96 -17.45 -12.74
C ALA A 285 11.30 -18.21 -14.03
N ARG A 286 10.52 -17.97 -15.08
CA ARG A 286 10.72 -18.60 -16.40
C ARG A 286 12.13 -18.37 -16.95
N ILE A 287 12.52 -17.11 -17.13
CA ILE A 287 13.83 -16.82 -17.67
C ILE A 287 14.97 -17.33 -16.77
N ASN A 288 14.67 -17.66 -15.52
CA ASN A 288 15.68 -18.21 -14.62
C ASN A 288 15.56 -19.73 -14.52
N GLY A 289 14.69 -20.31 -15.33
CA GLY A 289 14.52 -21.74 -15.33
C GLY A 289 13.92 -22.32 -14.06
N VAL A 290 13.20 -21.52 -13.28
CA VAL A 290 12.64 -22.01 -12.03
C VAL A 290 11.11 -21.93 -11.88
N LEU A 291 10.40 -21.70 -12.99
CA LEU A 291 8.94 -21.76 -12.92
C LEU A 291 8.52 -23.21 -12.80
N GLY A 292 8.26 -23.66 -11.58
CA GLY A 292 7.96 -25.07 -11.36
C GLY A 292 6.50 -25.46 -11.37
N SER A 293 5.69 -24.70 -10.64
CA SER A 293 4.26 -24.98 -10.52
C SER A 293 3.57 -23.68 -10.13
N ILE A 294 2.24 -23.68 -10.16
CA ILE A 294 1.45 -22.48 -9.87
C ILE A 294 0.31 -22.78 -8.90
N ASP A 295 0.12 -21.87 -7.94
CA ASP A 295 -1.06 -21.90 -7.08
C ASP A 295 -2.02 -20.88 -7.70
N ALA A 296 -3.05 -21.40 -8.35
CA ALA A 296 -4.01 -20.59 -9.08
C ALA A 296 -5.05 -19.94 -8.17
N ASN A 297 -4.91 -18.65 -7.95
CA ASN A 297 -5.88 -17.89 -7.18
C ASN A 297 -5.74 -16.41 -7.47
N THR A 298 -6.41 -15.60 -6.68
CA THR A 298 -6.21 -14.18 -6.77
C THR A 298 -6.38 -13.57 -5.39
N GLY A 299 -5.69 -12.47 -5.17
CA GLY A 299 -5.93 -11.67 -3.99
C GLY A 299 -6.72 -10.45 -4.44
N ASP A 300 -6.87 -9.49 -3.54
CA ASP A 300 -7.50 -8.23 -3.86
C ASP A 300 -6.37 -7.22 -3.62
N MET A 301 -6.00 -6.49 -4.66
CA MET A 301 -4.91 -5.54 -4.55
C MET A 301 -5.13 -4.35 -3.62
N LEU A 302 -6.36 -4.19 -3.14
CA LEU A 302 -6.65 -3.15 -2.17
C LEU A 302 -6.64 -3.69 -0.74
N LEU A 303 -6.50 -5.01 -0.60
CA LEU A 303 -6.47 -5.63 0.72
C LEU A 303 -5.08 -6.19 0.99
N GLY A 304 -4.49 -5.80 2.11
CA GLY A 304 -3.11 -6.17 2.40
C GLY A 304 -2.88 -7.48 3.10
N TRP A 305 -3.78 -8.44 2.91
CA TRP A 305 -3.63 -9.78 3.48
C TRP A 305 -4.00 -10.81 2.42
N ASP A 306 -3.60 -12.04 2.68
CA ASP A 306 -3.84 -13.16 1.78
C ASP A 306 -5.33 -13.51 1.82
N THR A 307 -6.04 -13.30 0.71
CA THR A 307 -7.47 -13.62 0.65
C THR A 307 -7.75 -15.00 0.03
N ASP A 308 -6.84 -15.47 -0.83
CA ASP A 308 -6.98 -16.77 -1.49
C ASP A 308 -8.33 -16.97 -2.18
N GLN A 309 -8.69 -16.01 -3.02
CA GLN A 309 -9.96 -16.09 -3.75
C GLN A 309 -9.81 -16.94 -5.00
N PHE A 310 -10.92 -17.53 -5.46
CA PHE A 310 -10.91 -18.25 -6.72
C PHE A 310 -10.67 -17.22 -7.82
N PRO A 311 -9.79 -17.54 -8.79
CA PRO A 311 -9.48 -16.60 -9.86
C PRO A 311 -10.60 -16.49 -10.90
N THR A 312 -11.09 -15.27 -11.14
CA THR A 312 -12.13 -15.08 -12.14
C THR A 312 -11.78 -13.97 -13.14
N ASP A 313 -10.60 -13.40 -13.02
CA ASP A 313 -10.18 -12.36 -13.96
C ASP A 313 -9.48 -13.02 -15.15
N ILE A 314 -10.19 -13.12 -16.26
CA ILE A 314 -9.70 -13.80 -17.44
C ILE A 314 -8.56 -13.06 -18.17
N ARG A 315 -8.45 -11.75 -17.94
CA ARG A 315 -7.34 -11.00 -18.50
C ARG A 315 -6.05 -11.44 -17.77
N MET A 316 -6.17 -11.68 -16.47
CA MET A 316 -5.02 -12.12 -15.69
C MET A 316 -4.64 -13.58 -15.97
N THR A 317 -5.64 -14.45 -16.12
CA THR A 317 -5.37 -15.86 -16.41
C THR A 317 -4.71 -16.00 -17.79
N THR A 318 -5.10 -15.14 -18.73
CA THR A 318 -4.47 -15.12 -20.05
C THR A 318 -2.98 -14.76 -19.95
N LEU A 319 -2.67 -13.66 -19.27
CA LEU A 319 -1.29 -13.23 -19.09
C LEU A 319 -0.46 -14.26 -18.34
N ALA A 320 -1.10 -14.99 -17.43
CA ALA A 320 -0.42 -16.04 -16.67
C ALA A 320 -0.11 -17.23 -17.58
N MET A 321 -1.12 -17.69 -18.30
CA MET A 321 -0.95 -18.84 -19.16
C MET A 321 -0.02 -18.55 -20.33
N TYR A 322 0.08 -17.28 -20.74
CA TYR A 322 1.02 -16.88 -21.78
C TYR A 322 2.43 -17.32 -21.36
N GLU A 323 2.77 -17.08 -20.09
CA GLU A 323 4.09 -17.44 -19.57
C GLU A 323 4.29 -18.94 -19.55
N VAL A 324 3.29 -19.69 -19.13
CA VAL A 324 3.40 -21.14 -19.09
C VAL A 324 3.57 -21.75 -20.48
N ILE A 325 2.87 -21.20 -21.46
CA ILE A 325 2.98 -21.71 -22.82
C ILE A 325 4.34 -21.37 -23.40
N LYS A 326 4.85 -20.18 -23.08
CA LYS A 326 6.16 -19.76 -23.55
C LYS A 326 7.29 -20.66 -23.09
N MET A 327 7.15 -21.28 -21.91
CA MET A 327 8.21 -22.18 -21.46
C MET A 327 7.99 -23.60 -21.96
N GLY A 328 6.95 -23.81 -22.77
CA GLY A 328 6.68 -25.13 -23.29
C GLY A 328 5.65 -25.92 -22.51
N GLY A 329 4.90 -25.25 -21.63
CA GLY A 329 3.89 -25.94 -20.84
C GLY A 329 4.42 -26.52 -19.55
N PHE A 330 3.54 -27.06 -18.73
CA PHE A 330 3.94 -27.66 -17.48
C PHE A 330 4.75 -28.92 -17.74
N ASP A 331 5.60 -29.25 -16.78
CA ASP A 331 6.42 -30.44 -16.80
C ASP A 331 5.81 -31.29 -15.70
N LYS A 332 6.23 -31.07 -14.46
CA LYS A 332 5.68 -31.79 -13.32
C LYS A 332 4.68 -30.95 -12.53
N GLY A 333 4.70 -29.64 -12.77
CA GLY A 333 3.80 -28.74 -12.05
C GLY A 333 2.40 -28.74 -12.61
N GLY A 334 1.57 -27.86 -12.07
CA GLY A 334 0.19 -27.77 -12.52
C GLY A 334 -0.47 -26.53 -11.95
N LEU A 335 -1.80 -26.46 -12.07
CA LEU A 335 -2.56 -25.34 -11.53
C LEU A 335 -3.31 -25.80 -10.29
N ASN A 336 -2.69 -25.59 -9.12
CA ASN A 336 -3.30 -25.99 -7.86
C ASN A 336 -4.16 -24.85 -7.30
N PHE A 337 -5.44 -25.13 -7.09
CA PHE A 337 -6.35 -24.11 -6.57
C PHE A 337 -6.20 -23.87 -5.08
N ASP A 338 -5.20 -23.08 -4.73
CA ASP A 338 -4.99 -22.66 -3.35
C ASP A 338 -5.95 -21.50 -3.12
N ALA A 339 -7.23 -21.81 -3.09
CA ALA A 339 -8.28 -20.82 -3.00
C ALA A 339 -9.37 -21.40 -2.13
N LYS A 340 -10.10 -20.54 -1.44
CA LYS A 340 -11.18 -21.00 -0.57
C LYS A 340 -12.43 -20.17 -0.86
N VAL A 341 -13.59 -20.76 -0.62
CA VAL A 341 -14.85 -20.04 -0.77
C VAL A 341 -14.91 -18.93 0.30
N ARG A 342 -15.56 -17.82 -0.04
CA ARG A 342 -15.74 -16.70 0.91
C ARG A 342 -16.48 -17.20 2.15
N ARG A 343 -16.27 -16.55 3.28
CA ARG A 343 -16.94 -16.93 4.51
C ARG A 343 -18.47 -16.94 4.37
N ALA A 344 -18.98 -16.10 3.46
CA ALA A 344 -20.42 -15.99 3.19
C ALA A 344 -20.94 -17.06 2.20
N SER A 345 -20.02 -17.79 1.57
CA SER A 345 -20.37 -18.87 0.64
C SER A 345 -20.17 -20.18 1.40
N PHE A 346 -21.06 -20.44 2.35
CA PHE A 346 -20.90 -21.55 3.30
C PHE A 346 -21.67 -22.82 3.01
N GLU A 347 -22.44 -22.85 1.94
CA GLU A 347 -23.20 -24.05 1.59
C GLU A 347 -22.29 -24.99 0.79
N PRO A 348 -22.44 -26.32 0.98
CA PRO A 348 -21.63 -27.34 0.32
C PRO A 348 -21.41 -27.11 -1.17
N GLU A 349 -22.49 -26.80 -1.90
CA GLU A 349 -22.36 -26.64 -3.34
C GLU A 349 -21.53 -25.44 -3.78
N ASP A 350 -21.27 -24.51 -2.85
CA ASP A 350 -20.40 -23.38 -3.15
C ASP A 350 -18.98 -23.90 -3.47
N LEU A 351 -18.60 -25.04 -2.89
CA LEU A 351 -17.31 -25.65 -3.20
C LEU A 351 -17.21 -25.92 -4.70
N PHE A 352 -18.31 -26.40 -5.25
CA PHE A 352 -18.37 -26.68 -6.68
C PHE A 352 -18.38 -25.40 -7.50
N LEU A 353 -19.19 -24.44 -7.08
CA LEU A 353 -19.30 -23.16 -7.81
C LEU A 353 -17.99 -22.40 -7.82
N GLY A 354 -17.25 -22.45 -6.71
CA GLY A 354 -15.96 -21.79 -6.66
C GLY A 354 -14.98 -22.37 -7.66
N HIS A 355 -14.86 -23.71 -7.66
CA HIS A 355 -13.94 -24.38 -8.57
C HIS A 355 -14.31 -24.23 -10.04
N ILE A 356 -15.61 -24.30 -10.35
CA ILE A 356 -16.07 -24.10 -11.72
C ILE A 356 -15.65 -22.72 -12.21
N ALA A 357 -15.82 -21.70 -11.35
CA ALA A 357 -15.44 -20.34 -11.70
C ALA A 357 -13.95 -20.23 -12.06
N GLY A 358 -13.11 -20.83 -11.21
CA GLY A 358 -11.67 -20.80 -11.44
C GLY A 358 -11.18 -21.64 -12.60
N MET A 359 -11.75 -22.83 -12.78
CA MET A 359 -11.38 -23.70 -13.89
C MET A 359 -11.79 -23.12 -15.23
N ASP A 360 -12.99 -22.52 -15.28
CA ASP A 360 -13.43 -21.85 -16.50
C ASP A 360 -12.55 -20.65 -16.84
N ALA A 361 -12.20 -19.85 -15.84
CA ALA A 361 -11.37 -18.67 -16.06
C ALA A 361 -9.98 -19.07 -16.59
N PHE A 362 -9.39 -20.12 -16.03
CA PHE A 362 -8.09 -20.56 -16.53
C PHE A 362 -8.16 -21.24 -17.89
N ALA A 363 -9.23 -22.00 -18.16
CA ALA A 363 -9.38 -22.65 -19.46
C ALA A 363 -9.51 -21.59 -20.56
N LYS A 364 -10.32 -20.57 -20.32
CA LYS A 364 -10.50 -19.49 -21.28
C LYS A 364 -9.19 -18.74 -21.50
N GLY A 365 -8.49 -18.42 -20.41
CA GLY A 365 -7.22 -17.73 -20.52
C GLY A 365 -6.19 -18.54 -21.28
N PHE A 366 -6.18 -19.85 -21.08
CA PHE A 366 -5.26 -20.72 -21.80
C PHE A 366 -5.52 -20.62 -23.31
N LYS A 367 -6.78 -20.73 -23.71
CA LYS A 367 -7.13 -20.66 -25.12
C LYS A 367 -6.75 -19.35 -25.79
N VAL A 368 -6.89 -18.23 -25.08
CA VAL A 368 -6.51 -16.94 -25.64
C VAL A 368 -4.99 -16.82 -25.68
N ALA A 369 -4.32 -17.17 -24.59
CA ALA A 369 -2.87 -17.07 -24.51
C ALA A 369 -2.26 -17.89 -25.65
N TYR A 370 -2.84 -19.06 -25.88
CA TYR A 370 -2.37 -19.94 -26.92
C TYR A 370 -2.41 -19.29 -28.31
N LYS A 371 -3.49 -18.56 -28.64
CA LYS A 371 -3.56 -17.82 -29.90
C LYS A 371 -2.54 -16.67 -29.92
N LEU A 372 -2.33 -16.02 -28.78
CA LEU A 372 -1.35 -14.94 -28.70
C LEU A 372 0.06 -15.46 -29.01
N VAL A 373 0.38 -16.63 -28.49
CA VAL A 373 1.68 -17.22 -28.77
C VAL A 373 1.77 -17.73 -30.22
N LYS A 374 0.77 -18.47 -30.65
CA LYS A 374 0.75 -19.03 -32.02
C LYS A 374 0.85 -17.94 -33.09
N ASP A 375 0.13 -16.84 -32.94
CA ASP A 375 0.19 -15.75 -33.92
C ASP A 375 1.40 -14.85 -33.75
N ARG A 376 2.20 -15.11 -32.71
CA ARG A 376 3.40 -14.32 -32.41
C ARG A 376 3.12 -12.82 -32.32
N VAL A 377 1.96 -12.48 -31.79
CA VAL A 377 1.50 -11.09 -31.71
C VAL A 377 2.50 -10.16 -31.02
N PHE A 378 2.96 -10.54 -29.82
CA PHE A 378 3.89 -9.71 -29.08
C PHE A 378 5.32 -9.96 -29.53
N ASP A 379 5.61 -11.20 -29.91
CA ASP A 379 6.96 -11.56 -30.35
C ASP A 379 7.45 -10.85 -31.61
N LYS A 380 6.57 -10.64 -32.59
CA LYS A 380 6.94 -9.89 -33.80
C LYS A 380 7.38 -8.50 -33.42
N PHE A 381 6.61 -7.84 -32.56
CA PHE A 381 6.92 -6.49 -32.17
C PHE A 381 8.23 -6.43 -31.39
N ILE A 382 8.44 -7.41 -30.51
CA ILE A 382 9.67 -7.47 -29.73
C ILE A 382 10.91 -7.66 -30.64
N GLU A 383 10.78 -8.49 -31.68
CA GLU A 383 11.84 -8.69 -32.66
C GLU A 383 12.22 -7.40 -33.35
N GLU A 384 11.21 -6.68 -33.84
CA GLU A 384 11.43 -5.41 -34.53
C GLU A 384 12.01 -4.38 -33.56
N ARG A 385 11.51 -4.39 -32.34
CA ARG A 385 11.89 -3.43 -31.31
C ARG A 385 13.40 -3.48 -30.96
N TYR A 386 13.95 -4.68 -30.84
CA TYR A 386 15.35 -4.86 -30.46
C TYR A 386 16.26 -5.18 -31.65
N ALA A 387 15.80 -4.92 -32.87
CA ALA A 387 16.54 -5.28 -34.07
C ALA A 387 17.92 -4.66 -34.23
N SER A 388 18.19 -3.56 -33.54
CA SER A 388 19.47 -2.88 -33.67
C SER A 388 20.62 -3.72 -33.11
N TYR A 389 20.29 -4.75 -32.35
CA TYR A 389 21.32 -5.65 -31.82
C TYR A 389 21.65 -6.80 -32.76
N LYS A 390 21.00 -6.84 -33.94
CA LYS A 390 21.23 -7.91 -34.90
C LYS A 390 22.47 -7.65 -35.78
N ASP A 391 22.88 -6.39 -35.90
CA ASP A 391 24.08 -6.07 -36.67
C ASP A 391 24.72 -4.77 -36.17
N GLY A 392 25.75 -4.30 -36.86
CA GLY A 392 26.42 -3.07 -36.47
C GLY A 392 26.98 -3.13 -35.07
N ILE A 393 27.00 -1.98 -34.41
CA ILE A 393 27.53 -1.88 -33.06
C ILE A 393 26.79 -2.81 -32.08
N GLY A 394 25.49 -3.01 -32.29
CA GLY A 394 24.71 -3.86 -31.42
C GLY A 394 25.20 -5.30 -31.43
N ALA A 395 25.54 -5.80 -32.61
CA ALA A 395 26.05 -7.15 -32.77
C ALA A 395 27.39 -7.26 -32.05
N ASP A 396 28.22 -6.22 -32.14
CA ASP A 396 29.50 -6.21 -31.44
C ASP A 396 29.31 -6.26 -29.93
N ILE A 397 28.28 -5.56 -29.43
CA ILE A 397 27.97 -5.55 -28.01
C ILE A 397 27.57 -6.96 -27.53
N VAL A 398 26.64 -7.61 -28.22
CA VAL A 398 26.21 -8.93 -27.78
C VAL A 398 27.27 -10.01 -27.94
N SER A 399 28.17 -9.86 -28.91
CA SER A 399 29.18 -10.89 -29.16
C SER A 399 30.43 -10.76 -28.29
N GLY A 400 30.53 -9.72 -27.51
CA GLY A 400 31.67 -9.58 -26.63
C GLY A 400 32.85 -8.86 -27.25
N LYS A 401 32.64 -8.30 -28.44
CA LYS A 401 33.72 -7.57 -29.13
C LYS A 401 33.86 -6.13 -28.66
N ALA A 402 32.78 -5.48 -28.26
CA ALA A 402 32.83 -4.08 -27.87
C ALA A 402 33.26 -3.91 -26.41
N ASP A 403 33.84 -2.75 -26.10
CA ASP A 403 34.22 -2.39 -24.74
C ASP A 403 34.05 -0.88 -24.60
N PHE A 404 34.33 -0.32 -23.42
CA PHE A 404 34.13 1.12 -23.22
C PHE A 404 34.86 2.00 -24.22
N ARG A 405 36.10 1.65 -24.57
CA ARG A 405 36.88 2.44 -25.53
C ARG A 405 36.28 2.44 -26.93
N SER A 406 35.96 1.26 -27.45
CA SER A 406 35.40 1.18 -28.80
C SER A 406 34.01 1.84 -28.85
N LEU A 407 33.20 1.63 -27.83
CA LEU A 407 31.87 2.24 -27.77
C LEU A 407 31.96 3.76 -27.68
N GLU A 408 32.94 4.28 -26.97
CA GLU A 408 33.13 5.72 -26.91
C GLU A 408 33.47 6.28 -28.29
N LYS A 409 34.34 5.58 -29.02
CA LYS A 409 34.75 5.96 -30.37
C LYS A 409 33.50 6.07 -31.25
N TYR A 410 32.66 5.06 -31.14
CA TYR A 410 31.40 5.03 -31.87
C TYR A 410 30.48 6.19 -31.47
N ALA A 411 30.27 6.36 -30.16
CA ALA A 411 29.34 7.36 -29.63
C ALA A 411 29.71 8.81 -29.95
N LEU A 412 31.00 9.15 -29.95
CA LEU A 412 31.46 10.50 -30.30
C LEU A 412 31.12 10.84 -31.76
N GLU A 413 31.09 9.81 -32.59
CA GLU A 413 30.84 9.96 -34.02
C GLU A 413 29.38 10.00 -34.46
N ARG A 414 28.46 9.62 -33.57
CA ARG A 414 27.04 9.69 -33.87
C ARG A 414 26.48 10.99 -33.28
N SER A 415 25.61 11.67 -34.01
CA SER A 415 25.07 12.95 -33.54
C SER A 415 23.62 12.82 -33.09
N GLN A 416 22.85 12.01 -33.80
CA GLN A 416 21.45 11.86 -33.47
C GLN A 416 21.15 10.43 -33.10
N ILE A 417 20.49 10.28 -31.95
CA ILE A 417 19.96 8.99 -31.52
C ILE A 417 18.45 9.12 -31.72
N VAL A 418 17.89 8.23 -32.53
CA VAL A 418 16.46 8.26 -32.80
C VAL A 418 15.79 7.02 -32.21
N ASN A 419 14.86 7.23 -31.28
CA ASN A 419 14.10 6.12 -30.72
C ASN A 419 12.74 6.01 -31.36
N LYS A 420 12.09 4.87 -31.17
CA LYS A 420 10.75 4.66 -31.68
C LYS A 420 9.79 4.31 -30.54
N SER A 421 8.50 4.52 -30.78
CA SER A 421 7.46 4.30 -29.79
C SER A 421 7.43 2.88 -29.22
N GLY A 422 7.12 2.79 -27.94
CA GLY A 422 6.96 1.50 -27.29
C GLY A 422 5.61 0.88 -27.55
N ARG A 423 4.65 1.68 -28.02
CA ARG A 423 3.32 1.19 -28.42
C ARG A 423 2.51 0.47 -27.35
N GLN A 424 2.70 0.81 -26.08
CA GLN A 424 1.97 0.12 -25.04
C GLN A 424 0.45 0.09 -25.25
N GLU A 425 -0.14 1.24 -25.57
CA GLU A 425 -1.60 1.35 -25.75
C GLU A 425 -2.09 0.47 -26.89
N LEU A 426 -1.35 0.47 -27.99
CA LEU A 426 -1.67 -0.39 -29.13
C LEU A 426 -1.61 -1.87 -28.70
N LEU A 427 -0.54 -2.24 -28.01
CA LEU A 427 -0.38 -3.61 -27.56
C LEU A 427 -1.53 -4.06 -26.65
N GLU A 428 -1.95 -3.17 -25.75
CA GLU A 428 -3.08 -3.48 -24.87
C GLU A 428 -4.41 -3.62 -25.61
N SER A 429 -4.65 -2.82 -26.64
CA SER A 429 -5.89 -2.95 -27.39
C SER A 429 -5.93 -4.23 -28.24
N ILE A 430 -4.76 -4.66 -28.73
CA ILE A 430 -4.68 -5.93 -29.48
C ILE A 430 -4.99 -7.09 -28.54
N LEU A 431 -4.50 -7.00 -27.29
CA LEU A 431 -4.79 -8.01 -26.29
C LEU A 431 -6.32 -8.14 -26.14
N ASN A 432 -7.03 -7.01 -26.17
CA ASN A 432 -8.49 -7.03 -26.05
C ASN A 432 -9.19 -7.67 -27.24
N GLN A 433 -8.66 -7.42 -28.44
CA GLN A 433 -9.20 -8.07 -29.63
C GLN A 433 -9.12 -9.57 -29.48
N TYR A 434 -7.98 -10.07 -29.01
CA TYR A 434 -7.84 -11.51 -28.79
C TYR A 434 -8.72 -12.02 -27.66
N LEU A 435 -8.80 -11.27 -26.58
CA LEU A 435 -9.62 -11.68 -25.44
C LEU A 435 -11.08 -11.85 -25.81
N PHE A 436 -11.59 -10.93 -26.62
CA PHE A 436 -12.99 -10.94 -26.98
C PHE A 436 -13.28 -11.42 -28.40
N ALA A 437 -12.34 -12.19 -28.96
CA ALA A 437 -12.46 -12.72 -30.33
C ALA A 437 -13.64 -13.67 -30.48
N ASN B 1 29.94 35.92 3.09
CA ASN B 1 30.43 35.56 1.76
C ASN B 1 29.37 35.93 0.68
N LYS B 2 29.58 35.42 -0.53
CA LYS B 2 28.78 35.78 -1.72
C LYS B 2 27.36 35.29 -1.89
N TYR B 3 27.09 34.02 -1.62
CA TYR B 3 25.78 33.45 -1.94
C TYR B 3 24.81 33.27 -0.78
N PHE B 4 25.35 33.09 0.41
CA PHE B 4 24.55 32.89 1.60
C PHE B 4 25.05 33.88 2.64
N GLU B 5 24.99 35.17 2.31
CA GLU B 5 25.49 36.24 3.19
C GLU B 5 24.82 36.29 4.56
N ASN B 6 23.55 35.93 4.60
CA ASN B 6 22.80 35.94 5.85
C ASN B 6 23.12 34.80 6.78
N VAL B 7 23.85 33.80 6.30
CA VAL B 7 24.18 32.65 7.12
C VAL B 7 25.69 32.57 7.37
N SER B 8 26.03 32.49 8.66
CA SER B 8 27.40 32.32 9.08
C SER B 8 27.64 30.83 9.30
N LYS B 9 28.90 30.46 9.49
CA LYS B 9 29.28 29.07 9.70
C LYS B 9 28.49 28.43 10.86
N ILE B 10 27.92 27.26 10.62
CA ILE B 10 27.10 26.58 11.62
C ILE B 10 27.96 25.87 12.67
N LYS B 11 27.70 26.13 13.94
CA LYS B 11 28.50 25.57 15.01
C LYS B 11 27.63 24.86 16.05
N TYR B 12 28.23 23.94 16.78
CA TYR B 12 27.51 23.21 17.80
C TYR B 12 27.18 24.10 19.01
N GLU B 13 25.93 24.09 19.44
CA GLU B 13 25.54 24.90 20.58
C GLU B 13 24.79 24.14 21.65
N GLY B 14 24.55 22.85 21.45
CA GLY B 14 23.89 22.06 22.47
C GLY B 14 22.38 22.03 22.36
N PRO B 15 21.72 21.07 23.04
CA PRO B 15 20.27 20.89 23.00
C PRO B 15 19.40 22.00 23.56
N LYS B 16 19.98 22.93 24.30
CA LYS B 16 19.19 24.01 24.88
C LYS B 16 19.30 25.33 24.10
N SER B 17 20.02 25.34 22.98
CA SER B 17 20.19 26.55 22.20
C SER B 17 18.92 26.95 21.45
N ASN B 18 18.62 28.25 21.39
CA ASN B 18 17.44 28.74 20.67
C ASN B 18 17.86 29.18 19.26
N ASN B 19 19.16 29.19 19.00
CA ASN B 19 19.65 29.62 17.69
C ASN B 19 19.32 28.59 16.63
N PRO B 20 18.44 28.94 15.67
CA PRO B 20 18.12 27.96 14.64
C PRO B 20 19.30 27.56 13.75
N TYR B 21 20.28 28.45 13.60
CA TYR B 21 21.45 28.15 12.80
C TYR B 21 22.61 27.59 13.61
N SER B 22 22.38 26.45 14.24
CA SER B 22 23.41 25.78 15.03
C SER B 22 23.04 24.30 15.21
N PHE B 23 24.02 23.46 15.49
CA PHE B 23 23.77 22.05 15.73
C PHE B 23 23.37 21.89 17.19
N LYS B 24 22.32 21.11 17.43
CA LYS B 24 21.83 20.84 18.77
C LYS B 24 22.37 19.55 19.34
N PHE B 25 22.71 18.62 18.45
CA PHE B 25 23.17 17.30 18.88
C PHE B 25 24.49 16.92 18.23
N TYR B 26 24.71 17.41 17.02
CA TYR B 26 25.92 17.08 16.28
C TYR B 26 27.08 17.98 16.67
N ASN B 27 28.04 17.41 17.38
CA ASN B 27 29.25 18.11 17.72
C ASN B 27 30.36 17.46 16.89
N PRO B 28 30.76 18.08 15.77
CA PRO B 28 31.80 17.54 14.89
C PRO B 28 33.05 17.12 15.68
N GLU B 29 33.36 17.91 16.70
CA GLU B 29 34.59 17.75 17.48
C GLU B 29 34.55 16.69 18.56
N GLU B 30 33.36 16.25 18.95
CA GLU B 30 33.27 15.27 20.02
C GLU B 30 33.98 13.97 19.67
N VAL B 31 34.78 13.47 20.61
CA VAL B 31 35.52 12.23 20.37
C VAL B 31 34.87 11.03 21.05
N ILE B 32 34.67 9.98 20.26
CA ILE B 32 34.13 8.72 20.76
C ILE B 32 35.04 7.62 20.27
N ASP B 33 35.62 6.87 21.20
CA ASP B 33 36.56 5.79 20.89
C ASP B 33 37.67 6.15 19.93
N GLY B 34 38.32 7.26 20.18
CA GLY B 34 39.44 7.65 19.34
C GLY B 34 39.13 8.25 17.99
N LYS B 35 37.84 8.45 17.68
CA LYS B 35 37.44 9.13 16.45
C LYS B 35 36.46 10.22 16.74
N THR B 36 36.58 11.33 16.02
CA THR B 36 35.62 12.42 16.17
C THR B 36 34.29 12.01 15.57
N MET B 37 33.23 12.67 16.03
CA MET B 37 31.89 12.44 15.53
C MET B 37 31.86 12.64 14.00
N GLU B 38 32.61 13.62 13.53
CA GLU B 38 32.72 13.90 12.11
C GLU B 38 33.27 12.72 11.31
N GLU B 39 34.27 12.02 11.83
CA GLU B 39 34.79 10.88 11.10
C GLU B 39 33.99 9.58 11.26
N HIS B 40 33.20 9.49 12.31
CA HIS B 40 32.30 8.35 12.48
C HIS B 40 31.18 8.42 11.45
N LEU B 41 30.61 9.61 11.28
CA LEU B 41 29.42 9.81 10.46
C LEU B 41 29.63 10.06 8.98
N ARG B 42 30.74 10.70 8.62
CA ARG B 42 31.07 11.00 7.22
C ARG B 42 29.90 11.58 6.41
N PHE B 43 29.31 12.66 6.92
CA PHE B 43 28.20 13.35 6.24
C PHE B 43 28.57 13.84 4.85
N SER B 44 27.65 13.69 3.92
CA SER B 44 27.87 14.12 2.55
C SER B 44 26.67 14.92 2.03
N ILE B 45 26.96 15.96 1.25
CA ILE B 45 25.93 16.81 0.66
C ILE B 45 25.66 16.32 -0.77
N ALA B 46 24.39 16.17 -1.13
CA ALA B 46 24.01 15.74 -2.47
C ALA B 46 23.97 16.99 -3.37
N TYR B 47 24.84 17.03 -4.37
CA TYR B 47 24.93 18.20 -5.24
C TYR B 47 23.62 18.48 -6.01
N TRP B 48 22.96 17.42 -6.46
CA TRP B 48 21.74 17.55 -7.25
C TRP B 48 20.58 18.24 -6.52
N HIS B 49 20.20 17.72 -5.35
CA HIS B 49 19.09 18.31 -4.61
C HIS B 49 19.47 19.68 -4.08
N THR B 50 20.70 19.82 -3.59
CA THR B 50 21.12 21.06 -2.95
C THR B 50 21.34 22.25 -3.88
N PHE B 51 21.94 22.02 -5.05
CA PHE B 51 22.26 23.15 -5.93
C PHE B 51 21.54 23.20 -7.27
N THR B 52 20.80 22.14 -7.63
CA THR B 52 20.08 22.16 -8.92
C THR B 52 18.56 22.02 -8.81
N ALA B 53 18.06 21.41 -7.74
CA ALA B 53 16.60 21.25 -7.58
C ALA B 53 15.96 22.61 -7.40
N ASP B 54 14.78 22.80 -7.99
CA ASP B 54 14.13 24.12 -7.96
C ASP B 54 12.70 24.15 -7.48
N GLY B 55 12.22 23.08 -6.86
CA GLY B 55 10.89 23.07 -6.30
C GLY B 55 9.84 22.61 -7.29
N THR B 56 10.24 22.40 -8.53
CA THR B 56 9.32 21.88 -9.54
C THR B 56 8.79 20.52 -9.11
N ASP B 57 7.51 20.29 -9.32
CA ASP B 57 6.97 18.96 -9.14
C ASP B 57 6.10 18.68 -10.36
N GLN B 58 5.48 17.52 -10.39
CA GLN B 58 4.71 17.11 -11.54
C GLN B 58 3.44 17.91 -11.78
N PHE B 59 3.05 18.76 -10.82
CA PHE B 59 1.85 19.57 -10.94
C PHE B 59 2.13 21.06 -10.90
N GLY B 60 3.40 21.43 -10.82
CA GLY B 60 3.69 22.84 -10.71
C GLY B 60 5.12 23.24 -11.01
N LYS B 61 5.32 24.55 -11.10
CA LYS B 61 6.61 25.11 -11.48
C LYS B 61 7.53 25.43 -10.31
N ALA B 62 8.73 25.90 -10.62
CA ALA B 62 9.76 26.17 -9.64
C ALA B 62 9.37 27.19 -8.57
N THR B 63 9.73 26.91 -7.33
CA THR B 63 9.45 27.82 -6.24
C THR B 63 10.72 28.32 -5.57
N MET B 64 11.84 27.63 -5.83
CA MET B 64 13.09 27.91 -5.14
C MET B 64 13.75 29.22 -5.51
N GLN B 65 14.09 29.99 -4.46
CA GLN B 65 14.78 31.26 -4.61
C GLN B 65 16.29 30.99 -4.46
N ARG B 66 17.04 31.17 -5.55
CA ARG B 66 18.49 30.89 -5.55
C ARG B 66 19.31 32.04 -6.13
N PRO B 67 20.34 32.50 -5.42
CA PRO B 67 21.18 33.63 -5.87
C PRO B 67 21.80 33.50 -7.27
N TRP B 68 21.98 32.29 -7.76
CA TRP B 68 22.57 32.07 -9.07
C TRP B 68 21.51 31.95 -10.16
N ASN B 69 20.28 32.29 -9.81
CA ASN B 69 19.11 32.21 -10.71
C ASN B 69 19.13 33.22 -11.84
N HIS B 70 19.89 34.30 -11.67
CA HIS B 70 19.87 35.38 -12.65
C HIS B 70 20.70 35.15 -13.93
N TYR B 71 21.59 34.16 -13.92
CA TYR B 71 22.41 33.90 -15.09
C TYR B 71 21.61 33.25 -16.19
N THR B 72 21.94 33.59 -17.43
CA THR B 72 21.20 33.04 -18.56
C THR B 72 21.99 31.95 -19.29
N ASP B 73 23.30 32.17 -19.45
CA ASP B 73 24.19 31.20 -20.07
C ASP B 73 24.40 29.99 -19.15
N PRO B 74 24.20 28.77 -19.69
CA PRO B 74 24.34 27.52 -18.92
C PRO B 74 25.69 27.37 -18.20
N MET B 75 26.79 27.79 -18.84
CA MET B 75 28.10 27.69 -18.22
C MET B 75 28.31 28.67 -17.07
N ASP B 76 27.71 29.86 -17.16
CA ASP B 76 27.79 30.84 -16.07
C ASP B 76 27.08 30.28 -14.84
N ILE B 77 25.93 29.65 -15.05
CA ILE B 77 25.17 29.01 -13.97
C ILE B 77 25.98 27.88 -13.33
N ALA B 78 26.62 27.05 -14.15
CA ALA B 78 27.43 25.93 -13.66
C ALA B 78 28.61 26.41 -12.79
N LYS B 79 29.25 27.49 -13.21
CA LYS B 79 30.36 28.06 -12.46
C LYS B 79 29.90 28.69 -11.15
N ALA B 80 28.76 29.39 -11.19
CA ALA B 80 28.21 30.01 -10.00
C ALA B 80 27.84 28.96 -8.96
N ARG B 81 27.32 27.81 -9.41
CA ARG B 81 26.96 26.72 -8.51
C ARG B 81 28.17 26.14 -7.78
N VAL B 82 29.30 25.99 -8.47
CA VAL B 82 30.52 25.48 -7.85
C VAL B 82 30.95 26.44 -6.73
N GLU B 83 30.94 27.74 -7.00
CA GLU B 83 31.25 28.74 -5.98
C GLU B 83 30.32 28.61 -4.78
N ALA B 84 29.02 28.63 -5.07
CA ALA B 84 28.01 28.52 -4.02
C ALA B 84 28.15 27.20 -3.25
N ALA B 85 28.47 26.12 -3.96
CA ALA B 85 28.60 24.80 -3.35
C ALA B 85 29.70 24.80 -2.31
N PHE B 86 30.85 25.36 -2.66
CA PHE B 86 31.98 25.38 -1.72
C PHE B 86 31.79 26.34 -0.58
N GLU B 87 31.03 27.42 -0.81
CA GLU B 87 30.68 28.31 0.30
C GLU B 87 29.79 27.54 1.25
N PHE B 88 28.84 26.80 0.68
CA PHE B 88 27.90 26.00 1.46
C PHE B 88 28.62 24.90 2.25
N PHE B 89 29.51 24.15 1.59
CA PHE B 89 30.27 23.07 2.26
C PHE B 89 30.99 23.61 3.49
N ASP B 90 31.57 24.79 3.34
CA ASP B 90 32.31 25.41 4.43
C ASP B 90 31.41 25.80 5.59
N LYS B 91 30.26 26.41 5.30
CA LYS B 91 29.34 26.84 6.33
C LYS B 91 28.61 25.71 7.03
N ILE B 92 28.20 24.67 6.29
CA ILE B 92 27.52 23.53 6.91
C ILE B 92 28.54 22.57 7.55
N ASN B 93 29.81 22.77 7.21
CA ASN B 93 30.90 22.00 7.77
C ASN B 93 30.83 20.53 7.34
N ALA B 94 30.63 20.32 6.05
CA ALA B 94 30.49 18.97 5.50
C ALA B 94 31.82 18.39 5.05
N PRO B 95 32.14 17.16 5.50
CA PRO B 95 33.41 16.56 5.06
C PRO B 95 33.36 16.00 3.63
N TYR B 96 32.16 15.71 3.13
CA TYR B 96 32.02 15.11 1.81
C TYR B 96 30.87 15.66 0.99
N PHE B 97 30.92 15.40 -0.32
CA PHE B 97 29.81 15.66 -1.21
C PHE B 97 29.76 14.63 -2.35
N CYS B 98 28.59 14.44 -2.93
CA CYS B 98 28.40 13.50 -4.03
C CYS B 98 27.77 14.26 -5.18
N PHE B 99 27.96 13.77 -6.40
CA PHE B 99 27.42 14.44 -7.59
C PHE B 99 27.18 13.46 -8.74
N HIS B 100 26.34 13.89 -9.68
CA HIS B 100 26.16 13.19 -10.93
C HIS B 100 26.97 14.03 -11.89
N ASP B 101 27.54 13.40 -12.92
CA ASP B 101 28.24 14.15 -13.94
C ASP B 101 27.36 15.27 -14.51
N ARG B 102 26.07 14.99 -14.70
CA ARG B 102 25.17 15.96 -15.32
C ARG B 102 24.65 17.03 -14.35
N ASP B 103 24.99 16.92 -13.07
CA ASP B 103 24.62 17.96 -12.09
C ASP B 103 25.55 19.16 -12.23
N ILE B 104 26.82 18.88 -12.56
CA ILE B 104 27.86 19.92 -12.49
C ILE B 104 28.13 20.72 -13.76
N ALA B 105 27.70 20.21 -14.91
CA ALA B 105 27.92 20.90 -16.17
C ALA B 105 26.81 20.58 -17.16
N PRO B 106 26.48 21.53 -18.05
CA PRO B 106 25.43 21.30 -19.03
C PRO B 106 25.90 20.48 -20.25
N GLU B 107 24.99 19.69 -20.81
CA GLU B 107 25.25 18.95 -22.04
C GLU B 107 25.35 19.89 -23.23
N GLY B 108 26.10 19.47 -24.23
CA GLY B 108 26.17 20.22 -25.47
C GLY B 108 25.39 19.48 -26.53
N ASP B 109 25.58 19.89 -27.79
CA ASP B 109 24.86 19.28 -28.90
C ASP B 109 25.45 17.93 -29.30
N THR B 110 26.69 17.66 -28.89
CA THR B 110 27.33 16.37 -29.17
C THR B 110 27.98 15.88 -27.87
N LEU B 111 28.39 14.62 -27.84
CA LEU B 111 29.11 14.10 -26.68
C LEU B 111 30.45 14.84 -26.47
N ARG B 112 31.15 15.16 -27.56
CA ARG B 112 32.42 15.91 -27.49
C ARG B 112 32.22 17.25 -26.77
N GLU B 113 31.19 17.99 -27.16
CA GLU B 113 30.90 19.28 -26.52
C GLU B 113 30.56 19.07 -25.05
N THR B 114 29.70 18.09 -24.78
CA THR B 114 29.34 17.74 -23.41
C THR B 114 30.60 17.48 -22.57
N ASN B 115 31.52 16.68 -23.11
CA ASN B 115 32.75 16.34 -22.40
C ASN B 115 33.69 17.53 -22.22
N LYS B 116 33.70 18.47 -23.17
CA LYS B 116 34.51 19.68 -23.02
C LYS B 116 33.97 20.55 -21.89
N ASN B 117 32.64 20.69 -21.80
CA ASN B 117 32.01 21.47 -20.72
C ASN B 117 32.33 20.84 -19.38
N LEU B 118 32.26 19.52 -19.33
CA LEU B 118 32.54 18.77 -18.13
C LEU B 118 33.98 19.00 -17.69
N ASP B 119 34.93 18.98 -18.64
CA ASP B 119 36.34 19.21 -18.31
C ASP B 119 36.59 20.58 -17.69
N THR B 120 35.93 21.60 -18.25
CA THR B 120 36.03 22.96 -17.73
C THR B 120 35.63 23.03 -16.26
N ILE B 121 34.45 22.47 -15.93
CA ILE B 121 33.95 22.49 -14.57
C ILE B 121 34.76 21.61 -13.64
N VAL B 122 35.17 20.43 -14.11
CA VAL B 122 36.00 19.53 -13.30
C VAL B 122 37.31 20.22 -12.91
N ALA B 123 37.92 20.94 -13.86
CA ALA B 123 39.15 21.68 -13.61
C ALA B 123 38.93 22.69 -12.49
N MET B 124 37.79 23.38 -12.55
CA MET B 124 37.43 24.37 -11.54
C MET B 124 37.21 23.74 -10.16
N ILE B 125 36.46 22.64 -10.11
CA ILE B 125 36.21 21.96 -8.84
C ILE B 125 37.54 21.51 -8.24
N LYS B 126 38.46 21.06 -9.08
CA LYS B 126 39.78 20.65 -8.63
C LYS B 126 40.59 21.73 -7.93
N ASP B 127 40.49 22.97 -8.40
CA ASP B 127 41.14 24.08 -7.71
C ASP B 127 40.54 24.28 -6.33
N TYR B 128 39.21 24.29 -6.24
CA TYR B 128 38.54 24.46 -4.96
C TYR B 128 38.87 23.32 -4.00
N LEU B 129 39.01 22.12 -4.52
CA LEU B 129 39.33 20.95 -3.70
C LEU B 129 40.69 21.10 -3.03
N LYS B 130 41.61 21.85 -3.64
CA LYS B 130 42.95 22.08 -3.10
C LYS B 130 42.96 22.90 -1.83
N THR B 131 41.91 23.69 -1.63
CA THR B 131 41.85 24.56 -0.46
C THR B 131 40.64 24.31 0.43
N SER B 132 39.82 23.34 0.07
CA SER B 132 38.63 23.00 0.84
C SER B 132 38.93 21.77 1.69
N LYS B 133 38.23 21.62 2.80
CA LYS B 133 38.39 20.41 3.60
C LYS B 133 37.43 19.32 3.11
N THR B 134 36.45 19.72 2.31
CA THR B 134 35.45 18.79 1.78
C THR B 134 36.04 17.97 0.63
N LYS B 135 35.75 16.66 0.62
CA LYS B 135 36.22 15.77 -0.44
C LYS B 135 35.01 15.13 -1.15
N VAL B 136 35.28 14.44 -2.26
CA VAL B 136 34.25 13.73 -3.00
C VAL B 136 34.04 12.32 -2.41
N LEU B 137 32.83 12.02 -1.95
CA LEU B 137 32.54 10.69 -1.43
C LEU B 137 32.34 9.73 -2.60
N TRP B 138 31.38 10.04 -3.48
CA TRP B 138 31.21 9.26 -4.70
C TRP B 138 30.67 10.08 -5.86
N GLY B 139 30.97 9.61 -7.06
CA GLY B 139 30.46 10.22 -8.27
C GLY B 139 29.54 9.21 -8.94
N THR B 140 28.79 9.66 -9.94
CA THR B 140 27.88 8.77 -10.63
C THR B 140 27.48 9.42 -11.95
N ALA B 141 26.89 8.64 -12.83
CA ALA B 141 26.45 9.12 -14.13
C ALA B 141 24.93 9.22 -14.14
N ASN B 142 24.42 10.33 -14.65
CA ASN B 142 22.97 10.46 -14.80
C ASN B 142 22.55 9.77 -16.11
N LEU B 143 22.06 8.54 -16.01
CA LEU B 143 21.61 7.80 -17.18
C LEU B 143 20.09 7.69 -17.25
N PHE B 144 19.39 8.76 -16.84
CA PHE B 144 17.94 8.73 -16.81
C PHE B 144 17.19 10.01 -17.24
N SER B 145 17.83 11.16 -17.16
CA SER B 145 17.15 12.42 -17.49
C SER B 145 16.99 12.73 -18.97
N ASN B 146 18.05 12.52 -19.74
CA ASN B 146 18.01 12.85 -21.15
C ASN B 146 17.02 11.96 -21.90
N PRO B 147 16.25 12.54 -22.84
CA PRO B 147 15.25 11.80 -23.62
C PRO B 147 15.76 10.49 -24.26
N ARG B 148 17.04 10.42 -24.59
CA ARG B 148 17.57 9.22 -25.23
C ARG B 148 17.38 7.98 -24.36
N PHE B 149 17.28 8.18 -23.05
CA PHE B 149 17.11 7.06 -22.12
C PHE B 149 15.66 6.59 -21.90
N VAL B 150 14.74 7.00 -22.77
CA VAL B 150 13.33 6.59 -22.64
C VAL B 150 13.13 5.10 -22.40
N HIS B 151 13.83 4.27 -23.18
CA HIS B 151 13.66 2.81 -23.11
C HIS B 151 14.69 2.13 -22.21
N GLY B 152 15.48 2.94 -21.52
CA GLY B 152 16.53 2.42 -20.66
C GLY B 152 17.89 2.91 -21.12
N ALA B 153 18.92 2.59 -20.37
CA ALA B 153 20.30 2.92 -20.74
C ALA B 153 20.92 1.65 -21.31
N SER B 154 21.51 0.80 -20.47
CA SER B 154 22.06 -0.45 -20.95
C SER B 154 20.95 -1.44 -21.30
N THR B 155 19.76 -1.21 -20.75
CA THR B 155 18.60 -2.07 -21.06
C THR B 155 17.76 -1.48 -22.19
N SER B 156 18.28 -0.47 -22.88
CA SER B 156 17.58 0.10 -24.02
C SER B 156 17.51 -0.89 -25.18
N CYS B 157 16.41 -0.84 -25.92
CA CYS B 157 16.23 -1.69 -27.09
C CYS B 157 17.03 -1.10 -28.25
N ASN B 158 17.59 0.09 -28.02
CA ASN B 158 18.38 0.77 -29.03
C ASN B 158 19.87 0.70 -28.71
N ALA B 159 20.60 -0.11 -29.49
CA ALA B 159 22.04 -0.30 -29.34
C ALA B 159 22.86 1.00 -29.29
N ASP B 160 22.42 2.04 -29.99
CA ASP B 160 23.10 3.34 -29.95
C ASP B 160 23.08 3.95 -28.55
N VAL B 161 22.02 3.69 -27.81
CA VAL B 161 21.87 4.21 -26.45
C VAL B 161 22.80 3.42 -25.53
N PHE B 162 22.93 2.13 -25.78
CA PHE B 162 23.87 1.32 -25.01
C PHE B 162 25.28 1.91 -25.20
N ALA B 163 25.63 2.21 -26.46
CA ALA B 163 26.95 2.74 -26.81
C ALA B 163 27.19 4.08 -26.12
N TYR B 164 26.18 4.95 -26.17
CA TYR B 164 26.27 6.25 -25.52
C TYR B 164 26.45 6.08 -24.02
N SER B 165 25.65 5.21 -23.42
CA SER B 165 25.71 4.95 -21.99
C SER B 165 27.12 4.51 -21.56
N ALA B 166 27.75 3.64 -22.35
CA ALA B 166 29.10 3.18 -22.09
C ALA B 166 30.08 4.37 -22.12
N ALA B 167 29.93 5.22 -23.13
CA ALA B 167 30.78 6.40 -23.28
C ALA B 167 30.63 7.36 -22.08
N GLN B 168 29.40 7.59 -21.64
CA GLN B 168 29.14 8.50 -20.53
C GLN B 168 29.76 7.96 -19.21
N VAL B 169 29.54 6.67 -18.93
CA VAL B 169 30.07 6.07 -17.72
C VAL B 169 31.61 6.04 -17.74
N LYS B 170 32.19 5.80 -18.92
CA LYS B 170 33.65 5.83 -19.07
C LYS B 170 34.17 7.20 -18.61
N LYS B 171 33.57 8.26 -19.14
CA LYS B 171 33.93 9.62 -18.77
C LYS B 171 33.72 9.87 -17.28
N ALA B 172 32.60 9.39 -16.74
CA ALA B 172 32.24 9.60 -15.33
C ALA B 172 33.21 8.90 -14.39
N LEU B 173 33.67 7.71 -14.77
CA LEU B 173 34.66 6.98 -13.98
C LEU B 173 35.96 7.77 -13.97
N GLU B 174 36.32 8.30 -15.13
CA GLU B 174 37.53 9.10 -15.25
C GLU B 174 37.52 10.35 -14.37
N ILE B 175 36.44 11.11 -14.40
CA ILE B 175 36.38 12.32 -13.57
C ILE B 175 36.25 12.00 -12.08
N THR B 176 35.60 10.88 -11.74
CA THR B 176 35.49 10.48 -10.34
C THR B 176 36.88 10.13 -9.80
N LYS B 177 37.65 9.41 -10.60
CA LYS B 177 39.01 9.06 -10.22
C LYS B 177 39.84 10.33 -10.04
N GLU B 178 39.70 11.24 -10.99
CA GLU B 178 40.47 12.48 -10.96
C GLU B 178 40.14 13.37 -9.76
N LEU B 179 38.87 13.38 -9.33
CA LEU B 179 38.48 14.20 -8.19
C LEU B 179 38.70 13.44 -6.88
N GLY B 180 39.22 12.22 -6.97
CA GLY B 180 39.49 11.45 -5.77
C GLY B 180 38.30 10.82 -5.09
N GLY B 181 37.25 10.51 -5.84
CA GLY B 181 36.09 9.88 -5.25
C GLY B 181 36.42 8.51 -4.68
N GLU B 182 35.83 8.20 -3.53
CA GLU B 182 36.07 6.92 -2.84
C GLU B 182 35.13 5.78 -3.26
N ASN B 183 34.04 6.11 -3.95
CA ASN B 183 33.11 5.10 -4.43
C ASN B 183 32.59 5.60 -5.77
N TYR B 184 31.85 4.74 -6.45
CA TYR B 184 31.17 5.11 -7.68
C TYR B 184 29.84 4.36 -7.63
N VAL B 185 28.76 5.10 -7.86
CA VAL B 185 27.41 4.56 -7.73
C VAL B 185 26.68 4.33 -9.06
N PHE B 186 25.87 3.27 -9.11
CA PHE B 186 25.01 2.99 -10.24
C PHE B 186 23.57 2.98 -9.75
N TRP B 187 22.77 3.96 -10.16
CA TRP B 187 21.33 3.92 -9.89
C TRP B 187 20.61 3.75 -11.23
N GLY B 188 20.02 2.58 -11.43
CA GLY B 188 19.34 2.29 -12.68
C GLY B 188 17.95 2.87 -12.86
N GLY B 189 17.84 4.20 -12.87
CA GLY B 189 16.55 4.87 -12.97
C GLY B 189 15.64 4.40 -14.09
N ARG B 190 16.21 4.17 -15.28
CA ARG B 190 15.44 3.72 -16.42
C ARG B 190 15.73 2.25 -16.70
N GLU B 191 16.45 1.57 -15.82
CA GLU B 191 16.76 0.16 -16.03
C GLU B 191 15.67 -0.70 -15.40
N GLY B 192 14.59 -0.87 -16.16
CA GLY B 192 13.44 -1.65 -15.73
C GLY B 192 12.48 -1.66 -16.90
N TYR B 193 11.20 -1.86 -16.66
CA TYR B 193 10.24 -1.82 -17.76
C TYR B 193 8.95 -1.10 -17.35
N GLU B 194 8.16 -0.75 -18.36
CA GLU B 194 6.86 -0.13 -18.12
C GLU B 194 5.75 -1.13 -18.41
N THR B 195 5.96 -2.00 -19.39
CA THR B 195 5.02 -3.07 -19.70
C THR B 195 5.76 -4.32 -20.15
N LEU B 196 5.31 -5.47 -19.68
CA LEU B 196 5.90 -6.74 -20.08
C LEU B 196 5.56 -7.11 -21.52
N LEU B 197 4.51 -6.52 -22.07
CA LEU B 197 4.07 -6.86 -23.43
C LEU B 197 5.13 -6.60 -24.51
N ASN B 198 6.00 -5.62 -24.30
CA ASN B 198 7.02 -5.28 -25.30
C ASN B 198 8.45 -5.50 -24.80
N THR B 199 8.61 -6.28 -23.72
CA THR B 199 9.91 -6.42 -23.07
C THR B 199 10.52 -7.80 -23.19
N ASP B 200 11.77 -7.85 -23.60
CA ASP B 200 12.50 -9.10 -23.59
C ASP B 200 13.33 -9.01 -22.31
N MET B 201 12.79 -9.56 -21.22
CA MET B 201 13.43 -9.45 -19.92
C MET B 201 14.81 -10.09 -19.84
N GLU B 202 14.98 -11.29 -20.40
CA GLU B 202 16.28 -11.97 -20.35
C GLU B 202 17.30 -11.17 -21.14
N PHE B 203 16.93 -10.67 -22.31
CA PHE B 203 17.88 -9.93 -23.11
C PHE B 203 18.35 -8.66 -22.38
N GLU B 204 17.41 -7.92 -21.80
CA GLU B 204 17.75 -6.70 -21.07
C GLU B 204 18.65 -6.98 -19.87
N LEU B 205 18.35 -8.03 -19.11
CA LEU B 205 19.18 -8.39 -17.95
C LEU B 205 20.58 -8.84 -18.39
N ASP B 206 20.69 -9.57 -19.51
CA ASP B 206 21.98 -9.94 -20.07
C ASP B 206 22.79 -8.70 -20.43
N ASN B 207 22.17 -7.74 -21.11
CA ASN B 207 22.85 -6.51 -21.49
C ASN B 207 23.27 -5.68 -20.29
N PHE B 208 22.43 -5.65 -19.26
CA PHE B 208 22.70 -4.92 -18.04
C PHE B 208 23.99 -5.49 -17.42
N ALA B 209 24.07 -6.81 -17.37
CA ALA B 209 25.25 -7.49 -16.86
C ALA B 209 26.50 -7.24 -17.72
N ARG B 210 26.35 -7.23 -19.05
CA ARG B 210 27.47 -6.91 -19.95
C ARG B 210 28.01 -5.53 -19.65
N PHE B 211 27.09 -4.58 -19.50
CA PHE B 211 27.45 -3.19 -19.23
C PHE B 211 28.25 -3.05 -17.94
N LEU B 212 27.73 -3.64 -16.86
CA LEU B 212 28.37 -3.59 -15.56
C LEU B 212 29.74 -4.27 -15.62
N HIS B 213 29.82 -5.34 -16.39
CA HIS B 213 31.08 -6.03 -16.55
C HIS B 213 32.12 -5.16 -17.28
N MET B 214 31.70 -4.46 -18.32
CA MET B 214 32.58 -3.53 -19.05
C MET B 214 33.06 -2.41 -18.13
N ALA B 215 32.21 -2.01 -17.20
CA ALA B 215 32.54 -0.95 -16.26
C ALA B 215 33.63 -1.40 -15.28
N VAL B 216 33.55 -2.63 -14.77
CA VAL B 216 34.60 -3.08 -13.85
C VAL B 216 35.93 -3.30 -14.61
N ASP B 217 35.85 -3.80 -15.84
CA ASP B 217 37.05 -3.96 -16.67
C ASP B 217 37.74 -2.61 -16.85
N TYR B 218 36.97 -1.58 -17.20
CA TYR B 218 37.54 -0.27 -17.41
C TYR B 218 38.12 0.36 -16.14
N ALA B 219 37.44 0.16 -15.00
CA ALA B 219 37.95 0.68 -13.73
C ALA B 219 39.33 0.10 -13.43
N LYS B 220 39.50 -1.21 -13.61
CA LYS B 220 40.77 -1.87 -13.38
C LYS B 220 41.83 -1.27 -14.28
N GLU B 221 41.46 -1.08 -15.53
CA GLU B 221 42.36 -0.57 -16.53
C GLU B 221 42.95 0.79 -16.19
N ILE B 222 42.11 1.70 -15.68
CA ILE B 222 42.61 3.02 -15.32
C ILE B 222 43.01 3.07 -13.84
N GLY B 223 42.98 1.93 -13.17
CA GLY B 223 43.37 1.88 -11.77
C GLY B 223 42.50 2.68 -10.84
N PHE B 224 41.19 2.73 -11.07
CA PHE B 224 40.26 3.38 -10.14
C PHE B 224 40.04 2.43 -8.99
N GLU B 225 40.33 2.87 -7.77
CA GLU B 225 40.22 1.98 -6.62
C GLU B 225 38.99 2.17 -5.72
N GLY B 226 38.07 3.06 -6.10
CA GLY B 226 36.89 3.27 -5.29
C GLY B 226 35.92 2.10 -5.35
N GLN B 227 35.09 1.94 -4.33
CA GLN B 227 34.11 0.87 -4.28
C GLN B 227 32.95 1.11 -5.26
N PHE B 228 32.61 0.10 -6.07
CA PHE B 228 31.44 0.15 -6.94
C PHE B 228 30.20 -0.17 -6.09
N LEU B 229 29.15 0.62 -6.27
CA LEU B 229 27.92 0.46 -5.52
C LEU B 229 26.70 0.47 -6.43
N ILE B 230 25.77 -0.45 -6.20
CA ILE B 230 24.48 -0.44 -6.90
C ILE B 230 23.47 0.15 -5.90
N GLU B 231 22.59 1.03 -6.37
CA GLU B 231 21.57 1.59 -5.50
C GLU B 231 20.17 1.08 -5.86
N PRO B 232 19.60 0.23 -4.99
CA PRO B 232 18.27 -0.36 -5.21
C PRO B 232 17.12 0.65 -5.11
N LYS B 233 16.09 0.43 -5.92
CA LYS B 233 14.81 1.13 -5.85
C LYS B 233 13.84 0.20 -6.58
N PRO B 234 12.64 -0.03 -6.02
CA PRO B 234 11.67 -0.95 -6.63
C PRO B 234 10.94 -0.46 -7.88
N LYS B 235 10.86 0.86 -8.06
CA LYS B 235 10.08 1.45 -9.14
C LYS B 235 10.24 2.96 -9.12
N GLU B 236 9.55 3.62 -10.05
CA GLU B 236 9.56 5.08 -10.22
C GLU B 236 10.91 5.62 -10.69
N PRO B 237 10.99 6.11 -11.93
CA PRO B 237 9.89 6.22 -12.91
C PRO B 237 9.35 4.96 -13.56
N THR B 238 10.08 3.84 -13.46
CA THR B 238 9.61 2.61 -14.11
C THR B 238 8.52 1.94 -13.29
N LYS B 239 7.81 1.00 -13.90
CA LYS B 239 6.77 0.24 -13.22
C LYS B 239 7.46 -0.84 -12.36
N HIS B 240 8.57 -1.36 -12.88
CA HIS B 240 9.41 -2.30 -12.15
C HIS B 240 10.86 -1.96 -12.46
N GLN B 241 11.64 -1.64 -11.43
CA GLN B 241 13.07 -1.38 -11.62
C GLN B 241 13.81 -2.68 -11.29
N TYR B 242 14.74 -3.09 -12.16
CA TYR B 242 15.43 -4.36 -11.99
C TYR B 242 16.13 -4.54 -10.64
N ASP B 243 16.78 -3.49 -10.17
CA ASP B 243 17.46 -3.49 -8.86
C ASP B 243 16.42 -3.23 -7.76
N PHE B 244 15.41 -4.10 -7.70
CA PHE B 244 14.24 -3.91 -6.85
C PHE B 244 14.56 -3.65 -5.38
N ASP B 245 15.45 -4.45 -4.81
CA ASP B 245 15.86 -4.33 -3.41
C ASP B 245 17.22 -5.04 -3.28
N VAL B 246 17.78 -5.09 -2.07
CA VAL B 246 19.10 -5.69 -1.90
C VAL B 246 19.14 -7.16 -2.37
N ALA B 247 18.14 -7.95 -1.98
CA ALA B 247 18.09 -9.36 -2.41
C ALA B 247 18.03 -9.53 -3.93
N ASN B 248 17.20 -8.74 -4.60
CA ASN B 248 17.13 -8.77 -6.06
C ASN B 248 18.52 -8.52 -6.65
N VAL B 249 19.22 -7.50 -6.14
CA VAL B 249 20.54 -7.16 -6.64
C VAL B 249 21.51 -8.32 -6.45
N LEU B 250 21.51 -8.92 -5.25
CA LEU B 250 22.37 -10.06 -4.97
C LEU B 250 22.09 -11.26 -5.88
N ALA B 251 20.81 -11.52 -6.17
CA ALA B 251 20.41 -12.61 -7.06
C ALA B 251 21.02 -12.38 -8.44
N PHE B 252 20.96 -11.12 -8.88
CA PHE B 252 21.51 -10.71 -10.17
C PHE B 252 23.04 -10.82 -10.20
N LEU B 253 23.71 -10.19 -9.24
CA LEU B 253 25.17 -10.20 -9.19
C LEU B 253 25.73 -11.62 -9.12
N ARG B 254 25.10 -12.49 -8.34
CA ARG B 254 25.57 -13.87 -8.21
C ARG B 254 25.39 -14.66 -9.50
N LYS B 255 24.26 -14.47 -10.18
CA LYS B 255 24.02 -15.16 -11.43
C LYS B 255 25.06 -14.78 -12.50
N TYR B 256 25.36 -13.50 -12.63
CA TYR B 256 26.28 -13.04 -13.66
C TYR B 256 27.71 -12.92 -13.18
N ASP B 257 28.00 -13.48 -12.02
CA ASP B 257 29.35 -13.51 -11.52
C ASP B 257 29.97 -12.11 -11.35
N LEU B 258 29.19 -11.18 -10.82
CA LEU B 258 29.62 -9.79 -10.61
C LEU B 258 29.69 -9.47 -9.12
N ASP B 259 29.22 -10.41 -8.30
CA ASP B 259 29.14 -10.19 -6.85
C ASP B 259 30.43 -9.84 -6.11
N LYS B 260 31.60 -10.13 -6.67
CA LYS B 260 32.81 -9.80 -5.94
C LYS B 260 33.25 -8.35 -6.15
N TYR B 261 32.56 -7.63 -7.03
CA TYR B 261 32.94 -6.24 -7.34
C TYR B 261 32.01 -5.20 -6.76
N PHE B 262 30.78 -5.60 -6.43
CA PHE B 262 29.78 -4.63 -5.98
C PHE B 262 29.31 -4.74 -4.54
N LYS B 263 29.03 -3.59 -3.95
CA LYS B 263 28.30 -3.51 -2.70
C LYS B 263 27.09 -2.61 -2.99
N VAL B 264 26.25 -2.39 -1.99
CA VAL B 264 25.05 -1.58 -2.23
C VAL B 264 25.05 -0.26 -1.46
N ASN B 265 24.40 0.73 -2.09
CA ASN B 265 24.14 2.03 -1.48
C ASN B 265 22.66 1.96 -1.15
N ILE B 266 22.33 1.89 0.14
CA ILE B 266 20.93 1.75 0.54
C ILE B 266 20.35 3.11 0.91
N GLU B 267 19.19 3.42 0.32
CA GLU B 267 18.49 4.66 0.62
C GLU B 267 17.22 4.33 1.40
N ALA B 268 17.01 5.02 2.53
CA ALA B 268 15.84 4.74 3.38
C ALA B 268 14.51 4.76 2.61
N ASN B 269 14.28 5.83 1.85
CA ASN B 269 13.02 5.98 1.12
C ASN B 269 12.83 4.84 0.10
N HIS B 270 13.92 4.38 -0.49
CA HIS B 270 13.83 3.31 -1.49
C HIS B 270 13.56 1.95 -0.85
N ALA B 271 14.04 1.76 0.37
CA ALA B 271 13.78 0.53 1.11
C ALA B 271 12.29 0.42 1.46
N THR B 272 11.73 1.49 2.02
CA THR B 272 10.32 1.47 2.44
C THR B 272 9.36 1.41 1.25
N LEU B 273 9.79 1.95 0.11
CA LEU B 273 9.02 1.89 -1.12
C LEU B 273 8.88 0.43 -1.60
N ALA B 274 9.86 -0.41 -1.25
CA ALA B 274 9.81 -1.85 -1.55
C ALA B 274 9.15 -2.62 -0.42
N PHE B 275 8.65 -1.91 0.59
CA PHE B 275 8.01 -2.52 1.75
C PHE B 275 8.96 -3.31 2.66
N HIS B 276 10.15 -2.77 2.85
CA HIS B 276 11.12 -3.29 3.80
C HIS B 276 11.39 -2.13 4.73
N ASP B 277 11.58 -2.38 6.02
CA ASP B 277 12.07 -1.32 6.90
C ASP B 277 13.50 -1.01 6.48
N PHE B 278 13.89 0.25 6.62
CA PHE B 278 15.25 0.70 6.34
C PHE B 278 16.24 -0.24 7.05
N GLN B 279 15.97 -0.53 8.32
CA GLN B 279 16.85 -1.38 9.12
C GLN B 279 16.94 -2.81 8.56
N HIS B 280 15.85 -3.34 8.00
CA HIS B 280 15.89 -4.69 7.45
C HIS B 280 16.90 -4.75 6.32
N GLU B 281 16.81 -3.76 5.43
CA GLU B 281 17.64 -3.68 4.25
C GLU B 281 19.11 -3.48 4.65
N LEU B 282 19.35 -2.70 5.70
CA LEU B 282 20.70 -2.47 6.23
C LEU B 282 21.24 -3.78 6.82
N ARG B 283 20.42 -4.46 7.60
CA ARG B 283 20.83 -5.71 8.22
C ARG B 283 21.15 -6.79 7.20
N TYR B 284 20.25 -6.95 6.23
CA TYR B 284 20.41 -7.96 5.19
C TYR B 284 21.69 -7.72 4.39
N ALA B 285 21.98 -6.46 4.06
CA ALA B 285 23.20 -6.10 3.35
C ALA B 285 24.44 -6.43 4.20
N ARG B 286 24.38 -6.09 5.49
CA ARG B 286 25.45 -6.35 6.45
C ARG B 286 25.85 -7.82 6.50
N ILE B 287 24.90 -8.70 6.83
CA ILE B 287 25.23 -10.12 6.93
C ILE B 287 25.69 -10.70 5.58
N ASN B 288 25.45 -10.00 4.48
CA ASN B 288 25.92 -10.47 3.18
C ASN B 288 27.20 -9.75 2.75
N GLY B 289 27.75 -8.95 3.65
CA GLY B 289 28.97 -8.24 3.38
C GLY B 289 28.86 -7.18 2.29
N VAL B 290 27.66 -6.65 2.05
CA VAL B 290 27.49 -5.65 1.00
C VAL B 290 26.93 -4.30 1.42
N LEU B 291 26.90 -4.01 2.73
CA LEU B 291 26.50 -2.68 3.18
C LEU B 291 27.64 -1.72 2.86
N GLY B 292 27.53 -1.00 1.74
CA GLY B 292 28.62 -0.15 1.31
C GLY B 292 28.54 1.30 1.75
N SER B 293 27.37 1.91 1.56
CA SER B 293 27.16 3.30 1.90
C SER B 293 25.66 3.52 2.10
N ILE B 294 25.29 4.69 2.61
CA ILE B 294 23.90 5.00 2.92
C ILE B 294 23.49 6.36 2.37
N ASP B 295 22.28 6.42 1.81
CA ASP B 295 21.66 7.68 1.44
C ASP B 295 20.70 7.99 2.57
N ALA B 296 21.08 8.95 3.41
CA ALA B 296 20.35 9.31 4.60
C ALA B 296 19.15 10.20 4.31
N ASN B 297 17.95 9.62 4.38
CA ASN B 297 16.73 10.39 4.21
C ASN B 297 15.57 9.61 4.79
N THR B 298 14.36 10.08 4.51
CA THR B 298 13.18 9.34 4.86
C THR B 298 12.11 9.60 3.83
N GLY B 299 11.26 8.61 3.65
CA GLY B 299 10.06 8.81 2.88
C GLY B 299 8.91 8.92 3.86
N ASP B 300 7.69 8.89 3.33
CA ASP B 300 6.50 8.89 4.15
C ASP B 300 5.86 7.56 3.78
N MET B 301 5.67 6.69 4.77
CA MET B 301 5.11 5.37 4.50
C MET B 301 3.66 5.34 4.05
N LEU B 302 2.99 6.49 4.08
CA LEU B 302 1.63 6.57 3.57
C LEU B 302 1.61 7.12 2.14
N LEU B 303 2.77 7.54 1.64
CA LEU B 303 2.87 8.09 0.29
C LEU B 303 3.67 7.14 -0.58
N GLY B 304 3.10 6.73 -1.71
CA GLY B 304 3.72 5.73 -2.54
C GLY B 304 4.71 6.20 -3.59
N TRP B 305 5.37 7.33 -3.32
CA TRP B 305 6.38 7.85 -4.23
C TRP B 305 7.57 8.32 -3.39
N ASP B 306 8.70 8.51 -4.07
CA ASP B 306 9.95 8.94 -3.44
C ASP B 306 9.81 10.41 -3.03
N THR B 307 9.80 10.69 -1.72
CA THR B 307 9.70 12.07 -1.25
C THR B 307 11.07 12.69 -0.92
N ASP B 308 12.05 11.86 -0.59
CA ASP B 308 13.40 12.33 -0.25
C ASP B 308 13.43 13.42 0.80
N GLN B 309 12.78 13.18 1.93
CA GLN B 309 12.74 14.15 3.01
C GLN B 309 13.97 14.05 3.88
N PHE B 310 14.33 15.15 4.54
CA PHE B 310 15.43 15.11 5.51
C PHE B 310 14.98 14.23 6.66
N PRO B 311 15.85 13.33 7.14
CA PRO B 311 15.49 12.42 8.24
C PRO B 311 15.43 13.12 9.59
N THR B 312 14.30 13.02 10.28
CA THR B 312 14.18 13.63 11.60
C THR B 312 13.65 12.65 12.65
N ASP B 313 13.44 11.40 12.26
CA ASP B 313 12.96 10.39 13.21
C ASP B 313 14.19 9.74 13.87
N ILE B 314 14.46 10.14 15.10
CA ILE B 314 15.63 9.66 15.82
C ILE B 314 15.56 8.20 16.26
N ARG B 315 14.35 7.65 16.34
CA ARG B 315 14.19 6.22 16.63
C ARG B 315 14.71 5.43 15.41
N MET B 316 14.42 5.94 14.21
CA MET B 316 14.88 5.29 13.00
C MET B 316 16.37 5.46 12.76
N THR B 317 16.92 6.65 13.04
CA THR B 317 18.35 6.88 12.86
C THR B 317 19.16 6.01 13.83
N THR B 318 18.60 5.78 15.02
CA THR B 318 19.24 4.90 16.01
C THR B 318 19.32 3.47 15.46
N LEU B 319 18.19 2.93 15.01
CA LEU B 319 18.15 1.58 14.47
C LEU B 319 19.04 1.42 13.24
N ALA B 320 19.18 2.50 12.47
CA ALA B 320 20.04 2.48 11.29
C ALA B 320 21.51 2.44 11.71
N MET B 321 21.88 3.36 12.61
CA MET B 321 23.27 3.44 13.05
C MET B 321 23.69 2.20 13.83
N TYR B 322 22.73 1.53 14.47
CA TYR B 322 23.02 0.28 15.18
C TYR B 322 23.67 -0.70 14.18
N GLU B 323 23.10 -0.78 12.98
CA GLU B 323 23.61 -1.69 11.96
C GLU B 323 25.01 -1.28 11.50
N VAL B 324 25.23 0.01 11.30
CA VAL B 324 26.54 0.48 10.86
C VAL B 324 27.62 0.23 11.91
N ILE B 325 27.28 0.39 13.18
CA ILE B 325 28.25 0.16 14.24
C ILE B 325 28.55 -1.33 14.36
N LYS B 326 27.52 -2.17 14.18
CA LYS B 326 27.69 -3.61 14.24
C LYS B 326 28.66 -4.15 13.19
N MET B 327 28.76 -3.49 12.05
CA MET B 327 29.70 -3.97 11.04
C MET B 327 31.08 -3.35 11.22
N GLY B 328 31.24 -2.55 12.27
CA GLY B 328 32.53 -1.92 12.51
C GLY B 328 32.65 -0.51 11.99
N GLY B 329 31.53 0.12 11.62
CA GLY B 329 31.56 1.48 11.11
C GLY B 329 31.78 1.55 9.62
N PHE B 330 31.72 2.74 9.05
CA PHE B 330 31.93 2.92 7.63
C PHE B 330 33.37 2.63 7.27
N ASP B 331 33.56 2.24 6.01
CA ASP B 331 34.87 1.97 5.47
C ASP B 331 35.06 3.10 4.47
N LYS B 332 34.55 2.96 3.26
CA LYS B 332 34.63 4.02 2.25
C LYS B 332 33.30 4.77 2.10
N GLY B 333 32.23 4.18 2.63
CA GLY B 333 30.92 4.79 2.53
C GLY B 333 30.70 5.91 3.52
N GLY B 334 29.49 6.44 3.55
CA GLY B 334 29.17 7.52 4.46
C GLY B 334 27.68 7.76 4.49
N LEU B 335 27.27 8.88 5.08
CA LEU B 335 25.86 9.26 5.15
C LEU B 335 25.61 10.41 4.18
N ASN B 336 25.19 10.08 2.96
CA ASN B 336 24.92 11.07 1.93
C ASN B 336 23.46 11.54 2.02
N PHE B 337 23.27 12.83 2.22
CA PHE B 337 21.92 13.38 2.32
C PHE B 337 21.21 13.50 0.98
N ASP B 338 20.67 12.40 0.50
CA ASP B 338 19.87 12.40 -0.72
C ASP B 338 18.47 12.85 -0.30
N ALA B 339 18.38 14.12 0.05
CA ALA B 339 17.16 14.68 0.59
C ALA B 339 17.05 16.09 0.04
N LYS B 340 15.83 16.58 -0.11
CA LYS B 340 15.61 17.92 -0.62
C LYS B 340 14.62 18.64 0.28
N VAL B 341 14.72 19.96 0.33
CA VAL B 341 13.77 20.76 1.10
C VAL B 341 12.38 20.64 0.43
N ARG B 342 11.32 20.71 1.23
CA ARG B 342 9.95 20.66 0.72
C ARG B 342 9.74 21.82 -0.25
N ARG B 343 8.81 21.66 -1.19
CA ARG B 343 8.53 22.71 -2.16
C ARG B 343 8.14 24.03 -1.48
N ALA B 344 7.56 23.94 -0.28
CA ALA B 344 7.16 25.11 0.51
C ALA B 344 8.29 25.74 1.31
N SER B 345 9.43 25.05 1.39
CA SER B 345 10.63 25.55 2.08
C SER B 345 11.57 26.08 1.01
N PHE B 346 11.21 27.20 0.39
CA PHE B 346 11.90 27.71 -0.78
C PHE B 346 12.91 28.84 -0.56
N GLU B 347 13.10 29.26 0.69
CA GLU B 347 14.06 30.32 0.97
C GLU B 347 15.45 29.68 1.14
N PRO B 348 16.51 30.37 0.69
CA PRO B 348 17.90 29.89 0.76
C PRO B 348 18.28 29.25 2.08
N GLU B 349 17.96 29.89 3.19
CA GLU B 349 18.35 29.37 4.49
C GLU B 349 17.69 28.05 4.88
N ASP B 350 16.61 27.69 4.18
CA ASP B 350 15.97 26.40 4.42
C ASP B 350 16.95 25.27 4.08
N LEU B 351 17.87 25.51 3.13
CA LEU B 351 18.89 24.52 2.80
C LEU B 351 19.70 24.19 4.05
N PHE B 352 20.00 25.21 4.84
CA PHE B 352 20.74 25.02 6.08
C PHE B 352 19.89 24.32 7.12
N LEU B 353 18.65 24.77 7.27
CA LEU B 353 17.75 24.20 8.28
C LEU B 353 17.45 22.73 8.01
N GLY B 354 17.32 22.37 6.74
CA GLY B 354 17.08 20.98 6.39
C GLY B 354 18.25 20.10 6.80
N HIS B 355 19.47 20.50 6.43
CA HIS B 355 20.65 19.73 6.76
C HIS B 355 20.94 19.64 8.25
N ILE B 356 20.72 20.74 8.98
CA ILE B 356 20.91 20.73 10.43
C ILE B 356 19.97 19.69 11.06
N ALA B 357 18.71 19.67 10.60
CA ALA B 357 17.74 18.71 11.11
C ALA B 357 18.20 17.27 10.92
N GLY B 358 18.67 16.95 9.72
CA GLY B 358 19.14 15.61 9.41
C GLY B 358 20.45 15.22 10.09
N MET B 359 21.41 16.14 10.15
CA MET B 359 22.69 15.88 10.81
C MET B 359 22.51 15.69 12.31
N ASP B 360 21.66 16.51 12.93
CA ASP B 360 21.37 16.34 14.35
C ASP B 360 20.68 15.01 14.63
N ALA B 361 19.70 14.64 13.80
CA ALA B 361 18.98 13.38 13.98
C ALA B 361 19.92 12.17 13.88
N PHE B 362 20.84 12.20 12.91
CA PHE B 362 21.78 11.10 12.78
C PHE B 362 22.85 11.08 13.88
N ALA B 363 23.31 12.26 14.31
CA ALA B 363 24.30 12.33 15.38
C ALA B 363 23.71 11.75 16.68
N LYS B 364 22.48 12.15 16.99
CA LYS B 364 21.81 11.65 18.19
C LYS B 364 21.60 10.13 18.12
N GLY B 365 21.14 9.66 16.96
CA GLY B 365 20.92 8.24 16.76
C GLY B 365 22.21 7.44 16.90
N PHE B 366 23.32 8.00 16.38
CA PHE B 366 24.61 7.35 16.50
C PHE B 366 24.98 7.16 17.97
N LYS B 367 24.86 8.23 18.76
CA LYS B 367 25.19 8.16 20.18
C LYS B 367 24.38 7.15 20.96
N VAL B 368 23.09 7.03 20.65
CA VAL B 368 22.24 6.04 21.32
C VAL B 368 22.59 4.63 20.86
N ALA B 369 22.72 4.45 19.54
CA ALA B 369 23.03 3.13 18.98
C ALA B 369 24.34 2.63 19.59
N TYR B 370 25.28 3.54 19.72
CA TYR B 370 26.57 3.22 20.27
C TYR B 370 26.48 2.66 21.71
N LYS B 371 25.63 3.25 22.55
CA LYS B 371 25.40 2.72 23.91
C LYS B 371 24.68 1.36 23.84
N LEU B 372 23.76 1.20 22.89
CA LEU B 372 23.06 -0.07 22.74
C LEU B 372 24.04 -1.19 22.39
N VAL B 373 25.00 -0.90 21.53
CA VAL B 373 25.99 -1.89 21.16
C VAL B 373 26.98 -2.14 22.32
N LYS B 374 27.51 -1.06 22.89
CA LYS B 374 28.47 -1.16 23.98
C LYS B 374 27.92 -1.95 25.18
N ASP B 375 26.68 -1.69 25.57
CA ASP B 375 26.07 -2.40 26.70
C ASP B 375 25.56 -3.79 26.33
N ARG B 376 25.66 -4.14 25.05
CA ARG B 376 25.21 -5.44 24.54
C ARG B 376 23.76 -5.76 24.93
N VAL B 377 22.92 -4.72 24.95
CA VAL B 377 21.53 -4.84 25.38
C VAL B 377 20.75 -5.91 24.62
N PHE B 378 20.79 -5.88 23.29
CA PHE B 378 20.06 -6.85 22.50
C PHE B 378 20.86 -8.13 22.32
N ASP B 379 22.19 -8.00 22.26
CA ASP B 379 23.05 -9.17 22.10
C ASP B 379 23.00 -10.20 23.23
N LYS B 380 22.91 -9.74 24.48
CA LYS B 380 22.79 -10.65 25.61
C LYS B 380 21.54 -11.49 25.46
N PHE B 381 20.44 -10.84 25.11
CA PHE B 381 19.17 -11.56 24.98
C PHE B 381 19.23 -12.55 23.83
N ILE B 382 19.85 -12.14 22.72
CA ILE B 382 19.98 -13.02 21.57
C ILE B 382 20.84 -14.26 21.90
N GLU B 383 21.90 -14.08 22.68
CA GLU B 383 22.74 -15.18 23.13
C GLU B 383 21.95 -16.19 23.95
N GLU B 384 21.19 -15.69 24.92
CA GLU B 384 20.37 -16.56 25.77
C GLU B 384 19.27 -17.24 24.95
N ARG B 385 18.70 -16.49 24.01
CA ARG B 385 17.61 -16.95 23.18
C ARG B 385 17.95 -18.17 22.32
N TYR B 386 19.15 -18.17 21.72
CA TYR B 386 19.58 -19.25 20.84
C TYR B 386 20.55 -20.24 21.51
N ALA B 387 20.60 -20.22 22.84
CA ALA B 387 21.57 -21.03 23.57
C ALA B 387 21.48 -22.53 23.36
N SER B 388 20.33 -23.03 22.92
CA SER B 388 20.15 -24.47 22.74
C SER B 388 21.03 -25.03 21.64
N TYR B 389 21.59 -24.15 20.81
CA TYR B 389 22.49 -24.58 19.75
C TYR B 389 23.94 -24.65 20.20
N LYS B 390 24.20 -24.35 21.47
CA LYS B 390 25.57 -24.39 22.00
C LYS B 390 26.00 -25.80 22.43
N ASP B 391 25.06 -26.69 22.69
CA ASP B 391 25.38 -28.06 23.04
C ASP B 391 24.24 -29.01 22.67
N GLY B 392 24.37 -30.27 23.05
CA GLY B 392 23.33 -31.25 22.75
C GLY B 392 23.05 -31.37 21.27
N ILE B 393 21.80 -31.68 20.94
CA ILE B 393 21.39 -31.86 19.57
C ILE B 393 21.65 -30.60 18.72
N GLY B 394 21.53 -29.43 19.33
CA GLY B 394 21.75 -28.19 18.61
C GLY B 394 23.17 -28.06 18.09
N ALA B 395 24.13 -28.47 18.92
CA ALA B 395 25.54 -28.44 18.54
C ALA B 395 25.77 -29.41 17.39
N ASP B 396 25.12 -30.56 17.44
CA ASP B 396 25.23 -31.53 16.35
C ASP B 396 24.68 -30.97 15.04
N ILE B 397 23.59 -30.22 15.13
CA ILE B 397 22.99 -29.59 13.96
C ILE B 397 23.95 -28.57 13.33
N VAL B 398 24.51 -27.66 14.13
CA VAL B 398 25.40 -26.65 13.56
C VAL B 398 26.73 -27.22 13.06
N SER B 399 27.20 -28.31 13.65
CA SER B 399 28.49 -28.87 13.28
C SER B 399 28.44 -29.81 12.07
N GLY B 400 27.25 -30.12 11.58
CA GLY B 400 27.15 -30.97 10.41
C GLY B 400 27.07 -32.45 10.74
N LYS B 401 26.93 -32.78 12.02
CA LYS B 401 26.84 -34.19 12.44
C LYS B 401 25.44 -34.76 12.31
N ALA B 402 24.42 -33.95 12.49
CA ALA B 402 23.05 -34.44 12.46
C ALA B 402 22.50 -34.54 11.04
N ASP B 403 21.52 -35.42 10.83
CA ASP B 403 20.83 -35.56 9.56
C ASP B 403 19.39 -35.97 9.86
N PHE B 404 18.56 -36.14 8.84
CA PHE B 404 17.15 -36.46 9.08
C PHE B 404 16.93 -37.72 9.93
N ARG B 405 17.74 -38.76 9.72
CA ARG B 405 17.59 -39.99 10.50
C ARG B 405 17.91 -39.81 11.97
N SER B 406 19.06 -39.19 12.28
CA SER B 406 19.43 -39.00 13.66
C SER B 406 18.47 -38.04 14.37
N LEU B 407 18.05 -36.98 13.68
CA LEU B 407 17.11 -36.02 14.25
C LEU B 407 15.75 -36.67 14.52
N GLU B 408 15.32 -37.56 13.65
CA GLU B 408 14.08 -38.28 13.89
C GLU B 408 14.17 -39.15 15.14
N LYS B 409 15.31 -39.82 15.32
CA LYS B 409 15.55 -40.66 16.49
C LYS B 409 15.41 -39.81 17.75
N TYR B 410 16.03 -38.64 17.70
CA TYR B 410 15.94 -37.69 18.80
C TYR B 410 14.51 -37.23 19.05
N ALA B 411 13.82 -36.78 17.98
CA ALA B 411 12.48 -36.22 18.09
C ALA B 411 11.41 -37.19 18.60
N LEU B 412 11.49 -38.47 18.21
CA LEU B 412 10.54 -39.48 18.69
C LEU B 412 10.67 -39.68 20.21
N GLU B 413 11.87 -39.45 20.72
CA GLU B 413 12.17 -39.64 22.14
C GLU B 413 11.86 -38.46 23.07
N ARG B 414 11.61 -37.28 22.50
CA ARG B 414 11.25 -36.12 23.29
C ARG B 414 9.72 -35.98 23.28
N SER B 415 9.12 -35.66 24.42
CA SER B 415 7.66 -35.56 24.49
C SER B 415 7.19 -34.11 24.58
N GLN B 416 7.94 -33.28 25.29
CA GLN B 416 7.56 -31.91 25.45
C GLN B 416 8.62 -30.98 24.88
N ILE B 417 8.14 -30.06 24.04
CA ILE B 417 8.98 -28.98 23.53
C ILE B 417 8.50 -27.74 24.26
N VAL B 418 9.41 -27.09 24.98
CA VAL B 418 9.07 -25.91 25.75
C VAL B 418 9.76 -24.68 25.15
N ASN B 419 8.98 -23.71 24.69
CA ASN B 419 9.54 -22.47 24.19
C ASN B 419 9.47 -21.37 25.23
N LYS B 420 10.22 -20.30 25.01
CA LYS B 420 10.20 -19.15 25.89
C LYS B 420 9.83 -17.90 25.13
N SER B 421 9.37 -16.89 25.85
CA SER B 421 8.91 -15.64 25.27
C SER B 421 9.95 -14.93 24.42
N GLY B 422 9.49 -14.29 23.35
CA GLY B 422 10.37 -13.50 22.51
C GLY B 422 10.61 -12.10 23.07
N ARG B 423 9.79 -11.69 24.03
CA ARG B 423 9.98 -10.42 24.75
C ARG B 423 10.01 -9.16 23.90
N GLN B 424 9.31 -9.14 22.77
CA GLN B 424 9.34 -7.97 21.91
C GLN B 424 9.00 -6.66 22.64
N GLU B 425 7.91 -6.66 23.42
CA GLU B 425 7.46 -5.46 24.13
C GLU B 425 8.50 -4.95 25.12
N LEU B 426 9.12 -5.88 25.85
CA LEU B 426 10.19 -5.53 26.78
C LEU B 426 11.36 -4.92 26.02
N LEU B 427 11.76 -5.56 24.92
CA LEU B 427 12.87 -5.06 24.12
C LEU B 427 12.60 -3.63 23.61
N GLU B 428 11.37 -3.38 23.16
CA GLU B 428 11.01 -2.05 22.69
C GLU B 428 11.02 -0.98 23.80
N SER B 429 10.60 -1.35 25.01
CA SER B 429 10.62 -0.37 26.10
C SER B 429 12.04 -0.05 26.56
N ILE B 430 12.94 -1.04 26.49
CA ILE B 430 14.35 -0.80 26.82
C ILE B 430 14.97 0.15 25.79
N LEU B 431 14.58 -0.01 24.52
CA LEU B 431 15.05 0.89 23.47
C LEU B 431 14.66 2.33 23.86
N ASN B 432 13.46 2.52 24.41
CA ASN B 432 13.01 3.85 24.82
C ASN B 432 13.80 4.42 25.98
N GLN B 433 14.15 3.57 26.94
CA GLN B 433 14.99 4.00 28.05
C GLN B 433 16.30 4.56 27.51
N TYR B 434 16.91 3.86 26.56
CA TYR B 434 18.15 4.34 25.97
C TYR B 434 17.96 5.60 25.14
N LEU B 435 16.88 5.65 24.37
CA LEU B 435 16.60 6.81 23.53
C LEU B 435 16.46 8.08 24.35
N PHE B 436 15.78 7.97 25.48
CA PHE B 436 15.51 9.14 26.30
C PHE B 436 16.36 9.23 27.57
N ALA B 437 17.51 8.55 27.56
CA ALA B 437 18.44 8.53 28.70
C ALA B 437 18.98 9.93 29.03
N ASN C 1 -0.83 -12.83 45.09
CA ASN C 1 -2.24 -13.19 44.90
C ASN C 1 -2.34 -14.48 44.05
N LYS C 2 -3.56 -14.79 43.59
CA LYS C 2 -3.90 -16.04 42.90
C LYS C 2 -3.43 -16.31 41.48
N TYR C 3 -3.54 -15.35 40.58
CA TYR C 3 -3.29 -15.61 39.17
C TYR C 3 -1.95 -15.13 38.62
N PHE C 4 -1.41 -14.09 39.23
CA PHE C 4 -0.14 -13.53 38.80
C PHE C 4 0.75 -13.42 40.04
N GLU C 5 0.99 -14.56 40.68
CA GLU C 5 1.78 -14.61 41.93
C GLU C 5 3.19 -14.06 41.80
N ASN C 6 3.78 -14.24 40.63
CA ASN C 6 5.14 -13.79 40.38
C ASN C 6 5.26 -12.29 40.18
N VAL C 7 4.13 -11.61 40.00
CA VAL C 7 4.16 -10.17 39.77
C VAL C 7 3.52 -9.42 40.93
N SER C 8 4.26 -8.46 41.47
CA SER C 8 3.78 -7.59 42.51
C SER C 8 3.27 -6.30 41.86
N LYS C 9 2.60 -5.46 42.63
CA LYS C 9 2.05 -4.21 42.14
C LYS C 9 3.13 -3.36 41.46
N ILE C 10 2.84 -2.87 40.25
CA ILE C 10 3.79 -2.08 39.47
C ILE C 10 3.85 -0.63 39.96
N LYS C 11 5.06 -0.16 40.25
CA LYS C 11 5.22 1.18 40.79
C LYS C 11 6.23 1.99 39.97
N TYR C 12 6.13 3.31 40.05
CA TYR C 12 7.03 4.18 39.32
C TYR C 12 8.44 4.15 39.91
N GLU C 13 9.45 3.96 39.07
CA GLU C 13 10.81 3.93 39.55
C GLU C 13 11.76 4.83 38.79
N GLY C 14 11.26 5.56 37.80
CA GLY C 14 12.10 6.48 37.07
C GLY C 14 12.83 5.89 35.88
N PRO C 15 13.36 6.74 34.99
CA PRO C 15 14.05 6.33 33.76
C PRO C 15 15.34 5.55 33.91
N LYS C 16 15.93 5.55 35.10
CA LYS C 16 17.19 4.82 35.30
C LYS C 16 17.02 3.47 35.98
N SER C 17 15.79 3.04 36.25
CA SER C 17 15.54 1.77 36.91
C SER C 17 15.81 0.58 35.99
N ASN C 18 16.39 -0.49 36.53
CA ASN C 18 16.66 -1.70 35.75
C ASN C 18 15.52 -2.70 35.97
N ASN C 19 14.62 -2.40 36.90
CA ASN C 19 13.53 -3.31 37.21
C ASN C 19 12.53 -3.33 36.06
N PRO C 20 12.40 -4.48 35.36
CA PRO C 20 11.44 -4.53 34.26
C PRO C 20 9.98 -4.35 34.70
N TYR C 21 9.67 -4.71 35.94
CA TYR C 21 8.31 -4.55 36.43
C TYR C 21 8.10 -3.24 37.19
N SER C 22 8.27 -2.13 36.49
CA SER C 22 8.09 -0.81 37.05
C SER C 22 7.88 0.21 35.93
N PHE C 23 7.25 1.34 36.25
CA PHE C 23 7.07 2.40 35.27
C PHE C 23 8.33 3.23 35.24
N LYS C 24 8.79 3.56 34.04
CA LYS C 24 9.98 4.37 33.85
C LYS C 24 9.64 5.83 33.62
N PHE C 25 8.45 6.09 33.09
CA PHE C 25 8.05 7.46 32.76
C PHE C 25 6.71 7.81 33.36
N TYR C 26 5.85 6.81 33.53
CA TYR C 26 4.51 7.04 34.05
C TYR C 26 4.50 7.06 35.57
N ASN C 27 4.32 8.24 36.13
CA ASN C 27 4.17 8.39 37.57
C ASN C 27 2.70 8.76 37.79
N PRO C 28 1.87 7.79 38.20
CA PRO C 28 0.43 8.03 38.43
C PRO C 28 0.20 9.25 39.33
N GLU C 29 1.10 9.43 40.29
CA GLU C 29 0.97 10.44 41.32
C GLU C 29 1.41 11.83 40.93
N GLU C 30 2.20 11.95 39.87
CA GLU C 30 2.71 13.26 39.48
C GLU C 30 1.58 14.23 39.15
N VAL C 31 1.67 15.44 39.68
CA VAL C 31 0.65 16.46 39.45
C VAL C 31 1.08 17.47 38.40
N ILE C 32 0.21 17.67 37.41
CA ILE C 32 0.43 18.67 36.37
C ILE C 32 -0.84 19.49 36.28
N ASP C 33 -0.73 20.80 36.51
CA ASP C 33 -1.86 21.73 36.48
C ASP C 33 -3.06 21.30 37.30
N GLY C 34 -2.82 20.88 38.54
CA GLY C 34 -3.93 20.53 39.40
C GLY C 34 -4.55 19.16 39.18
N LYS C 35 -4.02 18.37 38.25
CA LYS C 35 -4.50 17.00 38.04
C LYS C 35 -3.34 16.04 38.03
N THR C 36 -3.55 14.85 38.61
CA THR C 36 -2.52 13.83 38.57
C THR C 36 -2.40 13.27 37.16
N MET C 37 -1.25 12.70 36.86
CA MET C 37 -0.98 12.07 35.59
C MET C 37 -2.04 11.00 35.30
N GLU C 38 -2.45 10.29 36.35
CA GLU C 38 -3.49 9.28 36.24
C GLU C 38 -4.83 9.84 35.74
N GLU C 39 -5.23 11.01 36.21
CA GLU C 39 -6.49 11.57 35.72
C GLU C 39 -6.39 12.30 34.38
N HIS C 40 -5.20 12.72 33.99
CA HIS C 40 -5.00 13.30 32.67
C HIS C 40 -5.15 12.22 31.60
N LEU C 41 -4.54 11.06 31.84
CA LEU C 41 -4.44 10.00 30.85
C LEU C 41 -5.59 9.00 30.78
N ARG C 42 -6.22 8.73 31.92
CA ARG C 42 -7.36 7.80 31.99
C ARG C 42 -7.12 6.48 31.25
N PHE C 43 -6.03 5.79 31.59
CA PHE C 43 -5.69 4.51 30.99
C PHE C 43 -6.77 3.44 31.22
N SER C 44 -7.03 2.66 30.18
CA SER C 44 -8.03 1.61 30.27
C SER C 44 -7.48 0.30 29.72
N ILE C 45 -7.85 -0.81 30.36
CA ILE C 45 -7.43 -2.15 29.94
C ILE C 45 -8.55 -2.75 29.08
N ALA C 46 -8.19 -3.32 27.93
CA ALA C 46 -9.16 -3.96 27.04
C ALA C 46 -9.37 -5.40 27.53
N TYR C 47 -10.58 -5.72 27.97
CA TYR C 47 -10.86 -7.04 28.52
C TYR C 47 -10.63 -8.17 27.50
N TRP C 48 -11.01 -7.93 26.24
CA TRP C 48 -10.89 -8.95 25.20
C TRP C 48 -9.46 -9.41 24.91
N HIS C 49 -8.56 -8.48 24.61
CA HIS C 49 -7.18 -8.87 24.32
C HIS C 49 -6.47 -9.38 25.57
N THR C 50 -6.73 -8.74 26.71
CA THR C 50 -6.02 -9.09 27.92
C THR C 50 -6.42 -10.41 28.58
N PHE C 51 -7.71 -10.74 28.59
CA PHE C 51 -8.14 -11.95 29.29
C PHE C 51 -8.75 -13.04 28.44
N THR C 52 -9.00 -12.80 27.15
CA THR C 52 -9.58 -13.83 26.29
C THR C 52 -8.73 -14.22 25.08
N ALA C 53 -7.87 -13.33 24.61
CA ALA C 53 -7.02 -13.64 23.45
C ALA C 53 -6.04 -14.74 23.82
N ASP C 54 -5.78 -15.66 22.89
CA ASP C 54 -4.93 -16.82 23.21
C ASP C 54 -3.77 -17.07 22.25
N GLY C 55 -3.44 -16.11 21.42
CA GLY C 55 -2.30 -16.26 20.53
C GLY C 55 -2.64 -16.90 19.21
N THR C 56 -3.88 -17.36 19.07
CA THR C 56 -4.33 -17.93 17.82
C THR C 56 -4.22 -16.89 16.71
N ASP C 57 -3.76 -17.32 15.54
CA ASP C 57 -3.82 -16.45 14.37
C ASP C 57 -4.37 -17.30 13.24
N GLN C 58 -4.48 -16.73 12.06
CA GLN C 58 -5.08 -17.41 10.94
C GLN C 58 -4.28 -18.59 10.40
N PHE C 59 -3.03 -18.75 10.87
CA PHE C 59 -2.19 -19.84 10.41
C PHE C 59 -1.76 -20.76 11.53
N GLY C 60 -2.26 -20.53 12.74
CA GLY C 60 -1.82 -21.35 13.84
C GLY C 60 -2.67 -21.31 15.08
N LYS C 61 -2.38 -22.22 15.99
CA LYS C 61 -3.16 -22.37 17.21
C LYS C 61 -2.65 -21.56 18.39
N ALA C 62 -3.36 -21.65 19.51
CA ALA C 62 -3.08 -20.87 20.70
C ALA C 62 -1.70 -21.11 21.28
N THR C 63 -1.05 -20.03 21.71
CA THR C 63 0.27 -20.12 22.32
C THR C 63 0.26 -19.60 23.76
N MET C 64 -0.80 -18.87 24.12
CA MET C 64 -0.85 -18.19 25.41
C MET C 64 -1.01 -19.11 26.61
N GLN C 65 -0.12 -18.91 27.58
CA GLN C 65 -0.15 -19.65 28.84
C GLN C 65 -0.95 -18.82 29.85
N ARG C 66 -2.11 -19.33 30.27
CA ARG C 66 -3.00 -18.60 31.18
C ARG C 66 -3.47 -19.46 32.36
N PRO C 67 -3.32 -18.99 33.59
CA PRO C 67 -3.70 -19.76 34.79
C PRO C 67 -5.15 -20.30 34.83
N TRP C 68 -6.06 -19.66 34.12
CA TRP C 68 -7.46 -20.07 34.11
C TRP C 68 -7.75 -21.03 32.95
N ASN C 69 -6.68 -21.51 32.31
CA ASN C 69 -6.76 -22.42 31.14
C ASN C 69 -7.28 -23.81 31.48
N HIS C 70 -7.16 -24.20 32.75
CA HIS C 70 -7.50 -25.56 33.14
C HIS C 70 -9.00 -25.86 33.29
N TYR C 71 -9.84 -24.82 33.39
CA TYR C 71 -11.26 -25.05 33.56
C TYR C 71 -11.91 -25.54 32.27
N THR C 72 -12.90 -26.41 32.41
CA THR C 72 -13.55 -26.96 31.24
C THR C 72 -14.93 -26.33 31.00
N ASP C 73 -15.67 -26.11 32.08
CA ASP C 73 -16.99 -25.48 32.03
C ASP C 73 -16.84 -23.99 31.68
N PRO C 74 -17.58 -23.51 30.65
CA PRO C 74 -17.53 -22.11 30.21
C PRO C 74 -17.78 -21.07 31.32
N MET C 75 -18.70 -21.37 32.24
CA MET C 75 -18.97 -20.44 33.33
C MET C 75 -17.85 -20.37 34.38
N ASP C 76 -17.18 -21.49 34.61
CA ASP C 76 -16.04 -21.51 35.53
C ASP C 76 -14.91 -20.63 34.98
N ILE C 77 -14.68 -20.72 33.67
CA ILE C 77 -13.69 -19.89 33.00
C ILE C 77 -14.04 -18.41 33.08
N ALA C 78 -15.32 -18.08 32.86
CA ALA C 78 -15.79 -16.69 32.93
C ALA C 78 -15.61 -16.08 34.33
N LYS C 79 -15.86 -16.88 35.36
CA LYS C 79 -15.69 -16.42 36.73
C LYS C 79 -14.23 -16.26 37.10
N ALA C 80 -13.39 -17.19 36.63
CA ALA C 80 -11.96 -17.11 36.90
C ALA C 80 -11.35 -15.87 36.24
N ARG C 81 -11.83 -15.52 35.05
CA ARG C 81 -11.35 -14.33 34.35
C ARG C 81 -11.66 -13.04 35.11
N VAL C 82 -12.85 -12.94 35.70
CA VAL C 82 -13.23 -11.76 36.48
C VAL C 82 -12.26 -11.61 37.65
N GLU C 83 -11.99 -12.69 38.36
CA GLU C 83 -11.03 -12.68 39.46
C GLU C 83 -9.66 -12.22 38.97
N ALA C 84 -9.16 -12.88 37.93
CA ALA C 84 -7.86 -12.53 37.37
C ALA C 84 -7.83 -11.08 36.87
N ALA C 85 -8.93 -10.62 36.29
CA ALA C 85 -9.02 -9.27 35.74
C ALA C 85 -8.83 -8.23 36.84
N PHE C 86 -9.51 -8.42 37.97
CA PHE C 86 -9.41 -7.48 39.06
C PHE C 86 -8.08 -7.54 39.80
N GLU C 87 -7.46 -8.72 39.81
CA GLU C 87 -6.11 -8.82 40.36
C GLU C 87 -5.19 -8.02 39.45
N PHE C 88 -5.36 -8.19 38.15
CA PHE C 88 -4.56 -7.48 37.16
C PHE C 88 -4.75 -5.97 37.25
N PHE C 89 -6.00 -5.50 37.30
CA PHE C 89 -6.30 -4.07 37.40
C PHE C 89 -5.56 -3.45 38.57
N ASP C 90 -5.57 -4.16 39.69
CA ASP C 90 -4.92 -3.68 40.89
C ASP C 90 -3.40 -3.57 40.73
N LYS C 91 -2.78 -4.62 40.17
CA LYS C 91 -1.34 -4.63 39.99
C LYS C 91 -0.81 -3.67 38.93
N ILE C 92 -1.54 -3.53 37.82
CA ILE C 92 -1.11 -2.59 36.77
C ILE C 92 -1.53 -1.16 37.12
N ASN C 93 -2.41 -1.05 38.12
CA ASN C 93 -2.85 0.24 38.62
C ASN C 93 -3.69 1.01 37.59
N ALA C 94 -4.63 0.31 36.97
CA ALA C 94 -5.46 0.89 35.92
C ALA C 94 -6.73 1.52 36.46
N PRO C 95 -7.01 2.78 36.08
CA PRO C 95 -8.24 3.40 36.57
C PRO C 95 -9.51 2.92 35.83
N TYR C 96 -9.33 2.38 34.62
CA TYR C 96 -10.48 1.97 33.81
C TYR C 96 -10.28 0.66 33.07
N PHE C 97 -11.39 0.08 32.62
CA PHE C 97 -11.37 -1.05 31.70
C PHE C 97 -12.59 -1.00 30.78
N CYS C 98 -12.46 -1.64 29.62
CA CYS C 98 -13.53 -1.71 28.62
C CYS C 98 -13.79 -3.17 28.31
N PHE C 99 -15.00 -3.48 27.86
CA PHE C 99 -15.35 -4.87 27.55
C PHE C 99 -16.46 -4.95 26.48
N HIS C 100 -16.56 -6.12 25.87
CA HIS C 100 -17.66 -6.45 24.99
C HIS C 100 -18.53 -7.33 25.87
N ASP C 101 -19.84 -7.28 25.66
CA ASP C 101 -20.72 -8.18 26.38
C ASP C 101 -20.27 -9.65 26.25
N ARG C 102 -19.82 -10.03 25.06
CA ARG C 102 -19.44 -11.43 24.79
C ARG C 102 -18.05 -11.79 25.29
N ASP C 103 -17.28 -10.82 25.81
CA ASP C 103 -15.97 -11.10 26.40
C ASP C 103 -16.15 -11.70 27.79
N ILE C 104 -17.18 -11.24 28.51
CA ILE C 104 -17.32 -11.55 29.94
C ILE C 104 -18.14 -12.78 30.30
N ALA C 105 -18.96 -13.27 29.37
CA ALA C 105 -19.78 -14.45 29.64
C ALA C 105 -20.05 -15.22 28.34
N PRO C 106 -20.21 -16.54 28.45
CA PRO C 106 -20.47 -17.35 27.26
C PRO C 106 -21.93 -17.34 26.81
N GLU C 107 -22.15 -17.43 25.51
CA GLU C 107 -23.50 -17.55 24.95
C GLU C 107 -24.11 -18.90 25.29
N GLY C 108 -25.43 -18.94 25.36
CA GLY C 108 -26.13 -20.18 25.55
C GLY C 108 -26.79 -20.59 24.24
N ASP C 109 -27.70 -21.56 24.31
CA ASP C 109 -28.37 -22.06 23.11
C ASP C 109 -29.48 -21.12 22.65
N THR C 110 -29.94 -20.22 23.52
CA THR C 110 -30.97 -19.24 23.16
C THR C 110 -30.52 -17.89 23.70
N LEU C 111 -31.16 -16.81 23.26
CA LEU C 111 -30.87 -15.48 23.78
C LEU C 111 -31.17 -15.40 25.30
N ARG C 112 -32.26 -16.03 25.75
CA ARG C 112 -32.61 -16.06 27.18
C ARG C 112 -31.48 -16.65 28.01
N GLU C 113 -30.95 -17.79 27.57
CA GLU C 113 -29.84 -18.42 28.29
C GLU C 113 -28.61 -17.52 28.28
N THR C 114 -28.29 -16.96 27.11
CA THR C 114 -27.19 -16.03 26.98
C THR C 114 -27.34 -14.88 27.98
N ASN C 115 -28.54 -14.31 28.06
CA ASN C 115 -28.78 -13.19 28.98
C ASN C 115 -28.73 -13.58 30.45
N LYS C 116 -29.10 -14.81 30.78
CA LYS C 116 -28.99 -15.29 32.16
C LYS C 116 -27.51 -15.43 32.56
N ASN C 117 -26.68 -15.96 31.65
CA ASN C 117 -25.24 -16.09 31.92
C ASN C 117 -24.62 -14.72 32.13
N LEU C 118 -25.04 -13.78 31.29
CA LEU C 118 -24.55 -12.42 31.35
C LEU C 118 -24.91 -11.79 32.70
N ASP C 119 -26.15 -12.01 33.17
CA ASP C 119 -26.59 -11.46 34.45
C ASP C 119 -25.76 -11.97 35.62
N THR C 120 -25.45 -13.27 35.60
CA THR C 120 -24.62 -13.90 36.62
C THR C 120 -23.26 -13.21 36.73
N ILE C 121 -22.58 -13.05 35.59
CA ILE C 121 -21.26 -12.42 35.56
C ILE C 121 -21.33 -10.93 35.89
N VAL C 122 -22.33 -10.24 35.37
CA VAL C 122 -22.49 -8.80 35.66
C VAL C 122 -22.65 -8.59 37.17
N ALA C 123 -23.44 -9.44 37.82
CA ALA C 123 -23.65 -9.37 39.26
C ALA C 123 -22.31 -9.51 39.99
N MET C 124 -21.49 -10.44 39.52
CA MET C 124 -20.17 -10.66 40.10
C MET C 124 -19.24 -9.47 39.91
N ILE C 125 -19.18 -8.93 38.69
CA ILE C 125 -18.34 -7.77 38.41
C ILE C 125 -18.77 -6.61 39.30
N LYS C 126 -20.07 -6.46 39.51
CA LYS C 126 -20.60 -5.41 40.38
C LYS C 126 -20.10 -5.47 41.83
N ASP C 127 -19.96 -6.67 42.38
CA ASP C 127 -19.38 -6.82 43.70
C ASP C 127 -17.93 -6.35 43.72
N TYR C 128 -17.15 -6.79 42.75
CA TYR C 128 -15.76 -6.37 42.66
C TYR C 128 -15.61 -4.87 42.48
N LEU C 129 -16.53 -4.27 41.73
CA LEU C 129 -16.50 -2.84 41.47
C LEU C 129 -16.67 -2.03 42.76
N LYS C 130 -17.36 -2.61 43.76
CA LYS C 130 -17.60 -1.96 45.05
C LYS C 130 -16.34 -1.78 45.88
N THR C 131 -15.33 -2.59 45.60
CA THR C 131 -14.10 -2.55 46.37
C THR C 131 -12.85 -2.27 45.53
N SER C 132 -13.04 -2.09 44.23
CA SER C 132 -11.93 -1.82 43.33
C SER C 132 -11.89 -0.33 43.03
N LYS C 133 -10.73 0.20 42.69
CA LYS C 133 -10.65 1.60 42.29
C LYS C 133 -10.90 1.73 40.78
N THR C 134 -10.83 0.61 40.06
CA THR C 134 -11.03 0.59 38.62
C THR C 134 -12.52 0.69 38.29
N LYS C 135 -12.84 1.51 37.28
CA LYS C 135 -14.22 1.68 36.82
C LYS C 135 -14.34 1.28 35.35
N VAL C 136 -15.58 1.19 34.85
CA VAL C 136 -15.83 0.88 33.45
C VAL C 136 -15.79 2.15 32.61
N LEU C 137 -14.89 2.20 31.62
CA LEU C 137 -14.82 3.37 30.73
C LEU C 137 -15.95 3.26 29.71
N TRP C 138 -15.98 2.17 28.94
CA TRP C 138 -17.09 1.94 28.04
C TRP C 138 -17.39 0.45 27.82
N GLY C 139 -18.64 0.18 27.47
CA GLY C 139 -19.06 -1.17 27.14
C GLY C 139 -19.43 -1.19 25.67
N THR C 140 -19.61 -2.38 25.11
CA THR C 140 -19.97 -2.50 23.71
C THR C 140 -20.52 -3.90 23.47
N ALA C 141 -21.16 -4.08 22.32
CA ALA C 141 -21.72 -5.36 21.96
C ALA C 141 -20.87 -5.99 20.86
N ASN C 142 -20.58 -7.28 21.00
CA ASN C 142 -19.86 -7.99 19.95
C ASN C 142 -20.88 -8.44 18.89
N LEU C 143 -20.97 -7.68 17.80
CA LEU C 143 -21.91 -8.02 16.73
C LEU C 143 -21.16 -8.55 15.49
N PHE C 144 -20.09 -9.31 15.70
CA PHE C 144 -19.29 -9.80 14.58
C PHE C 144 -18.74 -11.24 14.68
N SER C 145 -18.60 -11.78 15.89
CA SER C 145 -18.03 -13.13 16.04
C SER C 145 -18.96 -14.27 15.72
N ASN C 146 -20.19 -14.21 16.21
CA ASN C 146 -21.12 -15.30 16.02
C ASN C 146 -21.46 -15.49 14.55
N PRO C 147 -21.56 -16.75 14.07
CA PRO C 147 -21.88 -17.05 12.67
C PRO C 147 -23.11 -16.32 12.11
N ARG C 148 -24.08 -16.00 12.96
CA ARG C 148 -25.28 -15.34 12.49
C ARG C 148 -24.98 -14.00 11.81
N PHE C 149 -23.86 -13.40 12.18
CA PHE C 149 -23.48 -12.10 11.62
C PHE C 149 -22.69 -12.16 10.29
N VAL C 150 -22.69 -13.32 9.62
CA VAL C 150 -21.98 -13.45 8.34
C VAL C 150 -22.23 -12.32 7.36
N HIS C 151 -23.51 -11.94 7.19
CA HIS C 151 -23.89 -10.93 6.20
C HIS C 151 -24.02 -9.53 6.79
N GLY C 152 -23.62 -9.40 8.06
CA GLY C 152 -23.73 -8.13 8.76
C GLY C 152 -24.63 -8.27 9.97
N ALA C 153 -24.74 -7.20 10.75
CA ALA C 153 -25.65 -7.18 11.90
C ALA C 153 -26.88 -6.37 11.45
N SER C 154 -26.87 -5.05 11.60
CA SER C 154 -27.99 -4.25 11.15
C SER C 154 -28.01 -4.16 9.62
N THR C 155 -26.86 -4.44 8.99
CA THR C 155 -26.79 -4.43 7.53
C THR C 155 -26.98 -5.83 6.94
N SER C 156 -27.41 -6.77 7.78
CA SER C 156 -27.69 -8.13 7.31
C SER C 156 -28.89 -8.13 6.36
N CYS C 157 -28.84 -9.02 5.37
CA CYS C 157 -29.93 -9.17 4.43
C CYS C 157 -31.03 -10.00 5.10
N ASN C 158 -30.73 -10.51 6.29
CA ASN C 158 -31.68 -11.32 7.04
C ASN C 158 -32.28 -10.53 8.21
N ALA C 159 -33.55 -10.15 8.07
CA ALA C 159 -34.28 -9.41 9.09
C ALA C 159 -34.22 -10.00 10.50
N ASP C 160 -34.14 -11.33 10.62
CA ASP C 160 -33.99 -11.97 11.93
C ASP C 160 -32.70 -11.57 12.64
N VAL C 161 -31.65 -11.34 11.86
CA VAL C 161 -30.37 -10.95 12.40
C VAL C 161 -30.46 -9.49 12.87
N PHE C 162 -31.19 -8.67 12.13
CA PHE C 162 -31.40 -7.30 12.56
C PHE C 162 -32.10 -7.32 13.92
N ALA C 163 -33.14 -8.15 14.05
CA ALA C 163 -33.92 -8.27 15.29
C ALA C 163 -33.05 -8.71 16.45
N TYR C 164 -32.22 -9.73 16.20
CA TYR C 164 -31.30 -10.24 17.20
C TYR C 164 -30.31 -9.15 17.63
N SER C 165 -29.75 -8.45 16.64
CA SER C 165 -28.79 -7.38 16.89
C SER C 165 -29.38 -6.31 17.81
N ALA C 166 -30.64 -5.94 17.56
CA ALA C 166 -31.35 -4.96 18.38
C ALA C 166 -31.47 -5.46 19.82
N ALA C 167 -31.85 -6.74 19.97
CA ALA C 167 -31.98 -7.35 21.29
C ALA C 167 -30.66 -7.37 22.05
N GLN C 168 -29.57 -7.72 21.37
CA GLN C 168 -28.26 -7.78 22.00
C GLN C 168 -27.79 -6.40 22.48
N VAL C 169 -27.93 -5.39 21.61
CA VAL C 169 -27.52 -4.04 21.95
C VAL C 169 -28.37 -3.47 23.09
N LYS C 170 -29.67 -3.79 23.10
CA LYS C 170 -30.56 -3.38 24.18
C LYS C 170 -30.01 -3.89 25.52
N LYS C 171 -29.69 -5.18 25.56
CA LYS C 171 -29.11 -5.79 26.75
C LYS C 171 -27.78 -5.15 27.13
N ALA C 172 -26.93 -4.90 26.11
CA ALA C 172 -25.60 -4.33 26.33
C ALA C 172 -25.66 -2.91 26.88
N LEU C 173 -26.63 -2.13 26.43
CA LEU C 173 -26.83 -0.77 26.93
C LEU C 173 -27.24 -0.86 28.39
N GLU C 174 -28.13 -1.80 28.69
CA GLU C 174 -28.59 -1.99 30.06
C GLU C 174 -27.46 -2.36 31.02
N ILE C 175 -26.61 -3.32 30.65
CA ILE C 175 -25.52 -3.69 31.55
C ILE C 175 -24.43 -2.62 31.63
N THR C 176 -24.22 -1.85 30.55
CA THR C 176 -23.25 -0.76 30.59
C THR C 176 -23.71 0.31 31.56
N LYS C 177 -25.01 0.62 31.52
CA LYS C 177 -25.58 1.59 32.43
C LYS C 177 -25.44 1.10 33.87
N GLU C 178 -25.76 -0.17 34.07
CA GLU C 178 -25.69 -0.75 35.41
C GLU C 178 -24.28 -0.79 35.98
N LEU C 179 -23.27 -1.00 35.14
CA LEU C 179 -21.89 -1.03 35.63
C LEU C 179 -21.29 0.37 35.67
N GLY C 180 -22.08 1.37 35.30
CA GLY C 180 -21.61 2.74 35.36
C GLY C 180 -20.67 3.16 34.26
N GLY C 181 -20.79 2.55 33.08
CA GLY C 181 -19.94 2.93 31.97
C GLY C 181 -20.18 4.38 31.55
N GLU C 182 -19.10 5.07 31.19
CA GLU C 182 -19.17 6.48 30.78
C GLU C 182 -19.39 6.70 29.29
N ASN C 183 -19.21 5.66 28.48
CA ASN C 183 -19.43 5.74 27.04
C ASN C 183 -20.00 4.39 26.61
N TYR C 184 -20.42 4.33 25.36
CA TYR C 184 -20.85 3.09 24.76
C TYR C 184 -20.36 3.16 23.32
N VAL C 185 -19.68 2.10 22.87
CA VAL C 185 -19.05 2.08 21.56
C VAL C 185 -19.75 1.17 20.53
N PHE C 186 -19.72 1.61 19.27
CA PHE C 186 -20.22 0.81 18.16
C PHE C 186 -19.07 0.58 17.18
N TRP C 187 -18.60 -0.65 17.07
CA TRP C 187 -17.62 -0.99 16.02
C TRP C 187 -18.30 -1.93 15.04
N GLY C 188 -18.56 -1.43 13.83
CA GLY C 188 -19.26 -2.23 12.83
C GLY C 188 -18.42 -3.25 12.07
N GLY C 189 -17.89 -4.24 12.79
CA GLY C 189 -17.03 -5.25 12.19
C GLY C 189 -17.55 -5.93 10.94
N ARG C 190 -18.84 -6.26 10.93
CA ARG C 190 -19.45 -6.90 9.78
C ARG C 190 -20.36 -5.93 9.04
N GLU C 191 -20.33 -4.65 9.41
CA GLU C 191 -21.17 -3.66 8.74
C GLU C 191 -20.40 -3.07 7.56
N GLY C 192 -20.46 -3.79 6.44
CA GLY C 192 -19.80 -3.40 5.22
C GLY C 192 -20.16 -4.45 4.19
N TYR C 193 -19.36 -4.63 3.15
CA TYR C 193 -19.65 -5.66 2.17
C TYR C 193 -18.40 -6.39 1.73
N GLU C 194 -18.60 -7.54 1.09
CA GLU C 194 -17.49 -8.31 0.54
C GLU C 194 -17.47 -8.18 -0.98
N THR C 195 -18.65 -8.06 -1.59
CA THR C 195 -18.76 -7.84 -3.03
C THR C 195 -19.95 -6.95 -3.33
N LEU C 196 -19.77 -6.00 -4.24
CA LEU C 196 -20.86 -5.13 -4.66
C LEU C 196 -21.90 -5.85 -5.50
N LEU C 197 -21.54 -6.99 -6.07
CA LEU C 197 -22.45 -7.73 -6.96
C LEU C 197 -23.75 -8.17 -6.29
N ASN C 198 -23.71 -8.43 -4.99
CA ASN C 198 -24.90 -8.89 -4.26
C ASN C 198 -25.37 -7.91 -3.18
N THR C 199 -24.92 -6.67 -3.25
CA THR C 199 -25.18 -5.70 -2.19
C THR C 199 -26.10 -4.56 -2.59
N ASP C 200 -27.12 -4.32 -1.77
CA ASP C 200 -27.95 -3.15 -1.97
C ASP C 200 -27.39 -2.15 -0.97
N MET C 201 -26.48 -1.31 -1.42
CA MET C 201 -25.79 -0.37 -0.54
C MET C 201 -26.72 0.64 0.15
N GLU C 202 -27.67 1.22 -0.60
CA GLU C 202 -28.58 2.19 -0.01
C GLU C 202 -29.44 1.54 1.05
N PHE C 203 -29.95 0.34 0.77
CA PHE C 203 -30.80 -0.32 1.74
C PHE C 203 -30.05 -0.61 3.03
N GLU C 204 -28.83 -1.12 2.91
CA GLU C 204 -28.02 -1.44 4.09
C GLU C 204 -27.69 -0.20 4.90
N LEU C 205 -27.34 0.91 4.24
CA LEU C 205 -27.04 2.15 4.95
C LEU C 205 -28.30 2.73 5.63
N ASP C 206 -29.46 2.60 4.98
CA ASP C 206 -30.73 3.01 5.60
C ASP C 206 -30.99 2.20 6.88
N ASN C 207 -30.82 0.89 6.80
CA ASN C 207 -31.03 0.03 7.96
C ASN C 207 -30.04 0.31 9.10
N PHE C 208 -28.79 0.61 8.72
CA PHE C 208 -27.75 0.91 9.69
C PHE C 208 -28.19 2.16 10.46
N ALA C 209 -28.68 3.16 9.75
CA ALA C 209 -29.17 4.38 10.37
C ALA C 209 -30.42 4.14 11.25
N ARG C 210 -31.34 3.27 10.80
CA ARG C 210 -32.50 2.91 11.61
C ARG C 210 -32.06 2.31 12.93
N PHE C 211 -31.12 1.39 12.84
CA PHE C 211 -30.59 0.69 14.01
C PHE C 211 -30.00 1.67 15.04
N LEU C 212 -29.12 2.54 14.57
CA LEU C 212 -28.46 3.53 15.40
C LEU C 212 -29.49 4.46 16.02
N HIS C 213 -30.52 4.79 15.25
CA HIS C 213 -31.57 5.65 15.74
C HIS C 213 -32.37 4.97 16.86
N MET C 214 -32.68 3.69 16.71
CA MET C 214 -33.36 2.92 17.74
C MET C 214 -32.52 2.84 19.01
N ALA C 215 -31.20 2.80 18.84
CA ALA C 215 -30.30 2.74 19.98
C ALA C 215 -30.30 4.04 20.78
N VAL C 216 -30.32 5.19 20.11
CA VAL C 216 -30.36 6.45 20.87
C VAL C 216 -31.73 6.63 21.55
N ASP C 217 -32.80 6.22 20.88
CA ASP C 217 -34.14 6.27 21.49
C ASP C 217 -34.15 5.45 22.77
N TYR C 218 -33.62 4.23 22.71
CA TYR C 218 -33.63 3.38 23.88
C TYR C 218 -32.75 3.91 25.02
N ALA C 219 -31.59 4.48 24.68
CA ALA C 219 -30.71 5.06 25.69
C ALA C 219 -31.43 6.16 26.47
N LYS C 220 -32.15 7.04 25.76
CA LYS C 220 -32.91 8.12 26.39
C LYS C 220 -33.93 7.52 27.33
N GLU C 221 -34.61 6.51 26.85
CA GLU C 221 -35.68 5.88 27.58
C GLU C 221 -35.24 5.33 28.92
N ILE C 222 -34.09 4.68 28.97
CA ILE C 222 -33.58 4.14 30.22
C ILE C 222 -32.68 5.14 30.94
N GLY C 223 -32.56 6.35 30.40
CA GLY C 223 -31.73 7.36 31.02
C GLY C 223 -30.26 7.03 31.08
N PHE C 224 -29.71 6.39 30.05
CA PHE C 224 -28.27 6.14 29.98
C PHE C 224 -27.61 7.43 29.53
N GLU C 225 -26.69 7.95 30.32
CA GLU C 225 -26.08 9.23 30.00
C GLU C 225 -24.67 9.19 29.40
N GLY C 226 -24.13 7.99 29.15
CA GLY C 226 -22.79 7.90 28.59
C GLY C 226 -22.75 8.35 27.13
N GLN C 227 -21.58 8.77 26.67
CA GLN C 227 -21.40 9.21 25.29
C GLN C 227 -21.42 8.04 24.31
N PHE C 228 -22.22 8.14 23.25
CA PHE C 228 -22.23 7.16 22.17
C PHE C 228 -21.04 7.44 21.26
N LEU C 229 -20.32 6.38 20.87
CA LEU C 229 -19.14 6.50 20.03
C LEU C 229 -19.17 5.50 18.89
N ILE C 230 -18.82 5.96 17.69
CA ILE C 230 -18.64 5.06 16.55
C ILE C 230 -17.13 4.88 16.39
N GLU C 231 -16.69 3.65 16.13
CA GLU C 231 -15.26 3.40 15.92
C GLU C 231 -14.97 3.04 14.47
N PRO C 232 -14.31 3.96 13.74
CA PRO C 232 -13.97 3.76 12.33
C PRO C 232 -12.90 2.69 12.09
N LYS C 233 -13.04 1.99 10.96
CA LYS C 233 -12.04 1.06 10.43
C LYS C 233 -12.41 0.93 8.95
N PRO C 234 -11.41 0.99 8.04
CA PRO C 234 -11.68 0.92 6.60
C PRO C 234 -12.06 -0.44 6.03
N LYS C 235 -11.68 -1.51 6.72
CA LYS C 235 -11.86 -2.86 6.21
C LYS C 235 -11.38 -3.87 7.24
N GLU C 236 -11.48 -5.15 6.88
CA GLU C 236 -11.07 -6.28 7.71
C GLU C 236 -11.96 -6.45 8.95
N PRO C 237 -12.77 -7.53 8.99
CA PRO C 237 -12.87 -8.60 7.98
C PRO C 237 -13.54 -8.28 6.64
N THR C 238 -14.27 -7.17 6.54
CA THR C 238 -14.95 -6.85 5.29
C THR C 238 -13.97 -6.27 4.26
N LYS C 239 -14.40 -6.23 3.01
CA LYS C 239 -13.60 -5.66 1.93
C LYS C 239 -13.72 -4.13 2.03
N HIS C 240 -14.89 -3.67 2.42
CA HIS C 240 -15.13 -2.26 2.68
C HIS C 240 -16.03 -2.15 3.91
N GLN C 241 -15.56 -1.47 4.95
CA GLN C 241 -16.39 -1.26 6.14
C GLN C 241 -17.01 0.14 5.99
N TYR C 242 -18.31 0.24 6.24
CA TYR C 242 -19.02 1.50 6.05
C TYR C 242 -18.45 2.69 6.80
N ASP C 243 -18.06 2.47 8.05
CA ASP C 243 -17.43 3.50 8.89
C ASP C 243 -15.95 3.61 8.54
N PHE C 244 -15.67 3.89 7.28
CA PHE C 244 -14.32 3.83 6.72
C PHE C 244 -13.28 4.66 7.48
N ASP C 245 -13.63 5.88 7.83
CA ASP C 245 -12.75 6.79 8.56
C ASP C 245 -13.63 7.87 9.19
N VAL C 246 -13.04 8.84 9.89
CA VAL C 246 -13.85 9.86 10.57
C VAL C 246 -14.76 10.62 9.60
N ALA C 247 -14.21 11.05 8.47
CA ALA C 247 -15.01 11.79 7.48
C ALA C 247 -16.20 10.98 6.95
N ASN C 248 -15.98 9.71 6.62
CA ASN C 248 -17.06 8.83 6.18
C ASN C 248 -18.16 8.80 7.24
N VAL C 249 -17.77 8.63 8.50
CA VAL C 249 -18.75 8.57 9.58
C VAL C 249 -19.55 9.87 9.67
N LEU C 250 -18.87 11.00 9.61
CA LEU C 250 -19.54 12.30 9.65
C LEU C 250 -20.51 12.50 8.48
N ALA C 251 -20.12 12.04 7.29
CA ALA C 251 -20.98 12.15 6.11
C ALA C 251 -22.27 11.37 6.35
N PHE C 252 -22.12 10.20 6.96
CA PHE C 252 -23.24 9.33 7.29
C PHE C 252 -24.13 9.94 8.38
N LEU C 253 -23.54 10.32 9.51
CA LEU C 253 -24.30 10.90 10.62
C LEU C 253 -25.06 12.15 10.21
N ARG C 254 -24.44 13.00 9.41
CA ARG C 254 -25.10 14.23 8.97
C ARG C 254 -26.27 13.95 8.03
N LYS C 255 -26.10 13.00 7.12
CA LYS C 255 -27.18 12.64 6.20
C LYS C 255 -28.40 12.11 6.93
N TYR C 256 -28.20 11.23 7.90
CA TYR C 256 -29.32 10.62 8.61
C TYR C 256 -29.69 11.34 9.90
N ASP C 257 -29.16 12.55 10.07
CA ASP C 257 -29.53 13.37 11.21
C ASP C 257 -29.23 12.69 12.57
N LEU C 258 -28.06 12.07 12.66
CA LEU C 258 -27.64 11.36 13.88
C LEU C 258 -26.42 12.06 14.49
N ASP C 259 -25.89 13.05 13.79
CA ASP C 259 -24.67 13.73 14.23
C ASP C 259 -24.68 14.40 15.60
N LYS C 260 -25.84 14.69 16.17
CA LYS C 260 -25.83 15.33 17.47
C LYS C 260 -25.70 14.34 18.63
N TYR C 261 -25.73 13.04 18.32
CA TYR C 261 -25.66 12.01 19.35
C TYR C 261 -24.34 11.28 19.42
N PHE C 262 -23.57 11.31 18.35
CA PHE C 262 -22.34 10.53 18.27
C PHE C 262 -21.04 11.30 18.21
N LYS C 263 -20.02 10.73 18.85
CA LYS C 263 -18.65 11.16 18.67
C LYS C 263 -17.88 9.92 18.20
N VAL C 264 -16.58 10.03 17.96
CA VAL C 264 -15.82 8.89 17.48
C VAL C 264 -14.77 8.40 18.47
N ASN C 265 -14.52 7.10 18.41
CA ASN C 265 -13.46 6.44 19.16
C ASN C 265 -12.42 6.15 18.07
N ILE C 266 -11.30 6.85 18.10
CA ILE C 266 -10.28 6.69 17.06
C ILE C 266 -9.20 5.73 17.53
N GLU C 267 -8.90 4.73 16.69
CA GLU C 267 -7.84 3.77 16.98
C GLU C 267 -6.69 4.01 16.02
N ALA C 268 -5.47 4.12 16.56
CA ALA C 268 -4.30 4.41 15.73
C ALA C 268 -4.14 3.45 14.54
N ASN C 269 -4.20 2.15 14.80
CA ASN C 269 -4.02 1.15 13.75
C ASN C 269 -5.10 1.27 12.67
N HIS C 270 -6.32 1.65 13.07
CA HIS C 270 -7.42 1.76 12.11
C HIS C 270 -7.29 3.02 11.24
N ALA C 271 -6.67 4.06 11.79
CA ALA C 271 -6.43 5.29 11.05
C ALA C 271 -5.39 5.04 9.95
N THR C 272 -4.28 4.41 10.31
CA THR C 272 -3.21 4.16 9.33
C THR C 272 -3.61 3.13 8.27
N LEU C 273 -4.52 2.23 8.64
CA LEU C 273 -5.05 1.25 7.70
C LEU C 273 -5.86 1.95 6.60
N ALA C 274 -6.43 3.12 6.91
CA ALA C 274 -7.15 3.93 5.94
C ALA C 274 -6.22 4.94 5.26
N PHE C 275 -4.93 4.85 5.57
CA PHE C 275 -3.92 5.75 5.01
C PHE C 275 -4.04 7.20 5.48
N HIS C 276 -4.34 7.36 6.77
CA HIS C 276 -4.33 8.67 7.43
C HIS C 276 -3.35 8.49 8.56
N ASP C 277 -2.57 9.52 8.88
CA ASP C 277 -1.78 9.47 10.11
C ASP C 277 -2.77 9.51 11.28
N PHE C 278 -2.41 8.85 12.37
CA PHE C 278 -3.19 8.85 13.59
C PHE C 278 -3.53 10.31 13.96
N GLN C 279 -2.52 11.18 13.90
CA GLN C 279 -2.70 12.58 14.26
C GLN C 279 -3.70 13.30 13.33
N HIS C 280 -3.73 12.95 12.05
CA HIS C 280 -4.65 13.58 11.11
C HIS C 280 -6.09 13.31 11.56
N GLU C 281 -6.35 12.05 11.86
CA GLU C 281 -7.66 11.58 12.24
C GLU C 281 -8.09 12.21 13.58
N LEU C 282 -7.14 12.37 14.50
CA LEU C 282 -7.37 13.03 15.79
C LEU C 282 -7.70 14.51 15.56
N ARG C 283 -6.90 15.17 14.73
CA ARG C 283 -7.12 16.57 14.45
C ARG C 283 -8.46 16.84 13.77
N TYR C 284 -8.77 16.06 12.74
CA TYR C 284 -10.01 16.19 12.00
C TYR C 284 -11.22 16.01 12.92
N ALA C 285 -11.17 15.03 13.81
CA ALA C 285 -12.24 14.79 14.77
C ALA C 285 -12.38 15.99 15.72
N ARG C 286 -11.26 16.48 16.21
CA ARG C 286 -11.19 17.64 17.11
C ARG C 286 -11.91 18.87 16.54
N ILE C 287 -11.47 19.35 15.39
CA ILE C 287 -12.08 20.53 14.81
C ILE C 287 -13.56 20.31 14.45
N ASN C 288 -14.02 19.06 14.42
CA ASN C 288 -15.42 18.78 14.17
C ASN C 288 -16.18 18.48 15.46
N GLY C 289 -15.51 18.66 16.59
CA GLY C 289 -16.13 18.42 17.87
C GLY C 289 -16.49 16.98 18.15
N VAL C 290 -15.84 16.02 17.49
CA VAL C 290 -16.18 14.61 17.70
C VAL C 290 -15.06 13.70 18.20
N LEU C 291 -13.95 14.28 18.68
CA LEU C 291 -12.92 13.46 19.28
C LEU C 291 -13.42 12.99 20.65
N GLY C 292 -13.96 11.77 20.71
CA GLY C 292 -14.56 11.29 21.94
C GLY C 292 -13.65 10.50 22.86
N SER C 293 -12.94 9.53 22.30
CA SER C 293 -12.07 8.66 23.06
C SER C 293 -11.03 8.09 22.11
N ILE C 294 -10.01 7.43 22.66
CA ILE C 294 -8.92 6.88 21.87
C ILE C 294 -8.60 5.43 22.23
N ASP C 295 -8.36 4.61 21.21
CA ASP C 295 -7.85 3.26 21.41
C ASP C 295 -6.35 3.38 21.16
N ALA C 296 -5.59 3.34 22.23
CA ALA C 296 -4.15 3.54 22.19
C ALA C 296 -3.39 2.29 21.75
N ASN C 297 -2.90 2.31 20.52
CA ASN C 297 -2.09 1.21 20.00
C ASN C 297 -1.30 1.69 18.80
N THR C 298 -0.69 0.75 18.11
CA THR C 298 -0.05 1.07 16.85
C THR C 298 -0.16 -0.13 15.92
N GLY C 299 -0.20 0.16 14.63
CA GLY C 299 -0.07 -0.89 13.65
C GLY C 299 1.34 -0.79 13.10
N ASP C 300 1.60 -1.54 12.03
CA ASP C 300 2.87 -1.48 11.33
C ASP C 300 2.45 -0.99 9.96
N MET C 301 2.98 0.15 9.54
CA MET C 301 2.60 0.73 8.26
C MET C 301 3.03 -0.05 7.02
N LEU C 302 3.83 -1.09 7.21
CA LEU C 302 4.22 -1.95 6.10
C LEU C 302 3.35 -3.21 6.05
N LEU C 303 2.49 -3.38 7.06
CA LEU C 303 1.61 -4.55 7.12
C LEU C 303 0.17 -4.10 6.94
N GLY C 304 -0.52 -4.70 5.98
CA GLY C 304 -1.86 -4.26 5.63
C GLY C 304 -3.01 -4.87 6.40
N TRP C 305 -2.76 -5.27 7.64
CA TRP C 305 -3.81 -5.81 8.50
C TRP C 305 -3.65 -5.22 9.90
N ASP C 306 -4.69 -5.35 10.69
CA ASP C 306 -4.74 -4.82 12.05
C ASP C 306 -3.82 -5.66 12.93
N THR C 307 -2.73 -5.08 13.43
CA THR C 307 -1.81 -5.82 14.31
C THR C 307 -2.08 -5.57 15.79
N ASP C 308 -2.66 -4.42 16.12
CA ASP C 308 -2.98 -4.06 17.52
C ASP C 308 -1.79 -4.20 18.46
N GLN C 309 -0.67 -3.58 18.11
CA GLN C 309 0.53 -3.64 18.93
C GLN C 309 0.48 -2.59 20.03
N PHE C 310 1.18 -2.85 21.14
CA PHE C 310 1.31 -1.84 22.18
C PHE C 310 2.11 -0.68 21.60
N PRO C 311 1.67 0.57 21.85
CA PRO C 311 2.37 1.73 21.30
C PRO C 311 3.69 2.04 22.02
N THR C 312 4.79 2.10 21.28
CA THR C 312 6.07 2.42 21.89
C THR C 312 6.79 3.56 21.17
N ASP C 313 6.16 4.13 20.16
CA ASP C 313 6.77 5.25 19.44
C ASP C 313 6.37 6.56 20.13
N ILE C 314 7.31 7.12 20.89
CA ILE C 314 7.04 8.31 21.67
C ILE C 314 6.88 9.59 20.85
N ARG C 315 7.39 9.59 19.62
CA ARG C 315 7.18 10.72 18.73
C ARG C 315 5.70 10.73 18.33
N MET C 316 5.12 9.55 18.12
CA MET C 316 3.72 9.45 17.75
C MET C 316 2.78 9.73 18.94
N THR C 317 3.14 9.25 20.13
CA THR C 317 2.31 9.49 21.31
C THR C 317 2.31 11.00 21.64
N THR C 318 3.42 11.67 21.39
CA THR C 318 3.49 13.12 21.59
C THR C 318 2.52 13.84 20.65
N LEU C 319 2.60 13.54 19.36
CA LEU C 319 1.72 14.17 18.37
C LEU C 319 0.25 13.86 18.65
N ALA C 320 -0.03 12.69 19.21
CA ALA C 320 -1.39 12.30 19.55
C ALA C 320 -1.88 13.11 20.74
N MET C 321 -1.08 13.14 21.81
CA MET C 321 -1.46 13.85 23.01
C MET C 321 -1.53 15.36 22.79
N TYR C 322 -0.78 15.87 21.82
CA TYR C 322 -0.86 17.28 21.47
C TYR C 322 -2.31 17.62 21.12
N GLU C 323 -2.95 16.75 20.34
CA GLU C 323 -4.33 16.98 19.92
C GLU C 323 -5.30 16.91 21.11
N VAL C 324 -5.09 15.95 22.01
CA VAL C 324 -5.97 15.83 23.16
C VAL C 324 -5.85 17.04 24.10
N ILE C 325 -4.64 17.56 24.26
CA ILE C 325 -4.44 18.72 25.12
C ILE C 325 -5.05 19.96 24.48
N LYS C 326 -4.94 20.06 23.16
CA LYS C 326 -5.50 21.19 22.43
C LYS C 326 -7.01 21.30 22.58
N MET C 327 -7.71 20.18 22.76
CA MET C 327 -9.15 20.25 22.93
C MET C 327 -9.54 20.43 24.39
N GLY C 328 -8.54 20.55 25.27
CA GLY C 328 -8.83 20.71 26.68
C GLY C 328 -8.78 19.43 27.49
N GLY C 329 -8.22 18.36 26.93
CA GLY C 329 -8.13 17.10 27.64
C GLY C 329 -9.36 16.23 27.46
N PHE C 330 -9.32 15.01 27.98
CA PHE C 330 -10.44 14.11 27.90
C PHE C 330 -11.60 14.63 28.72
N ASP C 331 -12.79 14.22 28.31
CA ASP C 331 -14.02 14.57 29.00
C ASP C 331 -14.47 13.22 29.59
N LYS C 332 -15.16 12.42 28.80
CA LYS C 332 -15.59 11.08 29.24
C LYS C 332 -14.70 9.98 28.65
N GLY C 333 -13.94 10.32 27.61
CA GLY C 333 -13.08 9.34 26.96
C GLY C 333 -11.81 9.07 27.72
N GLY C 334 -10.94 8.27 27.13
CA GLY C 334 -9.68 7.93 27.77
C GLY C 334 -8.76 7.23 26.79
N LEU C 335 -7.68 6.65 27.31
CA LEU C 335 -6.74 5.90 26.49
C LEU C 335 -6.93 4.41 26.74
N ASN C 336 -7.74 3.77 25.91
CA ASN C 336 -8.00 2.34 26.04
C ASN C 336 -6.98 1.53 25.24
N PHE C 337 -6.25 0.67 25.92
CA PHE C 337 -5.25 -0.16 25.25
C PHE C 337 -5.85 -1.32 24.46
N ASP C 338 -6.31 -1.01 23.26
CA ASP C 338 -6.80 -2.03 22.34
C ASP C 338 -5.56 -2.61 21.66
N ALA C 339 -4.79 -3.34 22.44
CA ALA C 339 -3.51 -3.86 21.99
C ALA C 339 -3.36 -5.24 22.62
N LYS C 340 -2.63 -6.11 21.94
CA LYS C 340 -2.41 -7.45 22.46
C LYS C 340 -0.93 -7.78 22.37
N VAL C 341 -0.47 -8.66 23.26
CA VAL C 341 0.92 -9.12 23.21
C VAL C 341 1.12 -9.93 21.92
N ARG C 342 2.33 -9.89 21.36
CA ARG C 342 2.67 -10.66 20.16
C ARG C 342 2.46 -12.14 20.45
N ARG C 343 2.19 -12.93 19.41
CA ARG C 343 1.99 -14.37 19.57
C ARG C 343 3.21 -15.04 20.26
N ALA C 344 4.39 -14.46 20.06
CA ALA C 344 5.63 -14.97 20.66
C ALA C 344 5.85 -14.53 22.11
N SER C 345 5.04 -13.58 22.58
CA SER C 345 5.11 -13.08 23.95
C SER C 345 3.97 -13.75 24.72
N PHE C 346 4.11 -15.05 24.96
CA PHE C 346 3.03 -15.87 25.50
C PHE C 346 3.06 -16.16 26.99
N GLU C 347 4.06 -15.66 27.70
CA GLU C 347 4.13 -15.89 29.14
C GLU C 347 3.27 -14.83 29.85
N PRO C 348 2.62 -15.20 30.96
CA PRO C 348 1.73 -14.32 31.73
C PRO C 348 2.30 -12.92 31.97
N GLU C 349 3.55 -12.83 32.41
CA GLU C 349 4.13 -11.54 32.72
C GLU C 349 4.31 -10.61 31.52
N ASP C 350 4.23 -11.15 30.31
CA ASP C 350 4.29 -10.33 29.11
C ASP C 350 3.08 -9.38 29.08
N LEU C 351 1.96 -9.79 29.69
CA LEU C 351 0.80 -8.91 29.78
C LEU C 351 1.19 -7.62 30.50
N PHE C 352 2.00 -7.76 31.55
CA PHE C 352 2.46 -6.62 32.31
C PHE C 352 3.46 -5.80 31.51
N LEU C 353 4.41 -6.48 30.88
CA LEU C 353 5.46 -5.80 30.11
C LEU C 353 4.88 -5.03 28.93
N GLY C 354 3.85 -5.58 28.29
CA GLY C 354 3.21 -4.89 27.20
C GLY C 354 2.58 -3.59 27.65
N HIS C 355 1.78 -3.66 28.72
CA HIS C 355 1.10 -2.48 29.24
C HIS C 355 2.06 -1.40 29.78
N ILE C 356 3.12 -1.83 30.47
CA ILE C 356 4.11 -0.90 30.96
C ILE C 356 4.73 -0.12 29.79
N ALA C 357 5.04 -0.83 28.71
CA ALA C 357 5.62 -0.20 27.51
C ALA C 357 4.69 0.89 26.95
N GLY C 358 3.42 0.55 26.82
CA GLY C 358 2.44 1.50 26.29
C GLY C 358 2.10 2.67 27.21
N MET C 359 1.97 2.39 28.51
CA MET C 359 1.69 3.43 29.49
C MET C 359 2.84 4.42 29.62
N ASP C 360 4.08 3.90 29.63
CA ASP C 360 5.25 4.76 29.66
C ASP C 360 5.34 5.62 28.41
N ALA C 361 5.11 5.03 27.24
CA ALA C 361 5.19 5.78 25.99
C ALA C 361 4.15 6.91 25.95
N PHE C 362 2.94 6.65 26.40
CA PHE C 362 1.94 7.70 26.43
C PHE C 362 2.18 8.76 27.50
N ALA C 363 2.68 8.35 28.67
CA ALA C 363 2.98 9.29 29.74
C ALA C 363 4.07 10.27 29.27
N LYS C 364 5.13 9.74 28.66
CA LYS C 364 6.21 10.56 28.15
C LYS C 364 5.72 11.53 27.06
N GLY C 365 4.92 11.00 26.13
CA GLY C 365 4.37 11.82 25.07
C GLY C 365 3.48 12.93 25.60
N PHE C 366 2.70 12.63 26.64
CA PHE C 366 1.85 13.64 27.26
C PHE C 366 2.70 14.78 27.80
N LYS C 367 3.75 14.46 28.55
CA LYS C 367 4.62 15.47 29.12
C LYS C 367 5.29 16.37 28.09
N VAL C 368 5.69 15.80 26.97
CA VAL C 368 6.31 16.60 25.91
C VAL C 368 5.26 17.44 25.20
N ALA C 369 4.13 16.84 24.85
CA ALA C 369 3.06 17.54 24.16
C ALA C 369 2.63 18.74 24.99
N TYR C 370 2.56 18.52 26.30
CA TYR C 370 2.15 19.56 27.22
C TYR C 370 3.08 20.77 27.18
N LYS C 371 4.40 20.57 27.11
CA LYS C 371 5.35 21.67 26.95
C LYS C 371 5.21 22.33 25.57
N LEU C 372 4.93 21.54 24.54
CA LEU C 372 4.73 22.09 23.20
C LEU C 372 3.53 23.05 23.18
N VAL C 373 2.45 22.66 23.86
CA VAL C 373 1.28 23.51 23.93
C VAL C 373 1.53 24.74 24.83
N LYS C 374 2.07 24.51 26.02
CA LYS C 374 2.34 25.59 26.96
C LYS C 374 3.26 26.67 26.38
N ASP C 375 4.32 26.26 25.69
CA ASP C 375 5.25 27.23 25.10
C ASP C 375 4.75 27.81 23.77
N ARG C 376 3.59 27.33 23.31
CA ARG C 376 2.98 27.78 22.06
C ARG C 376 3.95 27.72 20.88
N VAL C 377 4.78 26.68 20.88
CA VAL C 377 5.83 26.52 19.85
C VAL C 377 5.29 26.55 18.42
N PHE C 378 4.26 25.75 18.13
CA PHE C 378 3.70 25.68 16.79
C PHE C 378 2.67 26.78 16.59
N ASP C 379 1.96 27.13 17.66
CA ASP C 379 0.94 28.18 17.57
C ASP C 379 1.46 29.58 17.20
N LYS C 380 2.61 29.97 17.73
CA LYS C 380 3.22 31.25 17.37
C LYS C 380 3.46 31.30 15.88
N PHE C 381 4.04 30.23 15.34
CA PHE C 381 4.35 30.20 13.93
C PHE C 381 3.09 30.23 13.08
N ILE C 382 2.07 29.50 13.51
CA ILE C 382 0.80 29.49 12.79
C ILE C 382 0.15 30.88 12.77
N GLU C 383 0.22 31.61 13.89
CA GLU C 383 -0.29 32.97 13.97
C GLU C 383 0.39 33.88 12.97
N GLU C 384 1.71 33.84 12.95
CA GLU C 384 2.49 34.67 12.01
C GLU C 384 2.22 34.26 10.57
N ARG C 385 2.09 32.95 10.36
CA ARG C 385 1.89 32.39 9.04
C ARG C 385 0.60 32.87 8.35
N TYR C 386 -0.49 32.94 9.10
CA TYR C 386 -1.79 33.34 8.55
C TYR C 386 -2.16 34.79 8.86
N ALA C 387 -1.18 35.61 9.26
CA ALA C 387 -1.45 36.97 9.69
C ALA C 387 -2.10 37.88 8.66
N SER C 388 -1.99 37.55 7.38
CA SER C 388 -2.55 38.41 6.33
C SER C 388 -4.07 38.46 6.38
N TYR C 389 -4.69 37.53 7.12
CA TYR C 389 -6.12 37.53 7.28
C TYR C 389 -6.60 38.39 8.45
N LYS C 390 -5.67 39.03 9.16
CA LYS C 390 -6.02 39.87 10.29
C LYS C 390 -6.45 41.29 9.89
N ASP C 391 -6.06 41.73 8.70
CA ASP C 391 -6.47 43.04 8.21
C ASP C 391 -6.48 43.08 6.69
N GLY C 392 -6.72 44.25 6.11
CA GLY C 392 -6.73 44.40 4.67
C GLY C 392 -7.75 43.49 4.00
N ILE C 393 -7.42 43.06 2.79
CA ILE C 393 -8.32 42.21 2.02
C ILE C 393 -8.65 40.90 2.76
N GLY C 394 -7.69 40.38 3.53
CA GLY C 394 -7.91 39.15 4.26
C GLY C 394 -9.02 39.27 5.28
N ALA C 395 -9.05 40.40 5.98
CA ALA C 395 -10.10 40.66 6.96
C ALA C 395 -11.45 40.75 6.27
N ASP C 396 -11.48 41.36 5.09
CA ASP C 396 -12.72 41.44 4.31
C ASP C 396 -13.21 40.06 3.91
N ILE C 397 -12.27 39.17 3.55
CA ILE C 397 -12.60 37.81 3.18
C ILE C 397 -13.24 37.05 4.36
N VAL C 398 -12.60 37.08 5.53
CA VAL C 398 -13.15 36.34 6.67
C VAL C 398 -14.45 36.93 7.20
N SER C 399 -14.66 38.24 7.06
CA SER C 399 -15.85 38.88 7.60
C SER C 399 -17.08 38.81 6.69
N GLY C 400 -16.90 38.30 5.48
CA GLY C 400 -18.05 38.17 4.60
C GLY C 400 -18.30 39.39 3.73
N LYS C 401 -17.38 40.35 3.75
CA LYS C 401 -17.52 41.55 2.95
C LYS C 401 -17.07 41.39 1.51
N ALA C 402 -16.08 40.54 1.26
CA ALA C 402 -15.53 40.37 -0.08
C ALA C 402 -16.35 39.39 -0.90
N ASP C 403 -16.30 39.54 -2.23
CA ASP C 403 -16.94 38.62 -3.16
C ASP C 403 -16.09 38.57 -4.42
N PHE C 404 -16.47 37.77 -5.41
CA PHE C 404 -15.64 37.63 -6.62
C PHE C 404 -15.34 38.96 -7.32
N ARG C 405 -16.31 39.86 -7.40
CA ARG C 405 -16.08 41.16 -8.04
C ARG C 405 -15.08 42.03 -7.32
N SER C 406 -15.24 42.19 -6.00
CA SER C 406 -14.32 43.03 -5.25
C SER C 406 -12.91 42.42 -5.21
N LEU C 407 -12.82 41.10 -5.08
CA LEU C 407 -11.53 40.41 -5.07
C LEU C 407 -10.84 40.54 -6.42
N GLU C 408 -11.59 40.51 -7.52
CA GLU C 408 -10.99 40.69 -8.82
C GLU C 408 -10.40 42.11 -8.95
N LYS C 409 -11.13 43.11 -8.45
CA LYS C 409 -10.68 44.50 -8.47
C LYS C 409 -9.35 44.60 -7.75
N TYR C 410 -9.28 43.96 -6.58
CA TYR C 410 -8.06 43.92 -5.80
C TYR C 410 -6.93 43.21 -6.56
N ALA C 411 -7.20 42.01 -7.07
CA ALA C 411 -6.19 41.18 -7.73
C ALA C 411 -5.58 41.79 -8.99
N LEU C 412 -6.38 42.49 -9.79
CA LEU C 412 -5.87 43.16 -11.00
C LEU C 412 -4.86 44.26 -10.64
N GLU C 413 -5.02 44.84 -9.46
CA GLU C 413 -4.19 45.94 -8.99
C GLU C 413 -2.89 45.54 -8.29
N ARG C 414 -2.77 44.28 -7.90
CA ARG C 414 -1.54 43.79 -7.28
C ARG C 414 -0.68 43.13 -8.36
N SER C 415 0.63 43.36 -8.32
CA SER C 415 1.51 42.81 -9.35
C SER C 415 2.36 41.64 -8.82
N GLN C 416 2.79 41.77 -7.57
CA GLN C 416 3.63 40.74 -7.00
C GLN C 416 2.95 40.13 -5.79
N ILE C 417 2.91 38.79 -5.80
CA ILE C 417 2.44 38.03 -4.65
C ILE C 417 3.73 37.40 -4.08
N VAL C 418 4.01 37.71 -2.81
CA VAL C 418 5.21 37.20 -2.18
C VAL C 418 4.83 36.22 -1.06
N ASN C 419 5.25 34.97 -1.19
CA ASN C 419 5.02 33.99 -0.14
C ASN C 419 6.24 33.81 0.73
N LYS C 420 6.05 33.18 1.89
CA LYS C 420 7.16 32.90 2.79
C LYS C 420 7.22 31.41 3.07
N SER C 421 8.39 30.95 3.51
CA SER C 421 8.66 29.55 3.76
C SER C 421 7.71 28.91 4.77
N GLY C 422 7.38 27.64 4.53
CA GLY C 422 6.56 26.89 5.45
C GLY C 422 7.35 26.33 6.62
N ARG C 423 8.68 26.31 6.49
CA ARG C 423 9.58 25.91 7.58
C ARG C 423 9.38 24.50 8.15
N GLN C 424 8.91 23.56 7.34
CA GLN C 424 8.67 22.22 7.85
C GLN C 424 9.88 21.61 8.57
N GLU C 425 11.06 21.68 7.94
CA GLU C 425 12.27 21.09 8.50
C GLU C 425 12.65 21.70 9.84
N LEU C 426 12.53 23.02 9.94
CA LEU C 426 12.78 23.73 11.20
C LEU C 426 11.79 23.26 12.26
N LEU C 427 10.51 23.20 11.91
CA LEU C 427 9.49 22.76 12.84
C LEU C 427 9.76 21.35 13.36
N GLU C 428 10.17 20.45 12.47
CA GLU C 428 10.50 19.10 12.88
C GLU C 428 11.73 19.00 13.80
N SER C 429 12.74 19.83 13.58
CA SER C 429 13.90 19.80 14.45
C SER C 429 13.60 20.37 15.84
N ILE C 430 12.70 21.35 15.91
CA ILE C 430 12.28 21.90 17.21
C ILE C 430 11.51 20.83 17.99
N LEU C 431 10.70 20.05 17.28
CA LEU C 431 9.98 18.93 17.89
C LEU C 431 11.00 18.01 18.58
N ASN C 432 12.13 17.77 17.92
CA ASN C 432 13.17 16.89 18.48
C ASN C 432 13.83 17.48 19.71
N GLN C 433 14.06 18.79 19.71
CA GLN C 433 14.60 19.45 20.89
C GLN C 433 13.69 19.21 22.08
N TYR C 434 12.38 19.36 21.88
CA TYR C 434 11.44 19.11 22.96
C TYR C 434 11.37 17.65 23.36
N LEU C 435 11.38 16.75 22.37
CA LEU C 435 11.33 15.32 22.65
C LEU C 435 12.48 14.86 23.52
N PHE C 436 13.68 15.37 23.22
CA PHE C 436 14.87 14.94 23.93
C PHE C 436 15.39 15.94 24.95
N ALA C 437 14.52 16.84 25.42
CA ALA C 437 14.88 17.88 26.39
C ALA C 437 15.33 17.28 27.72
N ASN D 1 -4.82 16.72 -43.55
CA ASN D 1 -4.82 18.06 -42.97
C ASN D 1 -3.41 18.45 -42.48
N LYS D 2 -3.34 19.54 -41.72
CA LYS D 2 -2.08 20.15 -41.29
C LYS D 2 -1.20 19.50 -40.23
N TYR D 3 -1.77 19.00 -39.13
CA TYR D 3 -0.96 18.53 -38.03
C TYR D 3 -0.79 17.02 -37.88
N PHE D 4 -1.78 16.29 -38.37
CA PHE D 4 -1.77 14.84 -38.29
C PHE D 4 -2.04 14.32 -39.70
N GLU D 5 -1.18 14.69 -40.65
CA GLU D 5 -1.35 14.32 -42.06
C GLU D 5 -1.38 12.82 -42.32
N ASN D 6 -0.64 12.08 -41.51
CA ASN D 6 -0.56 10.63 -41.66
C ASN D 6 -1.79 9.90 -41.14
N VAL D 7 -2.66 10.59 -40.43
CA VAL D 7 -3.84 9.96 -39.88
C VAL D 7 -5.11 10.52 -40.50
N SER D 8 -5.94 9.62 -41.02
CA SER D 8 -7.22 9.96 -41.58
C SER D 8 -8.28 9.75 -40.49
N LYS D 9 -9.49 10.21 -40.75
CA LYS D 9 -10.59 10.09 -39.81
C LYS D 9 -10.80 8.64 -39.36
N ILE D 10 -10.89 8.42 -38.05
CA ILE D 10 -11.04 7.08 -37.50
C ILE D 10 -12.48 6.58 -37.61
N LYS D 11 -12.65 5.39 -38.17
CA LYS D 11 -13.99 4.86 -38.39
C LYS D 11 -14.12 3.45 -37.80
N TYR D 12 -15.36 3.05 -37.52
CA TYR D 12 -15.61 1.73 -36.97
C TYR D 12 -15.38 0.64 -38.01
N GLU D 13 -14.62 -0.39 -37.65
CA GLU D 13 -14.37 -1.48 -38.58
C GLU D 13 -14.64 -2.86 -38.01
N GLY D 14 -15.07 -2.93 -36.76
CA GLY D 14 -15.38 -4.21 -36.18
C GLY D 14 -14.23 -4.92 -35.50
N PRO D 15 -14.52 -5.93 -34.67
CA PRO D 15 -13.51 -6.69 -33.92
C PRO D 15 -12.50 -7.51 -34.69
N LYS D 16 -12.75 -7.74 -35.97
CA LYS D 16 -11.81 -8.53 -36.78
C LYS D 16 -10.90 -7.69 -37.67
N SER D 17 -10.97 -6.37 -37.58
CA SER D 17 -10.14 -5.48 -38.40
C SER D 17 -8.69 -5.49 -37.95
N ASN D 18 -7.75 -5.47 -38.92
CA ASN D 18 -6.32 -5.42 -38.60
C ASN D 18 -5.84 -3.98 -38.64
N ASN D 19 -6.70 -3.06 -39.08
CA ASN D 19 -6.32 -1.66 -39.20
C ASN D 19 -6.17 -1.04 -37.82
N PRO D 20 -4.95 -0.66 -37.42
CA PRO D 20 -4.79 -0.05 -36.09
C PRO D 20 -5.54 1.29 -35.92
N TYR D 21 -5.74 2.01 -37.02
CA TYR D 21 -6.46 3.27 -36.96
C TYR D 21 -7.95 3.14 -37.24
N SER D 22 -8.62 2.38 -36.40
CA SER D 22 -10.06 2.17 -36.53
C SER D 22 -10.63 1.68 -35.18
N PHE D 23 -11.92 1.89 -34.98
CA PHE D 23 -12.57 1.40 -33.76
C PHE D 23 -12.95 -0.05 -33.98
N LYS D 24 -12.67 -0.88 -32.98
CA LYS D 24 -12.98 -2.30 -33.02
C LYS D 24 -14.30 -2.61 -32.35
N PHE D 25 -14.69 -1.79 -31.38
CA PHE D 25 -15.90 -2.04 -30.61
C PHE D 25 -16.81 -0.84 -30.59
N TYR D 26 -16.24 0.35 -30.68
CA TYR D 26 -17.01 1.58 -30.62
C TYR D 26 -17.57 1.94 -31.99
N ASN D 27 -18.88 1.79 -32.14
CA ASN D 27 -19.55 2.22 -33.35
C ASN D 27 -20.39 3.43 -32.94
N PRO D 28 -19.92 4.65 -33.25
CA PRO D 28 -20.62 5.89 -32.89
C PRO D 28 -22.10 5.84 -33.32
N GLU D 29 -22.33 5.22 -34.47
CA GLU D 29 -23.64 5.18 -35.10
C GLU D 29 -24.60 4.16 -34.57
N GLU D 30 -24.11 3.15 -33.85
CA GLU D 30 -24.99 2.10 -33.36
C GLU D 30 -26.07 2.63 -32.43
N VAL D 31 -27.31 2.22 -32.66
CA VAL D 31 -28.41 2.69 -31.83
C VAL D 31 -28.82 1.66 -30.78
N ILE D 32 -28.90 2.11 -29.53
CA ILE D 32 -29.36 1.27 -28.43
C ILE D 32 -30.42 2.07 -27.69
N ASP D 33 -31.63 1.50 -27.62
CA ASP D 33 -32.78 2.15 -26.97
C ASP D 33 -33.04 3.58 -27.39
N GLY D 34 -33.04 3.83 -28.69
CA GLY D 34 -33.34 5.16 -29.16
C GLY D 34 -32.24 6.20 -29.08
N LYS D 35 -31.04 5.80 -28.62
CA LYS D 35 -29.90 6.71 -28.60
C LYS D 35 -28.69 6.05 -29.23
N THR D 36 -27.91 6.83 -29.97
CA THR D 36 -26.69 6.30 -30.56
C THR D 36 -25.66 6.06 -29.45
N MET D 37 -24.71 5.19 -29.74
CA MET D 37 -23.62 4.89 -28.84
C MET D 37 -22.88 6.18 -28.46
N GLU D 38 -22.74 7.08 -29.43
CA GLU D 38 -22.10 8.35 -29.21
C GLU D 38 -22.80 9.21 -28.16
N GLU D 39 -24.12 9.22 -28.15
CA GLU D 39 -24.82 10.01 -27.13
C GLU D 39 -24.97 9.32 -25.77
N HIS D 40 -24.86 8.00 -25.75
CA HIS D 40 -24.84 7.27 -24.47
C HIS D 40 -23.55 7.56 -23.72
N LEU D 41 -22.43 7.53 -24.44
CA LEU D 41 -21.10 7.61 -23.84
C LEU D 41 -20.53 9.00 -23.62
N ARG D 42 -20.87 9.95 -24.49
CA ARG D 42 -20.40 11.33 -24.38
C ARG D 42 -18.90 11.45 -24.11
N PHE D 43 -18.09 10.83 -24.97
CA PHE D 43 -16.64 10.88 -24.87
C PHE D 43 -16.07 12.31 -24.95
N SER D 44 -15.09 12.60 -24.12
CA SER D 44 -14.48 13.91 -24.09
C SER D 44 -12.96 13.79 -24.11
N ILE D 45 -12.31 14.71 -24.83
CA ILE D 45 -10.85 14.76 -24.93
C ILE D 45 -10.34 15.78 -23.91
N ALA D 46 -9.32 15.39 -23.13
CA ALA D 46 -8.71 16.29 -22.15
C ALA D 46 -7.66 17.15 -22.86
N TYR D 47 -7.88 18.45 -22.91
CA TYR D 47 -6.98 19.36 -23.63
C TYR D 47 -5.56 19.34 -23.07
N TRP D 48 -5.43 19.27 -21.74
CA TRP D 48 -4.12 19.31 -21.09
C TRP D 48 -3.19 18.15 -21.46
N HIS D 49 -3.66 16.91 -21.27
CA HIS D 49 -2.81 15.76 -21.59
C HIS D 49 -2.59 15.64 -23.09
N THR D 50 -3.64 15.90 -23.88
CA THR D 50 -3.56 15.70 -25.32
C THR D 50 -2.73 16.73 -26.09
N PHE D 51 -2.81 18.00 -25.72
CA PHE D 51 -2.11 19.02 -26.49
C PHE D 51 -1.01 19.78 -25.77
N THR D 52 -0.86 19.60 -24.47
CA THR D 52 0.21 20.31 -23.74
C THR D 52 1.24 19.41 -23.04
N ALA D 53 0.86 18.18 -22.70
CA ALA D 53 1.80 17.26 -22.02
C ALA D 53 2.92 16.91 -22.99
N ASP D 54 4.14 16.80 -22.47
CA ASP D 54 5.30 16.57 -23.34
C ASP D 54 6.20 15.41 -22.94
N GLY D 55 5.74 14.53 -22.07
CA GLY D 55 6.52 13.36 -21.71
C GLY D 55 7.45 13.59 -20.55
N THR D 56 7.55 14.83 -20.10
CA THR D 56 8.37 15.15 -18.95
C THR D 56 7.88 14.38 -17.73
N ASP D 57 8.81 13.85 -16.94
CA ASP D 57 8.44 13.28 -15.66
C ASP D 57 9.43 13.83 -14.65
N GLN D 58 9.31 13.42 -13.42
CA GLN D 58 10.14 13.94 -12.35
C GLN D 58 11.61 13.55 -12.44
N PHE D 59 11.95 12.62 -13.33
CA PHE D 59 13.32 12.18 -13.48
C PHE D 59 13.88 12.44 -14.88
N GLY D 60 13.09 13.08 -15.74
CA GLY D 60 13.56 13.28 -17.08
C GLY D 60 12.82 14.32 -17.89
N LYS D 61 13.40 14.64 -19.04
CA LYS D 61 12.88 15.68 -19.90
C LYS D 61 11.89 15.20 -20.95
N ALA D 62 11.37 16.15 -21.73
CA ALA D 62 10.33 15.88 -22.72
C ALA D 62 10.73 14.89 -23.78
N THR D 63 9.81 13.99 -24.14
CA THR D 63 10.06 13.01 -25.18
C THR D 63 9.09 13.18 -26.34
N MET D 64 8.01 13.91 -26.12
CA MET D 64 6.93 14.01 -27.10
C MET D 64 7.27 14.80 -28.34
N GLN D 65 7.00 14.17 -29.49
CA GLN D 65 7.21 14.79 -30.80
C GLN D 65 5.88 15.42 -31.23
N ARG D 66 5.85 16.76 -31.31
CA ARG D 66 4.61 17.49 -31.65
C ARG D 66 4.83 18.53 -32.76
N PRO D 67 4.02 18.51 -33.81
CA PRO D 67 4.16 19.45 -34.94
C PRO D 67 4.20 20.95 -34.60
N TRP D 68 3.63 21.34 -33.46
CA TRP D 68 3.60 22.74 -33.07
C TRP D 68 4.77 23.08 -32.15
N ASN D 69 5.74 22.17 -32.07
CA ASN D 69 6.93 22.30 -31.21
C ASN D 69 7.91 23.38 -31.68
N HIS D 70 7.83 23.74 -32.95
CA HIS D 70 8.81 24.67 -33.53
C HIS D 70 8.58 26.15 -33.22
N TYR D 71 7.39 26.52 -32.74
CA TYR D 71 7.12 27.91 -32.44
C TYR D 71 7.82 28.36 -31.18
N THR D 72 8.25 29.61 -31.16
CA THR D 72 8.97 30.12 -30.01
C THR D 72 8.10 31.05 -29.14
N ASP D 73 7.30 31.89 -29.81
CA ASP D 73 6.38 32.79 -29.14
C ASP D 73 5.22 32.00 -28.51
N PRO D 74 4.94 32.22 -27.21
CA PRO D 74 3.87 31.53 -26.49
C PRO D 74 2.48 31.62 -27.15
N MET D 75 2.15 32.77 -27.73
CA MET D 75 0.87 32.93 -28.39
C MET D 75 0.75 32.17 -29.70
N ASP D 76 1.86 32.05 -30.43
CA ASP D 76 1.88 31.27 -31.67
C ASP D 76 1.62 29.80 -31.35
N ILE D 77 2.24 29.31 -30.28
CA ILE D 77 2.03 27.94 -29.82
C ILE D 77 0.57 27.70 -29.41
N ALA D 78 -0.01 28.65 -28.67
CA ALA D 78 -1.41 28.55 -28.23
C ALA D 78 -2.39 28.49 -29.40
N LYS D 79 -2.13 29.28 -30.44
CA LYS D 79 -2.97 29.28 -31.63
C LYS D 79 -2.82 28.00 -32.44
N ALA D 80 -1.59 27.52 -32.55
CA ALA D 80 -1.32 26.27 -33.27
C ALA D 80 -2.02 25.09 -32.59
N ARG D 81 -2.05 25.09 -31.26
CA ARG D 81 -2.73 24.03 -30.50
C ARG D 81 -4.23 23.99 -30.77
N VAL D 82 -4.87 25.16 -30.85
CA VAL D 82 -6.31 25.22 -31.13
C VAL D 82 -6.58 24.59 -32.50
N GLU D 83 -5.78 24.94 -33.50
CA GLU D 83 -5.90 24.35 -34.82
C GLU D 83 -5.75 22.83 -34.76
N ALA D 84 -4.65 22.39 -34.16
CA ALA D 84 -4.38 20.97 -34.02
C ALA D 84 -5.48 20.25 -33.24
N ALA D 85 -6.01 20.92 -32.20
CA ALA D 85 -7.04 20.34 -31.35
C ALA D 85 -8.29 20.03 -32.16
N PHE D 86 -8.72 20.99 -32.98
CA PHE D 86 -9.92 20.81 -33.77
C PHE D 86 -9.74 19.83 -34.92
N GLU D 87 -8.52 19.73 -35.44
CA GLU D 87 -8.23 18.71 -36.43
C GLU D 87 -8.36 17.35 -35.75
N PHE D 88 -7.79 17.26 -34.55
CA PHE D 88 -7.84 16.03 -33.77
C PHE D 88 -9.27 15.63 -33.41
N PHE D 89 -10.06 16.58 -32.90
CA PHE D 89 -11.47 16.31 -32.53
C PHE D 89 -12.22 15.69 -33.70
N ASP D 90 -11.98 16.25 -34.89
CA ASP D 90 -12.65 15.79 -36.08
C ASP D 90 -12.24 14.35 -36.46
N LYS D 91 -10.95 14.07 -36.41
CA LYS D 91 -10.44 12.74 -36.77
C LYS D 91 -10.77 11.66 -35.76
N ILE D 92 -10.70 11.97 -34.47
CA ILE D 92 -11.04 10.97 -33.44
C ILE D 92 -12.56 10.87 -33.27
N ASN D 93 -13.28 11.86 -33.82
CA ASN D 93 -14.72 11.87 -33.81
C ASN D 93 -15.28 12.06 -32.38
N ALA D 94 -14.71 13.02 -31.67
CA ALA D 94 -15.10 13.27 -30.29
C ALA D 94 -16.22 14.30 -30.17
N PRO D 95 -17.28 13.97 -29.42
CA PRO D 95 -18.37 14.94 -29.26
C PRO D 95 -18.05 16.06 -28.28
N TYR D 96 -17.10 15.83 -27.38
CA TYR D 96 -16.76 16.81 -26.34
C TYR D 96 -15.28 16.96 -26.06
N PHE D 97 -14.94 18.06 -25.41
CA PHE D 97 -13.61 18.26 -24.86
C PHE D 97 -13.65 19.10 -23.58
N CYS D 98 -12.64 18.96 -22.73
CA CYS D 98 -12.54 19.69 -21.47
C CYS D 98 -11.21 20.41 -21.46
N PHE D 99 -11.12 21.49 -20.69
CA PHE D 99 -9.88 22.27 -20.63
C PHE D 99 -9.75 23.02 -19.31
N HIS D 100 -8.52 23.41 -19.00
CA HIS D 100 -8.24 24.31 -17.89
C HIS D 100 -8.02 25.63 -18.59
N ASP D 101 -8.36 26.73 -17.94
CA ASP D 101 -8.08 28.04 -18.49
C ASP D 101 -6.60 28.17 -18.89
N ARG D 102 -5.70 27.63 -18.07
CA ARG D 102 -4.27 27.77 -18.31
C ARG D 102 -3.71 26.79 -19.34
N ASP D 103 -4.53 25.87 -19.83
CA ASP D 103 -4.12 24.95 -20.90
C ASP D 103 -4.13 25.69 -22.24
N ILE D 104 -5.09 26.59 -22.41
CA ILE D 104 -5.36 27.19 -23.72
C ILE D 104 -4.63 28.48 -24.06
N ALA D 105 -4.10 29.18 -23.06
CA ALA D 105 -3.39 30.43 -23.29
C ALA D 105 -2.33 30.65 -22.23
N PRO D 106 -1.23 31.32 -22.58
CA PRO D 106 -0.16 31.58 -21.61
C PRO D 106 -0.44 32.77 -20.68
N GLU D 107 0.04 32.68 -19.45
CA GLU D 107 -0.04 33.79 -18.51
C GLU D 107 0.85 34.94 -18.93
N GLY D 108 0.47 36.14 -18.53
CA GLY D 108 1.32 37.30 -18.76
C GLY D 108 1.95 37.72 -17.44
N ASP D 109 2.52 38.92 -17.42
CA ASP D 109 3.19 39.42 -16.22
C ASP D 109 2.20 39.93 -15.18
N THR D 110 0.97 40.20 -15.59
CA THR D 110 -0.08 40.65 -14.66
C THR D 110 -1.34 39.85 -14.98
N LEU D 111 -2.32 39.90 -14.09
CA LEU D 111 -3.61 39.25 -14.33
C LEU D 111 -4.31 39.86 -15.58
N ARG D 112 -4.23 41.18 -15.75
CA ARG D 112 -4.81 41.86 -16.92
C ARG D 112 -4.25 41.28 -18.23
N GLU D 113 -2.93 41.14 -18.30
CA GLU D 113 -2.30 40.57 -19.49
C GLU D 113 -2.74 39.13 -19.69
N THR D 114 -2.72 38.36 -18.62
CA THR D 114 -3.19 36.97 -18.66
C THR D 114 -4.62 36.90 -19.23
N ASN D 115 -5.49 37.76 -18.73
CA ASN D 115 -6.87 37.78 -19.20
C ASN D 115 -7.04 38.24 -20.64
N LYS D 116 -6.17 39.13 -21.12
CA LYS D 116 -6.21 39.56 -22.52
C LYS D 116 -5.79 38.40 -23.43
N ASN D 117 -4.77 37.64 -23.04
CA ASN D 117 -4.33 36.47 -23.82
C ASN D 117 -5.43 35.44 -23.90
N LEU D 118 -6.09 35.25 -22.76
CA LEU D 118 -7.18 34.30 -22.66
C LEU D 118 -8.33 34.71 -23.59
N ASP D 119 -8.66 36.00 -23.63
CA ASP D 119 -9.73 36.50 -24.50
C ASP D 119 -9.44 36.24 -25.98
N THR D 120 -8.20 36.47 -26.39
CA THR D 120 -7.76 36.21 -27.75
C THR D 120 -8.02 34.76 -28.16
N ILE D 121 -7.55 33.82 -27.33
CA ILE D 121 -7.72 32.40 -27.62
C ILE D 121 -9.18 31.96 -27.53
N VAL D 122 -9.90 32.45 -26.53
CA VAL D 122 -11.33 32.12 -26.39
C VAL D 122 -12.10 32.55 -27.65
N ALA D 123 -11.80 33.73 -28.16
CA ALA D 123 -12.43 34.24 -29.37
C ALA D 123 -12.19 33.28 -30.53
N MET D 124 -10.95 32.80 -30.64
CA MET D 124 -10.58 31.86 -31.67
C MET D 124 -11.30 30.52 -31.54
N ILE D 125 -11.34 29.97 -30.33
CA ILE D 125 -12.02 28.70 -30.09
C ILE D 125 -13.49 28.84 -30.46
N LYS D 126 -14.08 29.99 -30.15
CA LYS D 126 -15.47 30.27 -30.49
C LYS D 126 -15.78 30.20 -31.99
N ASP D 127 -14.87 30.68 -32.83
CA ASP D 127 -15.05 30.54 -34.27
C ASP D 127 -15.05 29.08 -34.68
N TYR D 128 -14.09 28.31 -34.19
CA TYR D 128 -14.02 26.89 -34.50
C TYR D 128 -15.25 26.14 -34.02
N LEU D 129 -15.78 26.54 -32.87
CA LEU D 129 -16.96 25.90 -32.29
C LEU D 129 -18.18 26.05 -33.20
N LYS D 130 -18.22 27.13 -33.99
CA LYS D 130 -19.33 27.40 -34.92
C LYS D 130 -19.41 26.41 -36.07
N THR D 131 -18.30 25.77 -36.38
CA THR D 131 -18.26 24.84 -37.50
C THR D 131 -17.85 23.42 -37.12
N SER D 132 -17.60 23.20 -35.84
CA SER D 132 -17.19 21.89 -35.34
C SER D 132 -18.40 21.21 -34.72
N LYS D 133 -18.41 19.89 -34.69
CA LYS D 133 -19.49 19.18 -34.02
C LYS D 133 -19.15 18.98 -32.54
N THR D 134 -17.88 19.17 -32.20
CA THR D 134 -17.40 19.02 -30.83
C THR D 134 -17.81 20.21 -29.97
N LYS D 135 -18.27 19.94 -28.75
CA LYS D 135 -18.67 20.98 -27.80
C LYS D 135 -17.82 20.89 -26.53
N VAL D 136 -17.92 21.90 -25.66
CA VAL D 136 -17.22 21.91 -24.38
C VAL D 136 -18.04 21.17 -23.32
N LEU D 137 -17.48 20.12 -22.73
CA LEU D 137 -18.18 19.39 -21.68
C LEU D 137 -18.05 20.17 -20.38
N TRP D 138 -16.82 20.44 -19.95
CA TRP D 138 -16.60 21.30 -18.80
C TRP D 138 -15.30 22.08 -18.86
N GLY D 139 -15.29 23.21 -18.16
CA GLY D 139 -14.10 24.03 -18.05
C GLY D 139 -13.67 24.00 -16.60
N THR D 140 -12.46 24.50 -16.32
CA THR D 140 -11.96 24.52 -14.96
C THR D 140 -10.80 25.49 -14.89
N ALA D 141 -10.41 25.84 -13.67
CA ALA D 141 -9.30 26.76 -13.45
C ALA D 141 -8.11 25.98 -12.92
N ASN D 142 -6.93 26.25 -13.47
CA ASN D 142 -5.72 25.63 -12.94
C ASN D 142 -5.24 26.45 -11.73
N LEU D 143 -5.55 25.98 -10.54
CA LEU D 143 -5.14 26.67 -9.32
C LEU D 143 -4.01 25.92 -8.59
N PHE D 144 -3.10 25.32 -9.35
CA PHE D 144 -2.04 24.52 -8.75
C PHE D 144 -0.64 24.61 -9.38
N SER D 145 -0.54 24.99 -10.64
CA SER D 145 0.76 25.04 -11.31
C SER D 145 1.64 26.23 -10.99
N ASN D 146 1.04 27.42 -10.97
CA ASN D 146 1.81 28.63 -10.75
C ASN D 146 2.40 28.65 -9.33
N PRO D 147 3.66 29.09 -9.18
CA PRO D 147 4.33 29.16 -7.88
C PRO D 147 3.52 29.84 -6.76
N ARG D 148 2.65 30.78 -7.10
CA ARG D 148 1.88 31.48 -6.07
C ARG D 148 1.03 30.53 -5.25
N PHE D 149 0.68 29.38 -5.83
CA PHE D 149 -0.15 28.40 -5.15
C PHE D 149 0.60 27.41 -4.25
N VAL D 150 1.87 27.69 -3.91
CA VAL D 150 2.65 26.80 -3.04
C VAL D 150 1.91 26.34 -1.80
N HIS D 151 1.27 27.29 -1.10
CA HIS D 151 0.60 27.00 0.18
C HIS D 151 -0.88 26.71 0.03
N GLY D 152 -1.34 26.63 -1.22
CA GLY D 152 -2.74 26.39 -1.50
C GLY D 152 -3.31 27.55 -2.31
N ALA D 153 -4.57 27.42 -2.71
CA ALA D 153 -5.26 28.50 -3.42
C ALA D 153 -6.17 29.17 -2.39
N SER D 154 -7.40 28.68 -2.21
CA SER D 154 -8.28 29.26 -1.20
C SER D 154 -7.81 28.88 0.20
N THR D 155 -7.02 27.81 0.30
CA THR D 155 -6.49 27.38 1.59
C THR D 155 -5.09 27.95 1.84
N SER D 156 -4.67 28.90 1.02
CA SER D 156 -3.39 29.55 1.21
C SER D 156 -3.39 30.39 2.48
N CYS D 157 -2.23 30.46 3.14
CA CYS D 157 -2.08 31.26 4.34
C CYS D 157 -1.89 32.72 3.93
N ASN D 158 -1.78 32.94 2.62
CA ASN D 158 -1.60 34.28 2.08
C ASN D 158 -2.90 34.79 1.43
N ALA D 159 -3.54 35.75 2.09
CA ALA D 159 -4.78 36.36 1.63
C ALA D 159 -4.74 36.87 0.17
N ASP D 160 -3.58 37.34 -0.28
CA ASP D 160 -3.43 37.78 -1.67
C ASP D 160 -3.65 36.66 -2.67
N VAL D 161 -3.29 35.44 -2.28
CA VAL D 161 -3.46 34.27 -3.14
C VAL D 161 -4.93 33.90 -3.16
N PHE D 162 -5.63 34.06 -2.04
CA PHE D 162 -7.06 33.82 -2.01
C PHE D 162 -7.73 34.79 -3.00
N ALA D 163 -7.33 36.06 -2.95
CA ALA D 163 -7.90 37.10 -3.82
C ALA D 163 -7.65 36.78 -5.29
N TYR D 164 -6.42 36.38 -5.60
CA TYR D 164 -6.07 36.00 -6.96
C TYR D 164 -6.90 34.81 -7.42
N SER D 165 -7.00 33.80 -6.56
CA SER D 165 -7.77 32.60 -6.87
C SER D 165 -9.21 32.92 -7.23
N ALA D 166 -9.82 33.84 -6.46
CA ALA D 166 -11.18 34.29 -6.72
C ALA D 166 -11.28 34.94 -8.10
N ALA D 167 -10.31 35.81 -8.41
CA ALA D 167 -10.27 36.49 -9.70
C ALA D 167 -10.15 35.50 -10.87
N GLN D 168 -9.28 34.50 -10.72
CA GLN D 168 -9.06 33.52 -11.78
C GLN D 168 -10.32 32.68 -12.03
N VAL D 169 -10.95 32.20 -10.95
CA VAL D 169 -12.17 31.39 -11.07
C VAL D 169 -13.32 32.21 -11.66
N LYS D 170 -13.41 33.49 -11.29
CA LYS D 170 -14.42 34.39 -11.84
C LYS D 170 -14.29 34.42 -13.37
N LYS D 171 -13.06 34.65 -13.84
CA LYS D 171 -12.77 34.66 -15.26
C LYS D 171 -13.08 33.32 -15.92
N ALA D 172 -12.71 32.22 -15.25
CA ALA D 172 -12.89 30.87 -15.77
C ALA D 172 -14.37 30.50 -15.91
N LEU D 173 -15.19 30.96 -14.95
CA LEU D 173 -16.63 30.73 -15.01
C LEU D 173 -17.19 31.49 -16.20
N GLU D 174 -16.72 32.72 -16.39
CA GLU D 174 -17.16 33.54 -17.51
C GLU D 174 -16.85 32.90 -18.87
N ILE D 175 -15.62 32.43 -19.07
CA ILE D 175 -15.29 31.82 -20.35
C ILE D 175 -15.96 30.46 -20.55
N THR D 176 -16.20 29.72 -19.47
CA THR D 176 -16.89 28.44 -19.57
C THR D 176 -18.33 28.67 -20.03
N LYS D 177 -18.96 29.69 -19.45
CA LYS D 177 -20.32 30.05 -19.83
C LYS D 177 -20.35 30.46 -21.30
N GLU D 178 -19.38 31.29 -21.69
CA GLU D 178 -19.32 31.77 -23.05
C GLU D 178 -19.09 30.68 -24.09
N LEU D 179 -18.31 29.66 -23.74
CA LEU D 179 -18.06 28.57 -24.67
C LEU D 179 -19.15 27.50 -24.59
N GLY D 180 -20.12 27.72 -23.72
CA GLY D 180 -21.23 26.79 -23.61
C GLY D 180 -20.94 25.52 -22.84
N GLY D 181 -20.02 25.57 -21.88
CA GLY D 181 -19.71 24.40 -21.09
C GLY D 181 -20.92 23.95 -20.27
N GLU D 182 -21.10 22.64 -20.16
CA GLU D 182 -22.22 22.07 -19.43
C GLU D 182 -21.95 21.80 -17.94
N ASN D 183 -20.69 21.84 -17.54
CA ASN D 183 -20.31 21.67 -16.14
C ASN D 183 -19.13 22.57 -15.88
N TYR D 184 -18.75 22.67 -14.61
CA TYR D 184 -17.55 23.39 -14.22
C TYR D 184 -16.96 22.58 -13.07
N VAL D 185 -15.67 22.28 -13.18
CA VAL D 185 -15.00 21.40 -12.22
C VAL D 185 -14.04 22.12 -11.27
N PHE D 186 -13.97 21.63 -10.03
CA PHE D 186 -13.01 22.11 -9.05
C PHE D 186 -12.13 20.94 -8.63
N TRP D 187 -10.85 20.96 -9.00
CA TRP D 187 -9.91 19.97 -8.48
C TRP D 187 -8.91 20.70 -7.58
N GLY D 188 -9.00 20.44 -6.28
CA GLY D 188 -8.14 21.12 -5.31
C GLY D 188 -6.72 20.59 -5.19
N GLY D 189 -5.94 20.69 -6.26
CA GLY D 189 -4.58 20.15 -6.27
C GLY D 189 -3.69 20.58 -5.12
N ARG D 190 -3.76 21.85 -4.74
CA ARG D 190 -2.97 22.37 -3.65
C ARG D 190 -3.83 22.61 -2.42
N GLU D 191 -5.09 22.19 -2.44
CA GLU D 191 -5.97 22.38 -1.30
C GLU D 191 -5.86 21.19 -0.36
N GLY D 192 -4.84 21.24 0.49
CA GLY D 192 -4.56 20.19 1.45
C GLY D 192 -3.37 20.69 2.25
N TYR D 193 -2.61 19.79 2.87
CA TYR D 193 -1.41 20.21 3.61
C TYR D 193 -0.25 19.27 3.37
N GLU D 194 0.94 19.73 3.75
CA GLU D 194 2.13 18.91 3.66
C GLU D 194 2.56 18.48 5.06
N THR D 195 2.35 19.34 6.05
CA THR D 195 2.62 18.99 7.44
C THR D 195 1.58 19.63 8.36
N LEU D 196 1.12 18.88 9.35
CA LEU D 196 0.18 19.41 10.33
C LEU D 196 0.81 20.41 11.28
N LEU D 197 2.14 20.39 11.38
CA LEU D 197 2.84 21.26 12.33
C LEU D 197 2.62 22.76 12.07
N ASN D 198 2.39 23.14 10.82
CA ASN D 198 2.22 24.55 10.47
C ASN D 198 0.82 24.86 9.90
N THR D 199 -0.13 23.96 10.11
CA THR D 199 -1.44 24.08 9.48
C THR D 199 -2.58 24.35 10.45
N ASP D 200 -3.38 25.36 10.14
CA ASP D 200 -4.59 25.61 10.89
C ASP D 200 -5.68 24.97 10.04
N MET D 201 -6.00 23.71 10.33
CA MET D 201 -6.95 22.96 9.53
C MET D 201 -8.35 23.55 9.48
N GLU D 202 -8.88 24.00 10.62
CA GLU D 202 -10.22 24.58 10.65
C GLU D 202 -10.26 25.85 9.84
N PHE D 203 -9.25 26.70 9.98
CA PHE D 203 -9.25 27.94 9.25
C PHE D 203 -9.23 27.70 7.73
N GLU D 204 -8.37 26.79 7.29
CA GLU D 204 -8.28 26.48 5.87
C GLU D 204 -9.58 25.90 5.31
N LEU D 205 -10.22 25.01 6.06
CA LEU D 205 -11.49 24.43 5.63
C LEU D 205 -12.61 25.49 5.59
N ASP D 206 -12.61 26.41 6.56
CA ASP D 206 -13.56 27.54 6.55
C ASP D 206 -13.37 28.39 5.29
N ASN D 207 -12.12 28.73 4.97
CA ASN D 207 -11.83 29.53 3.79
C ASN D 207 -12.19 28.82 2.50
N PHE D 208 -11.96 27.50 2.46
CA PHE D 208 -12.27 26.69 1.29
C PHE D 208 -13.78 26.79 1.05
N ALA D 209 -14.57 26.67 2.12
CA ALA D 209 -16.02 26.78 2.03
C ALA D 209 -16.47 28.20 1.61
N ARG D 210 -15.82 29.23 2.14
CA ARG D 210 -16.12 30.61 1.74
C ARG D 210 -15.93 30.77 0.24
N PHE D 211 -14.80 30.27 -0.25
CA PHE D 211 -14.44 30.37 -1.66
C PHE D 211 -15.49 29.71 -2.55
N LEU D 212 -15.84 28.47 -2.22
CA LEU D 212 -16.83 27.70 -2.97
C LEU D 212 -18.18 28.41 -2.95
N HIS D 213 -18.51 29.00 -1.80
CA HIS D 213 -19.74 29.73 -1.65
C HIS D 213 -19.77 30.98 -2.56
N MET D 214 -18.66 31.71 -2.62
CA MET D 214 -18.55 32.87 -3.50
C MET D 214 -18.68 32.47 -4.96
N ALA D 215 -18.21 31.27 -5.29
CA ALA D 215 -18.29 30.76 -6.65
C ALA D 215 -19.73 30.45 -7.05
N VAL D 216 -20.53 29.86 -6.15
CA VAL D 216 -21.92 29.60 -6.52
C VAL D 216 -22.72 30.91 -6.61
N ASP D 217 -22.43 31.86 -5.72
CA ASP D 217 -23.08 33.17 -5.78
C ASP D 217 -22.81 33.82 -7.13
N TYR D 218 -21.55 33.81 -7.57
CA TYR D 218 -21.22 34.43 -8.84
C TYR D 218 -21.83 33.72 -10.05
N ALA D 219 -21.89 32.39 -10.01
CA ALA D 219 -22.50 31.62 -11.09
C ALA D 219 -23.97 32.03 -11.26
N LYS D 220 -24.70 32.15 -10.15
CA LYS D 220 -26.11 32.56 -10.20
C LYS D 220 -26.21 33.93 -10.82
N GLU D 221 -25.32 34.81 -10.39
CA GLU D 221 -25.33 36.18 -10.83
C GLU D 221 -25.20 36.34 -12.33
N ILE D 222 -24.31 35.57 -12.94
CA ILE D 222 -24.12 35.64 -14.39
C ILE D 222 -25.01 34.62 -15.11
N GLY D 223 -25.85 33.92 -14.36
CA GLY D 223 -26.73 32.95 -14.98
C GLY D 223 -26.04 31.76 -15.63
N PHE D 224 -24.93 31.29 -15.05
CA PHE D 224 -24.27 30.09 -15.56
C PHE D 224 -25.06 28.89 -15.07
N GLU D 225 -25.55 28.06 -15.98
CA GLU D 225 -26.39 26.94 -15.59
C GLU D 225 -25.73 25.56 -15.57
N GLY D 226 -24.43 25.49 -15.82
CA GLY D 226 -23.76 24.19 -15.81
C GLY D 226 -23.63 23.62 -14.41
N GLN D 227 -23.49 22.31 -14.30
CA GLN D 227 -23.35 21.64 -13.01
C GLN D 227 -21.97 21.88 -12.40
N PHE D 228 -21.92 22.28 -11.13
CA PHE D 228 -20.65 22.42 -10.40
C PHE D 228 -20.24 21.02 -9.93
N LEU D 229 -18.96 20.70 -10.10
CA LEU D 229 -18.42 19.39 -9.73
C LEU D 229 -17.13 19.53 -8.94
N ILE D 230 -17.01 18.75 -7.86
CA ILE D 230 -15.76 18.66 -7.11
C ILE D 230 -15.10 17.35 -7.55
N GLU D 231 -13.79 17.37 -7.78
CA GLU D 231 -13.09 16.15 -8.15
C GLU D 231 -12.16 15.68 -7.02
N PRO D 232 -12.53 14.55 -6.38
CA PRO D 232 -11.75 13.98 -5.27
C PRO D 232 -10.39 13.39 -5.70
N LYS D 233 -9.41 13.52 -4.81
CA LYS D 233 -8.12 12.85 -4.91
C LYS D 233 -7.58 12.86 -3.48
N PRO D 234 -7.03 11.74 -2.99
CA PRO D 234 -6.54 11.65 -1.61
C PRO D 234 -5.23 12.38 -1.30
N LYS D 235 -4.41 12.61 -2.32
CA LYS D 235 -3.08 13.18 -2.11
C LYS D 235 -2.41 13.39 -3.47
N GLU D 236 -1.17 13.88 -3.41
CA GLU D 236 -0.35 14.17 -4.59
C GLU D 236 -0.89 15.33 -5.43
N PRO D 237 -0.18 16.48 -5.45
CA PRO D 237 1.09 16.73 -4.76
C PRO D 237 1.10 16.87 -3.24
N THR D 238 -0.07 17.07 -2.62
CA THR D 238 -0.11 17.25 -1.17
C THR D 238 0.03 15.91 -0.45
N LYS D 239 0.32 15.96 0.85
CA LYS D 239 0.42 14.77 1.67
C LYS D 239 -1.01 14.30 2.00
N HIS D 240 -1.91 15.27 2.18
CA HIS D 240 -3.32 14.99 2.37
C HIS D 240 -4.11 16.06 1.62
N GLN D 241 -4.94 15.63 0.66
CA GLN D 241 -5.80 16.56 -0.06
C GLN D 241 -7.16 16.54 0.63
N TYR D 242 -7.72 17.72 0.90
CA TYR D 242 -8.97 17.82 1.63
C TYR D 242 -10.14 17.03 1.04
N ASP D 243 -10.27 17.07 -0.29
CA ASP D 243 -11.30 16.33 -1.01
C ASP D 243 -10.85 14.88 -1.19
N PHE D 244 -10.56 14.21 -0.08
CA PHE D 244 -9.93 12.90 -0.07
C PHE D 244 -10.62 11.84 -0.93
N ASP D 245 -11.94 11.75 -0.81
CA ASP D 245 -12.76 10.80 -1.56
C ASP D 245 -14.20 11.32 -1.56
N VAL D 246 -15.13 10.60 -2.16
CA VAL D 246 -16.51 11.08 -2.25
C VAL D 246 -17.11 11.36 -0.86
N ALA D 247 -16.94 10.43 0.08
CA ALA D 247 -17.47 10.62 1.44
C ALA D 247 -16.91 11.85 2.14
N ASN D 248 -15.60 12.07 2.04
CA ASN D 248 -14.97 13.27 2.60
C ASN D 248 -15.64 14.51 2.03
N VAL D 249 -15.83 14.54 0.72
CA VAL D 249 -16.44 15.70 0.08
C VAL D 249 -17.85 15.94 0.59
N LEU D 250 -18.65 14.88 0.69
CA LEU D 250 -20.01 14.97 1.20
C LEU D 250 -20.06 15.47 2.65
N ALA D 251 -19.11 15.01 3.48
CA ALA D 251 -19.03 15.46 4.88
C ALA D 251 -18.80 16.96 4.92
N PHE D 252 -17.93 17.42 4.04
CA PHE D 252 -17.60 18.83 3.91
C PHE D 252 -18.78 19.67 3.40
N LEU D 253 -19.36 19.26 2.27
CA LEU D 253 -20.47 19.99 1.67
C LEU D 253 -21.67 20.08 2.62
N ARG D 254 -21.97 19.00 3.34
CA ARG D 254 -23.10 19.00 4.27
C ARG D 254 -22.85 19.92 5.46
N LYS D 255 -21.63 19.92 5.99
CA LYS D 255 -21.31 20.79 7.11
C LYS D 255 -21.45 22.27 6.76
N TYR D 256 -20.95 22.66 5.59
CA TYR D 256 -20.99 24.06 5.20
C TYR D 256 -22.19 24.43 4.35
N ASP D 257 -23.17 23.54 4.29
CA ASP D 257 -24.40 23.82 3.60
C ASP D 257 -24.20 24.15 2.10
N LEU D 258 -23.34 23.38 1.45
CA LEU D 258 -23.02 23.56 0.03
C LEU D 258 -23.50 22.38 -0.79
N ASP D 259 -23.98 21.34 -0.10
CA ASP D 259 -24.39 20.10 -0.76
C ASP D 259 -25.47 20.18 -1.83
N LYS D 260 -26.28 21.24 -1.86
CA LYS D 260 -27.29 21.31 -2.88
C LYS D 260 -26.78 21.85 -4.22
N TYR D 261 -25.54 22.31 -4.25
CA TYR D 261 -24.97 22.89 -5.45
C TYR D 261 -23.96 22.02 -6.17
N PHE D 262 -23.38 21.06 -5.46
CA PHE D 262 -22.30 20.26 -6.02
C PHE D 262 -22.59 18.78 -6.24
N LYS D 263 -22.00 18.25 -7.31
CA LYS D 263 -21.94 16.81 -7.53
C LYS D 263 -20.44 16.51 -7.68
N VAL D 264 -20.09 15.25 -7.89
CA VAL D 264 -18.68 14.90 -8.02
C VAL D 264 -18.29 14.40 -9.40
N ASN D 265 -17.04 14.67 -9.75
CA ASN D 265 -16.40 14.15 -10.96
C ASN D 265 -15.46 13.08 -10.42
N ILE D 266 -15.77 11.82 -10.67
CA ILE D 266 -14.96 10.73 -10.14
C ILE D 266 -13.96 10.25 -11.18
N GLU D 267 -12.69 10.17 -10.76
CA GLU D 267 -11.63 9.66 -11.63
C GLU D 267 -11.17 8.32 -11.13
N ALA D 268 -11.11 7.32 -12.01
CA ALA D 268 -10.72 5.96 -11.60
C ALA D 268 -9.41 5.91 -10.83
N ASN D 269 -8.36 6.53 -11.36
CA ASN D 269 -7.05 6.50 -10.72
C ASN D 269 -7.09 7.15 -9.33
N HIS D 270 -7.92 8.18 -9.17
CA HIS D 270 -8.01 8.88 -7.89
C HIS D 270 -8.77 8.05 -6.84
N ALA D 271 -9.72 7.25 -7.30
CA ALA D 271 -10.47 6.37 -6.41
C ALA D 271 -9.56 5.29 -5.86
N THR D 272 -8.80 4.62 -6.73
CA THR D 272 -7.92 3.53 -6.28
C THR D 272 -6.75 4.02 -5.43
N LEU D 273 -6.34 5.26 -5.66
CA LEU D 273 -5.29 5.89 -4.86
C LEU D 273 -5.76 6.08 -3.41
N ALA D 274 -7.08 6.20 -3.21
CA ALA D 274 -7.67 6.30 -1.88
C ALA D 274 -8.05 4.92 -1.36
N PHE D 275 -7.70 3.87 -2.11
CA PHE D 275 -8.01 2.49 -1.74
C PHE D 275 -9.50 2.15 -1.77
N HIS D 276 -10.19 2.67 -2.77
CA HIS D 276 -11.57 2.32 -3.06
C HIS D 276 -11.53 1.79 -4.48
N ASP D 277 -12.34 0.78 -4.79
CA ASP D 277 -12.50 0.39 -6.19
C ASP D 277 -13.24 1.54 -6.89
N PHE D 278 -12.92 1.74 -8.17
CA PHE D 278 -13.60 2.74 -8.98
C PHE D 278 -15.12 2.57 -8.84
N GLN D 279 -15.58 1.32 -8.93
CA GLN D 279 -17.00 1.01 -8.84
C GLN D 279 -17.60 1.40 -7.49
N HIS D 280 -16.84 1.25 -6.40
CA HIS D 280 -17.34 1.59 -5.08
C HIS D 280 -17.68 3.08 -5.03
N GLU D 281 -16.74 3.88 -5.52
CA GLU D 281 -16.84 5.32 -5.52
C GLU D 281 -18.00 5.79 -6.42
N LEU D 282 -18.19 5.10 -7.55
CA LEU D 282 -19.31 5.37 -8.46
C LEU D 282 -20.64 5.03 -7.78
N ARG D 283 -20.70 3.88 -7.16
CA ARG D 283 -21.91 3.43 -6.48
C ARG D 283 -22.29 4.36 -5.33
N TYR D 284 -21.32 4.70 -4.49
CA TYR D 284 -21.54 5.56 -3.34
C TYR D 284 -22.06 6.94 -3.78
N ALA D 285 -21.48 7.48 -4.85
CA ALA D 285 -21.92 8.77 -5.40
C ALA D 285 -23.36 8.66 -5.91
N ARG D 286 -23.66 7.58 -6.63
CA ARG D 286 -24.98 7.31 -7.18
C ARG D 286 -26.08 7.33 -6.12
N ILE D 287 -25.97 6.46 -5.11
CA ILE D 287 -27.00 6.41 -4.07
C ILE D 287 -27.10 7.73 -3.29
N ASN D 288 -26.10 8.61 -3.41
CA ASN D 288 -26.18 9.91 -2.75
C ASN D 288 -26.59 11.01 -3.71
N GLY D 289 -26.95 10.62 -4.92
CA GLY D 289 -27.37 11.57 -5.93
C GLY D 289 -26.30 12.52 -6.41
N VAL D 290 -25.02 12.16 -6.28
CA VAL D 290 -23.94 13.05 -6.68
C VAL D 290 -22.99 12.53 -7.76
N LEU D 291 -23.35 11.45 -8.44
CA LEU D 291 -22.53 10.99 -9.56
C LEU D 291 -22.74 11.95 -10.72
N GLY D 292 -21.84 12.91 -10.88
CA GLY D 292 -22.03 13.93 -11.90
C GLY D 292 -21.38 13.66 -13.24
N SER D 293 -20.11 13.27 -13.23
CA SER D 293 -19.36 13.01 -14.44
C SER D 293 -18.22 12.07 -14.08
N ILE D 294 -17.52 11.57 -15.10
CA ILE D 294 -16.44 10.60 -14.91
C ILE D 294 -15.20 10.98 -15.70
N ASP D 295 -14.03 10.84 -15.07
CA ASP D 295 -12.76 10.95 -15.76
C ASP D 295 -12.33 9.51 -16.04
N ALA D 296 -12.45 9.11 -17.29
CA ALA D 296 -12.21 7.74 -17.71
C ALA D 296 -10.72 7.45 -17.88
N ASN D 297 -10.16 6.70 -16.94
CA ASN D 297 -8.77 6.27 -17.04
C ASN D 297 -8.54 5.10 -16.12
N THR D 298 -7.27 4.76 -15.93
CA THR D 298 -6.93 3.76 -14.95
C THR D 298 -5.57 4.10 -14.37
N GLY D 299 -5.38 3.69 -13.12
CA GLY D 299 -4.06 3.74 -12.53
C GLY D 299 -3.53 2.32 -12.51
N ASP D 300 -2.43 2.13 -11.82
CA ASP D 300 -1.86 0.81 -11.61
C ASP D 300 -1.93 0.64 -10.10
N MET D 301 -2.64 -0.37 -9.64
CA MET D 301 -2.81 -0.57 -8.21
C MET D 301 -1.55 -0.95 -7.44
N LEU D 302 -0.46 -1.21 -8.15
CA LEU D 302 0.80 -1.49 -7.49
C LEU D 302 1.69 -0.24 -7.45
N LEU D 303 1.24 0.84 -8.09
CA LEU D 303 2.00 2.07 -8.13
C LEU D 303 1.25 3.14 -7.34
N GLY D 304 1.93 3.76 -6.37
CA GLY D 304 1.27 4.69 -5.48
C GLY D 304 1.20 6.14 -5.92
N TRP D 305 1.19 6.37 -7.22
CA TRP D 305 1.06 7.72 -7.76
C TRP D 305 0.08 7.68 -8.93
N ASP D 306 -0.39 8.86 -9.31
CA ASP D 306 -1.35 9.03 -10.39
C ASP D 306 -0.64 8.76 -11.73
N THR D 307 -1.01 7.68 -12.41
CA THR D 307 -0.42 7.37 -13.71
C THR D 307 -1.24 7.87 -14.90
N ASP D 308 -2.54 8.02 -14.71
CA ASP D 308 -3.45 8.51 -15.76
C ASP D 308 -3.32 7.72 -17.07
N GLN D 309 -3.42 6.41 -16.99
CA GLN D 309 -3.31 5.57 -18.18
C GLN D 309 -4.65 5.47 -18.90
N PHE D 310 -4.61 5.22 -20.21
CA PHE D 310 -5.84 4.97 -20.95
C PHE D 310 -6.43 3.66 -20.43
N PRO D 311 -7.75 3.63 -20.19
CA PRO D 311 -8.40 2.42 -19.66
C PRO D 311 -8.54 1.32 -20.70
N THR D 312 -8.02 0.14 -20.40
CA THR D 312 -8.14 -0.98 -21.33
C THR D 312 -8.69 -2.25 -20.66
N ASP D 313 -9.03 -2.15 -19.38
CA ASP D 313 -9.58 -3.30 -18.67
C ASP D 313 -11.12 -3.29 -18.84
N ILE D 314 -11.60 -4.15 -19.72
CA ILE D 314 -13.01 -4.18 -20.04
C ILE D 314 -13.90 -4.74 -18.93
N ARG D 315 -13.33 -5.50 -17.99
CA ARG D 315 -14.08 -5.96 -16.84
C ARG D 315 -14.37 -4.74 -15.95
N MET D 316 -13.41 -3.82 -15.85
CA MET D 316 -13.60 -2.62 -15.05
C MET D 316 -14.55 -1.61 -15.71
N THR D 317 -14.43 -1.45 -17.03
CA THR D 317 -15.32 -0.53 -17.74
C THR D 317 -16.77 -1.01 -17.67
N THR D 318 -16.96 -2.33 -17.68
CA THR D 318 -18.29 -2.91 -17.52
C THR D 318 -18.89 -2.55 -16.16
N LEU D 319 -18.15 -2.83 -15.09
CA LEU D 319 -18.60 -2.52 -13.74
C LEU D 319 -18.84 -1.02 -13.54
N ALA D 320 -18.08 -0.19 -14.24
CA ALA D 320 -18.26 1.25 -14.15
C ALA D 320 -19.54 1.66 -14.87
N MET D 321 -19.72 1.20 -16.10
CA MET D 321 -20.89 1.56 -16.88
C MET D 321 -22.17 0.98 -16.29
N TYR D 322 -22.06 -0.12 -15.56
CA TYR D 322 -23.21 -0.68 -14.87
C TYR D 322 -23.80 0.39 -13.94
N GLU D 323 -22.95 1.11 -13.23
CA GLU D 323 -23.39 2.14 -12.31
C GLU D 323 -24.04 3.31 -13.05
N VAL D 324 -23.45 3.72 -14.17
CA VAL D 324 -24.00 4.83 -14.94
C VAL D 324 -25.38 4.49 -15.52
N ILE D 325 -25.55 3.25 -15.97
CA ILE D 325 -26.82 2.84 -16.53
C ILE D 325 -27.87 2.75 -15.44
N LYS D 326 -27.47 2.28 -14.27
CA LYS D 326 -28.38 2.17 -13.14
C LYS D 326 -28.95 3.51 -12.70
N MET D 327 -28.22 4.60 -12.89
CA MET D 327 -28.78 5.90 -12.52
C MET D 327 -29.56 6.52 -13.66
N GLY D 328 -29.68 5.80 -14.77
CA GLY D 328 -30.42 6.34 -15.90
C GLY D 328 -29.55 7.00 -16.96
N GLY D 329 -28.24 6.77 -16.91
CA GLY D 329 -27.34 7.36 -17.90
C GLY D 329 -26.86 8.74 -17.52
N PHE D 330 -25.97 9.31 -18.31
CA PHE D 330 -25.45 10.64 -18.05
C PHE D 330 -26.53 11.67 -18.25
N ASP D 331 -26.38 12.78 -17.56
CA ASP D 331 -27.28 13.92 -17.66
C ASP D 331 -26.42 14.97 -18.36
N LYS D 332 -25.63 15.71 -17.60
CA LYS D 332 -24.73 16.70 -18.17
C LYS D 332 -23.28 16.21 -18.22
N GLY D 333 -22.99 15.14 -17.47
CA GLY D 333 -21.65 14.61 -17.43
C GLY D 333 -21.31 13.75 -18.64
N GLY D 334 -20.13 13.16 -18.61
CA GLY D 334 -19.69 12.32 -19.71
C GLY D 334 -18.45 11.54 -19.32
N LEU D 335 -17.80 10.93 -20.31
CA LEU D 335 -16.58 10.17 -20.08
C LEU D 335 -15.40 10.98 -20.62
N ASN D 336 -14.77 11.75 -19.74
CA ASN D 336 -13.62 12.58 -20.11
C ASN D 336 -12.33 11.78 -19.95
N PHE D 337 -11.58 11.63 -21.04
CA PHE D 337 -10.32 10.90 -20.98
C PHE D 337 -9.18 11.68 -20.34
N ASP D 338 -9.17 11.69 -19.02
CA ASP D 338 -8.08 12.29 -18.27
C ASP D 338 -6.97 11.25 -18.22
N ALA D 339 -6.36 11.03 -19.39
CA ALA D 339 -5.37 9.99 -19.56
C ALA D 339 -4.33 10.53 -20.52
N LYS D 340 -3.09 10.07 -20.38
CA LYS D 340 -2.02 10.52 -21.25
C LYS D 340 -1.27 9.31 -21.78
N VAL D 341 -0.67 9.45 -22.95
CA VAL D 341 0.16 8.39 -23.52
C VAL D 341 1.40 8.21 -22.62
N ARG D 342 1.90 6.98 -22.54
CA ARG D 342 3.12 6.69 -21.76
C ARG D 342 4.27 7.51 -22.32
N ARG D 343 5.26 7.81 -21.48
CA ARG D 343 6.43 8.58 -21.90
C ARG D 343 7.12 7.93 -23.11
N ALA D 344 7.03 6.61 -23.22
CA ALA D 344 7.63 5.85 -24.32
C ALA D 344 6.79 5.83 -25.60
N SER D 345 5.54 6.30 -25.51
CA SER D 345 4.63 6.38 -26.65
C SER D 345 4.62 7.84 -27.10
N PHE D 346 5.73 8.27 -27.68
CA PHE D 346 5.95 9.69 -27.99
C PHE D 346 5.70 10.14 -29.42
N GLU D 347 5.28 9.23 -30.29
CA GLU D 347 5.00 9.61 -31.67
C GLU D 347 3.56 10.12 -31.75
N PRO D 348 3.31 11.12 -32.61
CA PRO D 348 1.98 11.76 -32.78
C PRO D 348 0.82 10.77 -32.85
N GLU D 349 0.96 9.72 -33.66
CA GLU D 349 -0.13 8.78 -33.83
C GLU D 349 -0.48 7.98 -32.59
N ASP D 350 0.41 7.96 -31.60
CA ASP D 350 0.12 7.30 -30.34
C ASP D 350 -1.06 7.99 -29.65
N LEU D 351 -1.25 9.30 -29.90
CA LEU D 351 -2.40 10.02 -29.36
C LEU D 351 -3.68 9.34 -29.83
N PHE D 352 -3.69 8.94 -31.10
CA PHE D 352 -4.85 8.27 -31.67
C PHE D 352 -5.01 6.87 -31.11
N LEU D 353 -3.90 6.13 -31.03
CA LEU D 353 -3.92 4.75 -30.55
C LEU D 353 -4.36 4.68 -29.09
N GLY D 354 -3.94 5.64 -28.28
CA GLY D 354 -4.36 5.68 -26.90
C GLY D 354 -5.86 5.85 -26.76
N HIS D 355 -6.40 6.85 -27.46
CA HIS D 355 -7.84 7.12 -27.40
C HIS D 355 -8.70 5.99 -27.97
N ILE D 356 -8.25 5.38 -29.06
CA ILE D 356 -8.98 4.24 -29.64
C ILE D 356 -9.07 3.12 -28.61
N ALA D 357 -7.96 2.85 -27.91
CA ALA D 357 -7.93 1.81 -26.88
C ALA D 357 -8.97 2.06 -25.79
N GLY D 358 -9.00 3.30 -25.29
CA GLY D 358 -9.94 3.68 -24.24
C GLY D 358 -11.40 3.75 -24.67
N MET D 359 -11.65 4.29 -25.85
CA MET D 359 -13.01 4.37 -26.39
C MET D 359 -13.59 3.01 -26.68
N ASP D 360 -12.78 2.11 -27.24
CA ASP D 360 -13.22 0.74 -27.48
C ASP D 360 -13.51 0.01 -26.18
N ALA D 361 -12.64 0.17 -25.18
CA ALA D 361 -12.83 -0.50 -23.89
C ALA D 361 -14.13 -0.03 -23.21
N PHE D 362 -14.41 1.27 -23.27
CA PHE D 362 -15.64 1.76 -22.67
C PHE D 362 -16.89 1.39 -23.47
N ALA D 363 -16.80 1.39 -24.79
CA ALA D 363 -17.93 1.01 -25.64
C ALA D 363 -18.31 -0.45 -25.36
N LYS D 364 -17.32 -1.32 -25.31
CA LYS D 364 -17.56 -2.74 -25.04
C LYS D 364 -18.16 -2.93 -23.65
N GLY D 365 -17.60 -2.26 -22.66
CA GLY D 365 -18.11 -2.34 -21.30
C GLY D 365 -19.55 -1.84 -21.19
N PHE D 366 -19.88 -0.78 -21.93
CA PHE D 366 -21.24 -0.27 -21.94
C PHE D 366 -22.21 -1.34 -22.45
N LYS D 367 -21.87 -1.96 -23.58
CA LYS D 367 -22.73 -2.99 -24.15
C LYS D 367 -22.97 -4.17 -23.25
N VAL D 368 -21.94 -4.59 -22.51
CA VAL D 368 -22.10 -5.71 -21.57
C VAL D 368 -22.90 -5.28 -20.36
N ALA D 369 -22.56 -4.11 -19.80
CA ALA D 369 -23.26 -3.61 -18.61
C ALA D 369 -24.75 -3.49 -18.92
N TYR D 370 -25.04 -3.02 -20.13
CA TYR D 370 -26.40 -2.83 -20.57
C TYR D 370 -27.20 -4.15 -20.56
N LYS D 371 -26.60 -5.24 -21.01
CA LYS D 371 -27.24 -6.57 -20.94
C LYS D 371 -27.39 -7.03 -19.48
N LEU D 372 -26.40 -6.73 -18.64
CA LEU D 372 -26.48 -7.09 -17.23
C LEU D 372 -27.67 -6.39 -16.55
N VAL D 373 -27.88 -5.13 -16.88
CA VAL D 373 -29.00 -4.40 -16.31
C VAL D 373 -30.33 -4.88 -16.92
N LYS D 374 -30.40 -4.97 -18.24
CA LYS D 374 -31.62 -5.40 -18.92
C LYS D 374 -32.10 -6.78 -18.46
N ASP D 375 -31.19 -7.74 -18.32
CA ASP D 375 -31.57 -9.09 -17.86
C ASP D 375 -31.76 -9.18 -16.36
N ARG D 376 -31.50 -8.08 -15.64
CA ARG D 376 -31.64 -8.02 -14.18
C ARG D 376 -30.88 -9.14 -13.48
N VAL D 377 -29.72 -9.48 -14.02
CA VAL D 377 -28.91 -10.60 -13.50
C VAL D 377 -28.58 -10.48 -12.02
N PHE D 378 -28.06 -9.33 -11.60
CA PHE D 378 -27.69 -9.13 -10.21
C PHE D 378 -28.90 -8.69 -9.38
N ASP D 379 -29.80 -7.93 -10.00
CA ASP D 379 -30.99 -7.45 -9.32
C ASP D 379 -31.95 -8.54 -8.82
N LYS D 380 -32.15 -9.59 -9.61
CA LYS D 380 -32.99 -10.72 -9.19
C LYS D 380 -32.44 -11.31 -7.92
N PHE D 381 -31.13 -11.55 -7.89
CA PHE D 381 -30.51 -12.16 -6.73
C PHE D 381 -30.61 -11.26 -5.52
N ILE D 382 -30.40 -9.96 -5.72
CA ILE D 382 -30.50 -9.00 -4.63
C ILE D 382 -31.93 -8.96 -4.05
N GLU D 383 -32.95 -9.04 -4.90
CA GLU D 383 -34.33 -9.09 -4.46
C GLU D 383 -34.59 -10.30 -3.57
N GLU D 384 -34.15 -11.47 -4.03
CA GLU D 384 -34.35 -12.70 -3.27
C GLU D 384 -33.54 -12.66 -1.96
N ARG D 385 -32.36 -12.09 -2.04
CA ARG D 385 -31.43 -12.01 -0.91
C ARG D 385 -31.98 -11.22 0.28
N TYR D 386 -32.63 -10.09 0.01
CA TYR D 386 -33.17 -9.22 1.06
C TYR D 386 -34.68 -9.38 1.26
N ALA D 387 -35.26 -10.47 0.76
CA ALA D 387 -36.70 -10.65 0.79
C ALA D 387 -37.34 -10.68 2.18
N SER D 388 -36.55 -10.97 3.22
CA SER D 388 -37.10 -11.05 4.57
C SER D 388 -37.61 -9.71 5.08
N TYR D 389 -37.23 -8.63 4.39
CA TYR D 389 -37.70 -7.30 4.77
C TYR D 389 -39.02 -6.93 4.09
N LYS D 390 -39.58 -7.84 3.28
CA LYS D 390 -40.82 -7.57 2.58
C LYS D 390 -42.06 -7.84 3.45
N ASP D 391 -41.92 -8.64 4.48
CA ASP D 391 -43.03 -8.91 5.39
C ASP D 391 -42.53 -9.29 6.79
N GLY D 392 -43.43 -9.67 7.67
CA GLY D 392 -43.05 -10.06 9.02
C GLY D 392 -42.30 -8.97 9.75
N ILE D 393 -41.40 -9.38 10.64
CA ILE D 393 -40.63 -8.45 11.43
C ILE D 393 -39.82 -7.47 10.56
N GLY D 394 -39.35 -7.93 9.40
CA GLY D 394 -38.59 -7.08 8.52
C GLY D 394 -39.37 -5.89 8.02
N ALA D 395 -40.64 -6.13 7.69
CA ALA D 395 -41.53 -5.06 7.23
C ALA D 395 -41.75 -4.06 8.36
N ASP D 396 -41.88 -4.56 9.58
CA ASP D 396 -42.03 -3.68 10.73
C ASP D 396 -40.81 -2.81 10.94
N ILE D 397 -39.63 -3.38 10.71
CA ILE D 397 -38.37 -2.65 10.83
C ILE D 397 -38.30 -1.51 9.80
N VAL D 398 -38.57 -1.79 8.53
CA VAL D 398 -38.47 -0.74 7.52
C VAL D 398 -39.57 0.31 7.64
N SER D 399 -40.73 -0.05 8.16
CA SER D 399 -41.84 0.90 8.25
C SER D 399 -41.81 1.80 9.48
N GLY D 400 -40.88 1.54 10.40
CA GLY D 400 -40.78 2.40 11.56
C GLY D 400 -41.63 1.93 12.74
N LYS D 401 -42.21 0.74 12.62
CA LYS D 401 -43.05 0.21 13.70
C LYS D 401 -42.26 -0.49 14.79
N ALA D 402 -41.13 -1.09 14.45
CA ALA D 402 -40.35 -1.84 15.43
C ALA D 402 -39.42 -0.92 16.23
N ASP D 403 -39.07 -1.36 17.45
CA ASP D 403 -38.10 -0.66 18.29
C ASP D 403 -37.36 -1.71 19.11
N PHE D 404 -36.42 -1.29 19.95
CA PHE D 404 -35.63 -2.28 20.71
C PHE D 404 -36.46 -3.23 21.55
N ARG D 405 -37.53 -2.73 22.19
CA ARG D 405 -38.38 -3.60 23.01
C ARG D 405 -39.13 -4.65 22.22
N SER D 406 -39.78 -4.24 21.12
CA SER D 406 -40.52 -5.20 20.32
C SER D 406 -39.59 -6.22 19.65
N LEU D 407 -38.43 -5.74 19.16
CA LEU D 407 -37.46 -6.63 18.53
C LEU D 407 -36.89 -7.63 19.53
N GLU D 408 -36.68 -7.21 20.77
CA GLU D 408 -36.21 -8.14 21.80
C GLU D 408 -37.26 -9.23 22.06
N LYS D 409 -38.53 -8.85 22.11
CA LYS D 409 -39.63 -9.79 22.30
C LYS D 409 -39.59 -10.85 21.20
N TYR D 410 -39.41 -10.37 19.98
CA TYR D 410 -39.30 -11.24 18.82
C TYR D 410 -38.08 -12.16 18.93
N ALA D 411 -36.91 -11.58 19.20
CA ALA D 411 -35.64 -12.31 19.23
C ALA D 411 -35.56 -13.40 20.30
N LEU D 412 -36.13 -13.16 21.48
CA LEU D 412 -36.15 -14.18 22.55
C LEU D 412 -36.96 -15.41 22.14
N GLU D 413 -37.94 -15.19 21.27
CA GLU D 413 -38.84 -16.25 20.83
C GLU D 413 -38.37 -17.07 19.64
N ARG D 414 -37.34 -16.60 18.93
CA ARG D 414 -36.77 -17.36 17.82
C ARG D 414 -35.55 -18.13 18.32
N SER D 415 -35.39 -19.38 17.89
CA SER D 415 -34.27 -20.20 18.37
C SER D 415 -33.19 -20.37 17.30
N GLN D 416 -33.62 -20.49 16.05
CA GLN D 416 -32.66 -20.70 14.99
C GLN D 416 -32.74 -19.57 13.98
N ILE D 417 -31.56 -19.01 13.68
CA ILE D 417 -31.42 -18.03 12.61
C ILE D 417 -30.71 -18.78 11.50
N VAL D 418 -31.34 -18.85 10.33
CA VAL D 418 -30.77 -19.56 9.20
C VAL D 418 -30.41 -18.57 8.10
N ASN D 419 -29.13 -18.49 7.75
CA ASN D 419 -28.70 -17.65 6.65
C ASN D 419 -28.49 -18.45 5.39
N LYS D 420 -28.40 -17.76 4.25
CA LYS D 420 -28.14 -18.42 2.98
C LYS D 420 -26.90 -17.83 2.34
N SER D 421 -26.31 -18.59 1.42
CA SER D 421 -25.07 -18.21 0.75
C SER D 421 -25.13 -16.88 0.02
N GLY D 422 -24.02 -16.15 0.04
CA GLY D 422 -23.92 -14.90 -0.68
C GLY D 422 -23.61 -15.11 -2.15
N ARG D 423 -23.16 -16.32 -2.51
CA ARG D 423 -22.92 -16.70 -3.91
C ARG D 423 -21.94 -15.84 -4.69
N GLN D 424 -20.95 -15.25 -4.03
CA GLN D 424 -20.01 -14.39 -4.73
C GLN D 424 -19.37 -15.05 -5.96
N GLU D 425 -18.87 -16.28 -5.79
CA GLU D 425 -18.18 -17.00 -6.87
C GLU D 425 -19.10 -17.24 -8.07
N LEU D 426 -20.34 -17.62 -7.79
CA LEU D 426 -21.35 -17.81 -8.84
C LEU D 426 -21.59 -16.49 -9.57
N LEU D 427 -21.78 -15.42 -8.80
CA LEU D 427 -22.02 -14.10 -9.39
C LEU D 427 -20.87 -13.68 -10.30
N GLU D 428 -19.64 -13.92 -9.86
CA GLU D 428 -18.48 -13.58 -10.69
C GLU D 428 -18.36 -14.41 -11.97
N SER D 429 -18.74 -15.68 -11.92
CA SER D 429 -18.68 -16.49 -13.14
C SER D 429 -19.76 -16.10 -14.14
N ILE D 430 -20.93 -15.67 -13.65
CA ILE D 430 -21.99 -15.19 -14.53
C ILE D 430 -21.54 -13.90 -15.22
N LEU D 431 -20.83 -13.05 -14.49
CA LEU D 431 -20.27 -11.83 -15.07
C LEU D 431 -19.39 -12.21 -16.27
N ASN D 432 -18.61 -13.28 -16.14
CA ASN D 432 -17.74 -13.73 -17.22
C ASN D 432 -18.50 -14.24 -18.43
N GLN D 433 -19.60 -14.96 -18.19
CA GLN D 433 -20.45 -15.41 -19.29
C GLN D 433 -20.92 -14.21 -20.09
N TYR D 434 -21.36 -13.16 -19.41
CA TYR D 434 -21.80 -11.97 -20.11
C TYR D 434 -20.66 -11.23 -20.80
N LEU D 435 -19.52 -11.15 -20.14
CA LEU D 435 -18.35 -10.47 -20.72
C LEU D 435 -17.92 -11.11 -22.02
N PHE D 436 -17.92 -12.44 -22.06
CA PHE D 436 -17.43 -13.16 -23.22
C PHE D 436 -18.54 -13.77 -24.08
N ALA D 437 -19.76 -13.22 -23.97
CA ALA D 437 -20.92 -13.71 -24.73
C ALA D 437 -20.73 -13.56 -26.24
CO CO E . 0.01 -21.56 -1.67
CO CO F . -2.31 -17.46 -0.18
CO CO G . 19.75 7.93 -3.74
CO CO H . 14.91 8.76 -3.26
CO CO I . -10.66 -0.71 18.79
CO CO J . -7.35 -2.78 15.74
CO CO K . -9.10 14.34 -13.38
CO CO L . -5.23 11.47 -12.30
#